data_2EDN
#
_entry.id   2EDN
#
_entity_poly.entity_id   1
_entity_poly.type   'polypeptide(L)'
_entity_poly.pdbx_seq_one_letter_code
;GSSGSSGAEEPTGVFLKKPDSVSVETGKDAVVVAKVNGKELPDKPTIKWFKGKWLELGSKSGARFSFKESHNSASNVYTV
ELHIGKVVLGDRGYYRLEVKAKDTCDSCGFNIDVEAPR
;
_entity_poly.pdbx_strand_id   A
#
# COMPACT_ATOMS: atom_id res chain seq x y z
N GLY A 1 28.23 -16.79 4.13
CA GLY A 1 28.94 -15.69 3.51
C GLY A 1 28.95 -14.44 4.38
N SER A 2 29.39 -13.32 3.82
CA SER A 2 29.46 -12.07 4.55
C SER A 2 28.36 -11.11 4.09
N SER A 3 28.00 -10.17 4.95
CA SER A 3 26.97 -9.19 4.63
C SER A 3 27.29 -7.84 5.26
N GLY A 4 26.49 -6.83 4.92
CA GLY A 4 26.69 -5.50 5.46
C GLY A 4 25.89 -5.25 6.72
N SER A 5 25.42 -4.02 6.89
CA SER A 5 24.64 -3.64 8.06
C SER A 5 23.92 -2.32 7.84
N SER A 6 23.04 -1.96 8.76
CA SER A 6 22.28 -0.72 8.67
C SER A 6 21.87 -0.23 10.06
N GLY A 7 21.45 1.03 10.12
CA GLY A 7 21.04 1.60 11.39
C GLY A 7 20.40 2.97 11.24
N ALA A 8 19.28 3.20 11.91
CA ALA A 8 18.59 4.47 11.83
C ALA A 8 17.54 4.58 12.94
N GLU A 9 16.96 5.77 13.08
CA GLU A 9 15.96 6.01 14.10
C GLU A 9 14.55 5.75 13.55
N GLU A 10 13.79 4.93 14.26
CA GLU A 10 12.43 4.60 13.85
C GLU A 10 11.76 5.80 13.18
N PRO A 11 10.93 5.51 12.16
CA PRO A 11 10.21 6.56 11.42
C PRO A 11 9.11 7.20 12.25
N THR A 12 9.05 8.53 12.21
CA THR A 12 8.04 9.27 12.97
C THR A 12 6.72 9.33 12.20
N GLY A 13 6.30 8.19 11.66
CA GLY A 13 5.06 8.13 10.92
C GLY A 13 4.29 6.84 11.16
N VAL A 14 2.99 6.88 10.96
CA VAL A 14 2.14 5.70 11.16
C VAL A 14 2.46 4.62 10.13
N PHE A 15 2.72 5.04 8.90
CA PHE A 15 3.04 4.11 7.83
C PHE A 15 4.45 3.55 8.00
N LEU A 16 4.56 2.46 8.74
CA LEU A 16 5.86 1.83 8.99
C LEU A 16 6.53 1.44 7.67
N LYS A 17 5.71 1.10 6.68
CA LYS A 17 6.22 0.71 5.37
C LYS A 17 5.41 1.36 4.25
N LYS A 18 6.10 2.00 3.31
CA LYS A 18 5.44 2.66 2.20
C LYS A 18 5.57 1.82 0.92
N PRO A 19 4.50 1.82 0.11
CA PRO A 19 4.47 1.08 -1.15
C PRO A 19 5.41 1.66 -2.20
N ASP A 20 6.62 1.13 -2.25
CA ASP A 20 7.62 1.60 -3.22
C ASP A 20 7.19 1.26 -4.64
N SER A 21 7.29 2.24 -5.54
CA SER A 21 6.91 2.04 -6.93
C SER A 21 7.48 0.73 -7.47
N VAL A 22 6.61 -0.10 -8.05
CA VAL A 22 7.03 -1.37 -8.59
C VAL A 22 6.87 -1.39 -10.12
N SER A 23 7.96 -1.68 -10.81
CA SER A 23 7.95 -1.72 -12.27
C SER A 23 7.73 -3.16 -12.77
N VAL A 24 6.55 -3.40 -13.34
CA VAL A 24 6.22 -4.72 -13.86
C VAL A 24 6.07 -4.70 -15.37
N GLU A 25 6.02 -5.89 -15.98
CA GLU A 25 5.87 -5.99 -17.42
C GLU A 25 4.46 -6.42 -17.80
N THR A 26 3.96 -5.88 -18.91
CA THR A 26 2.61 -6.20 -19.38
C THR A 26 2.39 -7.71 -19.39
N GLY A 27 1.20 -8.12 -18.93
CA GLY A 27 0.87 -9.53 -18.89
C GLY A 27 1.37 -10.21 -17.63
N LYS A 28 2.11 -9.47 -16.83
CA LYS A 28 2.67 -10.00 -15.58
C LYS A 28 1.76 -9.68 -14.40
N ASP A 29 2.17 -10.11 -13.21
CA ASP A 29 1.39 -9.86 -12.01
C ASP A 29 2.14 -8.92 -11.07
N ALA A 30 1.52 -7.79 -10.75
CA ALA A 30 2.12 -6.80 -9.87
C ALA A 30 1.81 -7.12 -8.40
N VAL A 31 2.67 -6.65 -7.50
CA VAL A 31 2.48 -6.87 -6.08
C VAL A 31 3.09 -5.75 -5.26
N VAL A 32 2.29 -5.17 -4.37
CA VAL A 32 2.75 -4.08 -3.52
C VAL A 32 2.77 -4.49 -2.05
N VAL A 33 3.74 -3.98 -1.31
CA VAL A 33 3.86 -4.29 0.12
C VAL A 33 3.86 -3.03 0.96
N ALA A 34 3.03 -3.02 2.00
CA ALA A 34 2.93 -1.88 2.89
C ALA A 34 2.43 -2.29 4.27
N LYS A 35 2.83 -1.54 5.29
CA LYS A 35 2.43 -1.82 6.66
C LYS A 35 1.85 -0.58 7.33
N VAL A 36 1.13 -0.79 8.43
CA VAL A 36 0.52 0.30 9.17
C VAL A 36 0.61 0.07 10.67
N ASN A 37 1.20 1.03 11.38
CA ASN A 37 1.35 0.93 12.83
C ASN A 37 0.02 1.20 13.53
N GLY A 38 -0.63 0.14 13.98
CA GLY A 38 -1.90 0.27 14.67
C GLY A 38 -1.76 0.97 16.01
N LYS A 39 -0.73 0.60 16.76
CA LYS A 39 -0.49 1.21 18.07
C LYS A 39 -0.62 2.72 18.01
N GLU A 40 0.12 3.33 17.08
CA GLU A 40 0.09 4.78 16.90
C GLU A 40 -1.33 5.27 16.63
N LEU A 41 -2.12 4.44 15.95
CA LEU A 41 -3.49 4.79 15.63
C LEU A 41 -4.43 4.48 16.80
N PRO A 42 -5.43 5.35 17.00
CA PRO A 42 -6.41 5.19 18.09
C PRO A 42 -7.34 4.02 17.85
N ASP A 43 -7.85 3.91 16.62
CA ASP A 43 -8.77 2.84 16.27
C ASP A 43 -8.29 2.13 15.00
N LYS A 44 -9.02 1.08 14.61
CA LYS A 44 -8.68 0.32 13.41
C LYS A 44 -8.70 1.20 12.18
N PRO A 45 -7.56 1.27 11.48
CA PRO A 45 -7.42 2.08 10.27
C PRO A 45 -8.22 1.52 9.10
N THR A 46 -8.49 2.36 8.11
CA THR A 46 -9.24 1.94 6.93
C THR A 46 -8.35 1.86 5.70
N ILE A 47 -8.16 0.65 5.20
CA ILE A 47 -7.32 0.43 4.02
C ILE A 47 -8.15 0.48 2.75
N LYS A 48 -7.85 1.43 1.88
CA LYS A 48 -8.55 1.58 0.61
C LYS A 48 -7.59 1.89 -0.52
N TRP A 49 -7.67 1.10 -1.58
CA TRP A 49 -6.79 1.29 -2.74
C TRP A 49 -7.53 2.06 -3.85
N PHE A 50 -6.93 3.15 -4.28
CA PHE A 50 -7.53 3.97 -5.34
C PHE A 50 -6.61 4.05 -6.56
N LYS A 51 -7.18 4.36 -7.71
CA LYS A 51 -6.42 4.46 -8.94
C LYS A 51 -6.55 5.85 -9.55
N GLY A 52 -5.42 6.54 -9.71
CA GLY A 52 -5.44 7.88 -10.28
C GLY A 52 -6.68 8.65 -9.90
N LYS A 53 -7.63 8.74 -10.82
CA LYS A 53 -8.88 9.46 -10.58
C LYS A 53 -9.60 8.90 -9.36
N TRP A 54 -10.81 9.39 -9.12
CA TRP A 54 -11.61 8.93 -7.98
C TRP A 54 -12.23 7.57 -8.26
N LEU A 55 -11.40 6.65 -8.77
CA LEU A 55 -11.85 5.30 -9.07
C LEU A 55 -12.02 4.48 -7.80
N GLU A 56 -12.34 3.20 -7.96
CA GLU A 56 -12.52 2.30 -6.83
C GLU A 56 -12.11 0.88 -7.20
N LEU A 57 -11.07 0.38 -6.53
CA LEU A 57 -10.57 -0.97 -6.79
C LEU A 57 -11.26 -1.98 -5.87
N GLY A 58 -11.09 -3.26 -6.19
CA GLY A 58 -11.69 -4.31 -5.38
C GLY A 58 -13.21 -4.22 -5.35
N SER A 59 -13.83 -4.36 -6.52
CA SER A 59 -15.28 -4.28 -6.63
C SER A 59 -15.93 -5.52 -6.03
N LYS A 60 -15.42 -6.69 -6.40
CA LYS A 60 -15.95 -7.95 -5.90
C LYS A 60 -14.83 -8.86 -5.42
N SER A 61 -15.17 -9.82 -4.57
CA SER A 61 -14.19 -10.75 -4.03
C SER A 61 -13.94 -11.89 -5.01
N GLY A 62 -13.45 -11.55 -6.19
CA GLY A 62 -13.16 -12.54 -7.20
C GLY A 62 -12.66 -11.94 -8.50
N ALA A 63 -11.77 -10.96 -8.38
CA ALA A 63 -11.21 -10.29 -9.55
C ALA A 63 -9.69 -10.22 -9.47
N ARG A 64 -9.05 -10.05 -10.62
CA ARG A 64 -7.59 -9.96 -10.67
C ARG A 64 -7.05 -9.18 -9.47
N PHE A 65 -7.79 -8.16 -9.05
CA PHE A 65 -7.38 -7.33 -7.92
C PHE A 65 -7.56 -8.09 -6.61
N SER A 66 -6.45 -8.44 -5.98
CA SER A 66 -6.49 -9.16 -4.71
C SER A 66 -5.93 -8.30 -3.58
N PHE A 67 -6.39 -8.57 -2.36
CA PHE A 67 -5.94 -7.82 -1.19
C PHE A 67 -5.60 -8.76 -0.04
N LYS A 68 -4.40 -8.60 0.52
CA LYS A 68 -3.95 -9.44 1.62
C LYS A 68 -3.62 -8.58 2.84
N GLU A 69 -4.48 -8.67 3.87
CA GLU A 69 -4.27 -7.91 5.09
C GLU A 69 -4.16 -8.83 6.29
N SER A 70 -3.04 -8.76 7.01
CA SER A 70 -2.82 -9.58 8.19
C SER A 70 -2.51 -8.72 9.41
N HIS A 71 -3.15 -9.05 10.53
CA HIS A 71 -2.94 -8.31 11.77
C HIS A 71 -2.20 -9.16 12.79
N ASN A 72 -1.08 -8.63 13.29
CA ASN A 72 -0.28 -9.34 14.27
C ASN A 72 -0.83 -9.14 15.68
N SER A 73 -0.62 -10.12 16.54
CA SER A 73 -1.10 -10.06 17.92
C SER A 73 -0.08 -9.34 18.81
N ALA A 74 1.18 -9.68 18.65
CA ALA A 74 2.26 -9.07 19.43
C ALA A 74 2.74 -7.78 18.78
N SER A 75 3.04 -7.84 17.50
CA SER A 75 3.53 -6.68 16.76
C SER A 75 2.45 -5.59 16.70
N ASN A 76 1.24 -5.99 16.34
CA ASN A 76 0.13 -5.05 16.25
C ASN A 76 0.25 -4.18 15.01
N VAL A 77 0.77 -4.76 13.93
CA VAL A 77 0.94 -4.05 12.67
C VAL A 77 0.12 -4.68 11.56
N TYR A 78 -0.59 -3.85 10.80
CA TYR A 78 -1.42 -4.33 9.71
C TYR A 78 -0.64 -4.32 8.39
N THR A 79 -0.30 -5.51 7.91
CA THR A 79 0.45 -5.64 6.66
C THR A 79 -0.48 -5.87 5.48
N VAL A 80 -0.62 -4.84 4.64
CA VAL A 80 -1.47 -4.92 3.46
C VAL A 80 -0.66 -4.97 2.18
N GLU A 81 -1.10 -5.81 1.24
CA GLU A 81 -0.41 -5.94 -0.03
C GLU A 81 -1.40 -6.00 -1.20
N LEU A 82 -1.17 -5.17 -2.20
CA LEU A 82 -2.05 -5.12 -3.37
C LEU A 82 -1.46 -5.92 -4.52
N HIS A 83 -2.15 -6.98 -4.92
CA HIS A 83 -1.70 -7.83 -6.02
C HIS A 83 -2.59 -7.65 -7.24
N ILE A 84 -1.96 -7.46 -8.40
CA ILE A 84 -2.70 -7.28 -9.65
C ILE A 84 -2.22 -8.26 -10.71
N GLY A 85 -3.17 -8.97 -11.32
CA GLY A 85 -2.83 -9.93 -12.35
C GLY A 85 -3.19 -9.44 -13.74
N LYS A 86 -2.42 -9.88 -14.73
CA LYS A 86 -2.66 -9.48 -16.12
C LYS A 86 -2.59 -7.96 -16.27
N VAL A 87 -1.53 -7.37 -15.73
CA VAL A 87 -1.34 -5.92 -15.81
C VAL A 87 -1.22 -5.46 -17.26
N VAL A 88 -1.71 -4.26 -17.53
CA VAL A 88 -1.66 -3.69 -18.87
C VAL A 88 -1.23 -2.23 -18.83
N LEU A 89 -0.84 -1.72 -20.00
CA LEU A 89 -0.41 -0.32 -20.10
C LEU A 89 -1.48 0.63 -19.60
N GLY A 90 -2.73 0.18 -19.67
CA GLY A 90 -3.84 1.00 -19.22
C GLY A 90 -3.93 1.08 -17.71
N ASP A 91 -3.17 0.22 -17.02
CA ASP A 91 -3.16 0.20 -15.56
C ASP A 91 -2.01 1.02 -15.01
N ARG A 92 -0.88 0.99 -15.71
CA ARG A 92 0.31 1.73 -15.28
C ARG A 92 -0.04 3.21 -15.06
N GLY A 93 0.68 3.83 -14.12
CA GLY A 93 0.44 5.23 -13.83
C GLY A 93 0.78 5.59 -12.40
N TYR A 94 -0.26 5.91 -11.61
CA TYR A 94 -0.07 6.28 -10.22
C TYR A 94 -1.28 5.87 -9.38
N TYR A 95 -1.03 5.58 -8.10
CA TYR A 95 -2.10 5.17 -7.20
C TYR A 95 -2.05 5.97 -5.90
N ARG A 96 -2.99 5.70 -5.01
CA ARG A 96 -3.06 6.41 -3.73
C ARG A 96 -3.73 5.54 -2.67
N LEU A 97 -3.07 5.39 -1.53
CA LEU A 97 -3.61 4.58 -0.43
C LEU A 97 -4.12 5.47 0.69
N GLU A 98 -5.43 5.45 0.90
CA GLU A 98 -6.05 6.25 1.96
C GLU A 98 -6.17 5.46 3.26
N VAL A 99 -5.87 6.11 4.37
CA VAL A 99 -5.93 5.48 5.68
C VAL A 99 -6.32 6.47 6.76
N LYS A 100 -7.52 6.33 7.30
CA LYS A 100 -8.02 7.22 8.33
C LYS A 100 -8.39 6.43 9.59
N ALA A 101 -8.24 7.07 10.74
CA ALA A 101 -8.57 6.42 12.01
C ALA A 101 -9.40 7.34 12.90
N LYS A 102 -9.66 6.90 14.12
CA LYS A 102 -10.45 7.69 15.07
C LYS A 102 -10.20 9.18 14.88
N ASP A 103 -8.93 9.59 15.01
CA ASP A 103 -8.56 10.98 14.85
C ASP A 103 -7.35 11.12 13.91
N THR A 104 -6.48 10.11 13.94
CA THR A 104 -5.28 10.12 13.09
C THR A 104 -5.65 9.90 11.63
N CYS A 105 -4.98 10.63 10.75
CA CYS A 105 -5.23 10.51 9.31
C CYS A 105 -3.93 10.58 8.52
N ASP A 106 -3.71 9.59 7.66
CA ASP A 106 -2.50 9.54 6.84
C ASP A 106 -2.75 8.75 5.57
N SER A 107 -2.05 9.13 4.49
CA SER A 107 -2.19 8.46 3.21
C SER A 107 -0.88 8.50 2.43
N CYS A 108 -0.55 7.38 1.79
CA CYS A 108 0.68 7.29 1.00
C CYS A 108 0.37 7.16 -0.48
N GLY A 109 1.31 7.55 -1.32
CA GLY A 109 1.12 7.47 -2.76
C GLY A 109 2.23 6.71 -3.45
N PHE A 110 1.84 5.79 -4.33
CA PHE A 110 2.81 4.97 -5.06
C PHE A 110 2.56 5.05 -6.56
N ASN A 111 3.54 4.60 -7.34
CA ASN A 111 3.43 4.63 -8.80
C ASN A 111 3.89 3.30 -9.40
N ILE A 112 3.08 2.76 -10.30
CA ILE A 112 3.41 1.49 -10.95
C ILE A 112 3.71 1.69 -12.43
N ASP A 113 4.55 0.82 -12.98
CA ASP A 113 4.92 0.90 -14.39
C ASP A 113 4.69 -0.44 -15.09
N VAL A 114 4.19 -0.38 -16.32
CA VAL A 114 3.94 -1.58 -17.09
C VAL A 114 4.75 -1.60 -18.38
N GLU A 115 5.92 -2.22 -18.33
CA GLU A 115 6.80 -2.31 -19.49
C GLU A 115 6.15 -3.14 -20.60
N ALA A 116 6.15 -2.59 -21.81
CA ALA A 116 5.57 -3.28 -22.95
C ALA A 116 6.60 -4.17 -23.65
N PRO A 117 6.10 -5.17 -24.39
CA PRO A 117 6.97 -6.11 -25.11
C PRO A 117 7.68 -5.45 -26.29
N ARG A 118 8.81 -6.02 -26.70
CA ARG A 118 9.57 -5.49 -27.81
C ARG A 118 8.69 -5.27 -29.03
N GLY A 1 15.53 -9.24 2.11
CA GLY A 1 15.29 -7.89 1.64
C GLY A 1 16.16 -6.87 2.34
N SER A 2 15.53 -5.88 2.96
CA SER A 2 16.26 -4.83 3.66
C SER A 2 15.30 -3.89 4.39
N SER A 3 15.68 -3.46 5.59
CA SER A 3 14.85 -2.57 6.39
C SER A 3 15.52 -1.20 6.53
N GLY A 4 16.36 -0.85 5.55
CA GLY A 4 17.04 0.43 5.60
C GLY A 4 17.46 0.83 6.99
N SER A 5 17.48 2.13 7.26
CA SER A 5 17.87 2.63 8.57
C SER A 5 16.94 2.11 9.66
N SER A 6 17.47 1.26 10.53
CA SER A 6 16.67 0.69 11.62
C SER A 6 17.54 0.43 12.84
N GLY A 7 16.94 0.53 14.02
CA GLY A 7 17.67 0.31 15.25
C GLY A 7 16.80 0.48 16.48
N ALA A 8 17.20 1.40 17.36
CA ALA A 8 16.45 1.66 18.59
C ALA A 8 15.81 3.04 18.55
N GLU A 9 15.23 3.39 17.41
CA GLU A 9 14.59 4.70 17.26
C GLU A 9 13.10 4.61 17.58
N GLU A 10 12.50 5.75 17.90
CA GLU A 10 11.09 5.80 18.23
C GLU A 10 10.24 6.09 16.99
N PRO A 11 8.96 5.69 17.04
CA PRO A 11 8.03 5.89 15.92
C PRO A 11 7.67 7.36 15.73
N THR A 12 7.66 7.80 14.48
CA THR A 12 7.33 9.19 14.16
C THR A 12 6.20 9.27 13.14
N GLY A 13 5.89 8.13 12.52
CA GLY A 13 4.83 8.09 11.54
C GLY A 13 4.00 6.81 11.63
N VAL A 14 2.73 6.91 11.24
CA VAL A 14 1.84 5.76 11.28
C VAL A 14 2.25 4.70 10.25
N PHE A 15 2.67 5.16 9.07
CA PHE A 15 3.10 4.26 8.01
C PHE A 15 4.50 3.73 8.29
N LEU A 16 4.58 2.57 8.94
CA LEU A 16 5.85 1.96 9.27
C LEU A 16 6.68 1.72 8.00
N LYS A 17 5.99 1.47 6.90
CA LYS A 17 6.66 1.24 5.62
C LYS A 17 5.77 1.68 4.45
N LYS A 18 6.34 2.49 3.56
CA LYS A 18 5.62 2.98 2.40
C LYS A 18 5.84 2.07 1.19
N PRO A 19 4.82 1.98 0.33
CA PRO A 19 4.89 1.15 -0.89
C PRO A 19 5.84 1.73 -1.92
N ASP A 20 6.91 0.98 -2.21
CA ASP A 20 7.90 1.41 -3.18
C ASP A 20 7.48 1.03 -4.59
N SER A 21 7.69 1.94 -5.54
CA SER A 21 7.34 1.71 -6.93
C SER A 21 7.87 0.36 -7.41
N VAL A 22 7.01 -0.41 -8.08
CA VAL A 22 7.39 -1.72 -8.59
C VAL A 22 7.25 -1.77 -10.11
N SER A 23 8.35 -2.06 -10.79
CA SER A 23 8.35 -2.14 -12.25
C SER A 23 7.93 -3.53 -12.71
N VAL A 24 6.77 -3.62 -13.35
CA VAL A 24 6.26 -4.88 -13.85
C VAL A 24 6.12 -4.86 -15.37
N GLU A 25 5.99 -6.05 -15.96
CA GLU A 25 5.86 -6.16 -17.41
C GLU A 25 4.43 -6.58 -17.78
N THR A 26 3.89 -5.94 -18.81
CA THR A 26 2.53 -6.25 -19.26
C THR A 26 2.28 -7.75 -19.31
N GLY A 27 1.13 -8.17 -18.80
CA GLY A 27 0.79 -9.59 -18.78
C GLY A 27 1.29 -10.28 -17.54
N LYS A 28 1.94 -9.53 -16.65
CA LYS A 28 2.46 -10.08 -15.41
C LYS A 28 1.59 -9.68 -14.22
N ASP A 29 2.00 -10.09 -13.02
CA ASP A 29 1.27 -9.77 -11.81
C ASP A 29 2.08 -8.84 -10.91
N ALA A 30 1.51 -7.67 -10.62
CA ALA A 30 2.17 -6.68 -9.77
C ALA A 30 1.84 -6.92 -8.29
N VAL A 31 2.79 -6.59 -7.43
CA VAL A 31 2.60 -6.77 -5.99
C VAL A 31 3.23 -5.61 -5.22
N VAL A 32 2.44 -5.02 -4.32
CA VAL A 32 2.91 -3.90 -3.51
C VAL A 32 2.90 -4.25 -2.03
N VAL A 33 3.84 -3.70 -1.29
CA VAL A 33 3.94 -3.94 0.15
C VAL A 33 3.83 -2.65 0.94
N ALA A 34 3.05 -2.69 2.01
CA ALA A 34 2.86 -1.52 2.86
C ALA A 34 2.42 -1.92 4.26
N LYS A 35 3.06 -1.34 5.27
CA LYS A 35 2.73 -1.64 6.66
C LYS A 35 2.07 -0.44 7.33
N VAL A 36 1.31 -0.70 8.39
CA VAL A 36 0.62 0.36 9.12
C VAL A 36 0.65 0.09 10.62
N ASN A 37 1.18 1.04 11.38
CA ASN A 37 1.26 0.92 12.83
C ASN A 37 -0.11 1.05 13.46
N GLY A 38 -0.52 0.02 14.20
CA GLY A 38 -1.81 0.04 14.85
C GLY A 38 -1.77 0.73 16.20
N LYS A 39 -0.64 0.60 16.90
CA LYS A 39 -0.48 1.22 18.21
C LYS A 39 -0.72 2.72 18.14
N GLU A 40 0.07 3.40 17.30
CA GLU A 40 -0.07 4.84 17.13
C GLU A 40 -1.51 5.22 16.84
N LEU A 41 -2.17 4.43 16.00
CA LEU A 41 -3.55 4.69 15.63
C LEU A 41 -4.49 4.43 16.80
N PRO A 42 -5.54 5.26 16.92
CA PRO A 42 -6.53 5.12 17.99
C PRO A 42 -7.40 3.88 17.83
N ASP A 43 -7.87 3.64 16.61
CA ASP A 43 -8.71 2.49 16.32
C ASP A 43 -8.28 1.82 15.03
N LYS A 44 -9.02 0.79 14.62
CA LYS A 44 -8.72 0.05 13.40
C LYS A 44 -8.77 0.98 12.18
N PRO A 45 -7.67 1.04 11.44
CA PRO A 45 -7.58 1.87 10.23
C PRO A 45 -8.43 1.35 9.09
N THR A 46 -8.69 2.21 8.11
CA THR A 46 -9.50 1.83 6.95
C THR A 46 -8.64 1.59 5.73
N ILE A 47 -8.57 0.34 5.28
CA ILE A 47 -7.78 -0.01 4.11
C ILE A 47 -8.57 0.20 2.82
N LYS A 48 -8.08 1.07 1.96
CA LYS A 48 -8.74 1.36 0.69
C LYS A 48 -7.72 1.78 -0.37
N TRP A 49 -7.72 1.08 -1.50
CA TRP A 49 -6.81 1.39 -2.59
C TRP A 49 -7.50 2.22 -3.66
N PHE A 50 -6.80 3.24 -4.15
CA PHE A 50 -7.34 4.12 -5.19
C PHE A 50 -6.35 4.30 -6.32
N LYS A 51 -6.85 4.77 -7.47
CA LYS A 51 -6.00 4.98 -8.64
C LYS A 51 -6.00 6.46 -9.04
N GLY A 52 -4.84 7.10 -8.91
CA GLY A 52 -4.73 8.51 -9.28
C GLY A 52 -6.00 9.28 -8.97
N LYS A 53 -6.88 9.39 -9.96
CA LYS A 53 -8.13 10.11 -9.79
C LYS A 53 -8.92 9.57 -8.60
N TRP A 54 -10.04 10.21 -8.30
CA TRP A 54 -10.89 9.78 -7.20
C TRP A 54 -11.68 8.53 -7.55
N LEU A 55 -10.98 7.54 -8.08
CA LEU A 55 -11.61 6.27 -8.47
C LEU A 55 -11.47 5.24 -7.36
N GLU A 56 -12.46 4.36 -7.27
CA GLU A 56 -12.45 3.31 -6.25
C GLU A 56 -12.33 1.93 -6.88
N LEU A 57 -11.21 1.27 -6.64
CA LEU A 57 -10.97 -0.06 -7.19
C LEU A 57 -11.86 -1.11 -6.52
N GLY A 58 -11.51 -1.47 -5.29
CA GLY A 58 -12.29 -2.44 -4.55
C GLY A 58 -12.13 -3.85 -5.10
N SER A 59 -12.78 -4.81 -4.47
CA SER A 59 -12.70 -6.20 -4.90
C SER A 59 -14.09 -6.81 -5.01
N LYS A 60 -14.39 -7.38 -6.18
CA LYS A 60 -15.69 -8.00 -6.41
C LYS A 60 -15.60 -9.51 -6.27
N SER A 61 -14.66 -9.97 -5.45
CA SER A 61 -14.47 -11.40 -5.24
C SER A 61 -14.33 -12.14 -6.57
N GLY A 62 -13.66 -11.50 -7.52
CA GLY A 62 -13.47 -12.11 -8.82
C GLY A 62 -12.43 -11.38 -9.65
N ALA A 63 -12.58 -10.07 -9.79
CA ALA A 63 -11.65 -9.26 -10.56
C ALA A 63 -10.21 -9.59 -10.18
N ARG A 64 -9.27 -9.23 -11.06
CA ARG A 64 -7.86 -9.48 -10.82
C ARG A 64 -7.36 -8.64 -9.65
N PHE A 65 -8.15 -7.65 -9.25
CA PHE A 65 -7.78 -6.77 -8.15
C PHE A 65 -8.06 -7.43 -6.80
N SER A 66 -7.02 -7.57 -5.99
CA SER A 66 -7.15 -8.21 -4.68
C SER A 66 -6.35 -7.44 -3.63
N PHE A 67 -6.70 -7.64 -2.36
CA PHE A 67 -6.03 -6.97 -1.26
C PHE A 67 -5.92 -7.88 -0.05
N LYS A 68 -4.70 -8.20 0.35
CA LYS A 68 -4.47 -9.07 1.50
C LYS A 68 -3.90 -8.27 2.67
N GLU A 69 -4.53 -8.41 3.83
CA GLU A 69 -4.09 -7.71 5.03
C GLU A 69 -3.68 -8.69 6.12
N SER A 70 -2.54 -8.41 6.76
CA SER A 70 -2.02 -9.27 7.81
C SER A 70 -2.07 -8.56 9.16
N HIS A 71 -3.06 -8.92 9.98
CA HIS A 71 -3.22 -8.32 11.29
C HIS A 71 -2.57 -9.18 12.37
N ASN A 72 -1.50 -8.68 12.98
CA ASN A 72 -0.80 -9.40 14.02
C ASN A 72 -1.26 -8.97 15.41
N SER A 73 -1.08 -9.84 16.39
CA SER A 73 -1.48 -9.55 17.76
C SER A 73 -0.28 -9.12 18.60
N ALA A 74 0.89 -9.60 18.22
CA ALA A 74 2.12 -9.27 18.95
C ALA A 74 2.64 -7.89 18.53
N SER A 75 3.22 -7.83 17.34
CA SER A 75 3.76 -6.57 16.83
C SER A 75 2.67 -5.51 16.73
N ASN A 76 1.43 -5.96 16.60
CA ASN A 76 0.30 -5.04 16.48
C ASN A 76 0.43 -4.15 15.25
N VAL A 77 0.84 -4.75 14.14
CA VAL A 77 1.00 -4.01 12.89
C VAL A 77 0.13 -4.60 11.78
N TYR A 78 -0.29 -3.75 10.86
CA TYR A 78 -1.14 -4.18 9.75
C TYR A 78 -0.37 -4.13 8.43
N THR A 79 -0.12 -5.29 7.84
CA THR A 79 0.60 -5.37 6.58
C THR A 79 -0.35 -5.65 5.42
N VAL A 80 -0.52 -4.65 4.56
CA VAL A 80 -1.40 -4.78 3.41
C VAL A 80 -0.61 -4.83 2.11
N GLU A 81 -1.04 -5.70 1.20
CA GLU A 81 -0.36 -5.84 -0.09
C GLU A 81 -1.36 -5.82 -1.24
N LEU A 82 -1.04 -5.09 -2.30
CA LEU A 82 -1.91 -4.98 -3.46
C LEU A 82 -1.45 -5.93 -4.56
N HIS A 83 -2.33 -6.85 -4.95
CA HIS A 83 -2.02 -7.82 -6.00
C HIS A 83 -2.87 -7.55 -7.24
N ILE A 84 -2.20 -7.32 -8.37
CA ILE A 84 -2.90 -7.07 -9.63
C ILE A 84 -2.45 -8.02 -10.72
N GLY A 85 -3.26 -9.03 -10.99
CA GLY A 85 -2.92 -10.00 -12.02
C GLY A 85 -3.26 -9.52 -13.41
N LYS A 86 -2.52 -10.01 -14.41
CA LYS A 86 -2.74 -9.62 -15.79
C LYS A 86 -2.72 -8.11 -15.94
N VAL A 87 -1.66 -7.49 -15.45
CA VAL A 87 -1.51 -6.04 -15.54
C VAL A 87 -1.49 -5.56 -16.99
N VAL A 88 -1.66 -4.26 -17.18
CA VAL A 88 -1.66 -3.69 -18.52
C VAL A 88 -1.15 -2.25 -18.51
N LEU A 89 -0.81 -1.73 -19.68
CA LEU A 89 -0.31 -0.37 -19.80
C LEU A 89 -1.27 0.63 -19.16
N GLY A 90 -2.55 0.27 -19.15
CA GLY A 90 -3.56 1.14 -18.56
C GLY A 90 -3.48 1.18 -17.04
N ASP A 91 -2.88 0.15 -16.46
CA ASP A 91 -2.75 0.07 -15.01
C ASP A 91 -1.58 0.94 -14.53
N ARG A 92 -0.54 1.02 -15.33
CA ARG A 92 0.64 1.81 -14.99
C ARG A 92 0.25 3.27 -14.75
N GLY A 93 0.98 3.92 -13.84
CA GLY A 93 0.69 5.31 -13.54
C GLY A 93 0.97 5.66 -12.09
N TYR A 94 -0.08 5.97 -11.34
CA TYR A 94 0.06 6.32 -9.94
C TYR A 94 -1.19 5.92 -9.15
N TYR A 95 -0.99 5.52 -7.89
CA TYR A 95 -2.09 5.12 -7.03
C TYR A 95 -2.06 5.86 -5.71
N ARG A 96 -3.13 5.73 -4.93
CA ARG A 96 -3.22 6.39 -3.63
C ARG A 96 -3.81 5.45 -2.59
N LEU A 97 -3.15 5.37 -1.44
CA LEU A 97 -3.61 4.51 -0.34
C LEU A 97 -4.14 5.34 0.81
N GLU A 98 -5.40 5.11 1.17
CA GLU A 98 -6.02 5.84 2.27
C GLU A 98 -6.01 5.01 3.55
N VAL A 99 -5.78 5.68 4.68
CA VAL A 99 -5.75 5.00 5.97
C VAL A 99 -6.28 5.91 7.08
N LYS A 100 -7.43 5.55 7.63
CA LYS A 100 -8.05 6.33 8.69
C LYS A 100 -8.65 5.41 9.75
N ALA A 101 -8.33 5.69 11.02
CA ALA A 101 -8.84 4.89 12.12
C ALA A 101 -9.99 5.59 12.82
N LYS A 102 -9.67 6.61 13.62
CA LYS A 102 -10.67 7.37 14.35
C LYS A 102 -10.62 8.84 13.97
N ASP A 103 -9.56 9.53 14.39
CA ASP A 103 -9.39 10.95 14.09
C ASP A 103 -8.13 11.18 13.27
N THR A 104 -7.21 10.21 13.30
CA THR A 104 -5.96 10.31 12.56
C THR A 104 -6.16 9.92 11.11
N CYS A 105 -5.71 10.79 10.20
CA CYS A 105 -5.84 10.53 8.77
C CYS A 105 -4.47 10.49 8.10
N ASP A 106 -4.14 9.35 7.50
CA ASP A 106 -2.86 9.18 6.83
C ASP A 106 -3.03 8.45 5.50
N SER A 107 -2.39 8.97 4.45
CA SER A 107 -2.49 8.38 3.12
C SER A 107 -1.12 8.38 2.43
N CYS A 108 -0.93 7.46 1.50
CA CYS A 108 0.33 7.36 0.77
C CYS A 108 0.10 6.74 -0.61
N GLY A 109 0.72 7.33 -1.63
CA GLY A 109 0.58 6.83 -2.98
C GLY A 109 1.86 6.19 -3.51
N PHE A 110 1.75 5.51 -4.63
CA PHE A 110 2.90 4.85 -5.24
C PHE A 110 2.82 4.91 -6.77
N ASN A 111 3.93 4.59 -7.43
CA ASN A 111 3.99 4.61 -8.88
C ASN A 111 4.27 3.22 -9.43
N ILE A 112 3.55 2.85 -10.49
CA ILE A 112 3.72 1.54 -11.12
C ILE A 112 4.08 1.68 -12.58
N ASP A 113 4.87 0.74 -13.08
CA ASP A 113 5.28 0.74 -14.48
C ASP A 113 5.00 -0.59 -15.15
N VAL A 114 4.32 -0.56 -16.28
CA VAL A 114 3.99 -1.77 -17.02
C VAL A 114 4.70 -1.82 -18.36
N GLU A 115 5.88 -2.45 -18.38
CA GLU A 115 6.67 -2.56 -19.60
C GLU A 115 6.15 -3.68 -20.48
N ALA A 116 5.85 -3.36 -21.74
CA ALA A 116 5.35 -4.35 -22.68
C ALA A 116 6.46 -5.29 -23.16
N PRO A 117 6.08 -6.48 -23.60
CA PRO A 117 7.03 -7.49 -24.08
C PRO A 117 7.66 -7.09 -25.41
N ARG A 118 8.80 -7.69 -25.73
CA ARG A 118 9.51 -7.40 -26.98
C ARG A 118 9.02 -8.30 -28.10
N GLY A 1 11.56 30.01 5.60
CA GLY A 1 12.75 30.54 6.23
C GLY A 1 13.70 29.45 6.68
N SER A 2 13.27 28.67 7.67
CA SER A 2 14.10 27.59 8.20
C SER A 2 13.67 26.24 7.62
N SER A 3 14.55 25.25 7.72
CA SER A 3 14.26 23.92 7.19
C SER A 3 15.06 22.86 7.95
N GLY A 4 14.83 21.59 7.61
CA GLY A 4 15.54 20.51 8.26
C GLY A 4 14.94 20.15 9.61
N SER A 5 15.70 20.37 10.67
CA SER A 5 15.23 20.07 12.02
C SER A 5 15.42 21.27 12.94
N SER A 6 16.62 21.83 12.94
CA SER A 6 16.92 22.98 13.77
C SER A 6 16.39 22.78 15.19
N GLY A 7 16.56 21.57 15.71
CA GLY A 7 16.09 21.27 17.05
C GLY A 7 14.68 20.72 17.06
N ALA A 8 13.77 21.37 16.33
CA ALA A 8 12.39 20.94 16.26
C ALA A 8 12.30 19.42 16.04
N GLU A 9 11.61 18.75 16.94
CA GLU A 9 11.45 17.30 16.83
C GLU A 9 10.37 16.93 15.83
N GLU A 10 10.66 15.95 14.98
CA GLU A 10 9.71 15.51 13.97
C GLU A 10 9.18 14.12 14.28
N PRO A 11 7.90 13.88 13.98
CA PRO A 11 7.24 12.60 14.22
C PRO A 11 7.75 11.51 13.30
N THR A 12 7.81 10.28 13.81
CA THR A 12 8.28 9.14 13.03
C THR A 12 7.36 8.85 11.86
N GLY A 13 6.07 8.67 12.15
CA GLY A 13 5.10 8.38 11.12
C GLY A 13 4.39 7.06 11.32
N VAL A 14 3.06 7.08 11.33
CA VAL A 14 2.27 5.88 11.52
C VAL A 14 2.65 4.81 10.50
N PHE A 15 2.88 5.22 9.26
CA PHE A 15 3.24 4.30 8.20
C PHE A 15 4.65 3.76 8.40
N LEU A 16 4.75 2.57 8.99
CA LEU A 16 6.04 1.94 9.26
C LEU A 16 6.80 1.71 7.96
N LYS A 17 6.07 1.43 6.88
CA LYS A 17 6.67 1.18 5.58
C LYS A 17 5.73 1.62 4.46
N LYS A 18 6.26 2.42 3.53
CA LYS A 18 5.47 2.91 2.40
C LYS A 18 5.63 1.99 1.20
N PRO A 19 4.60 1.96 0.34
CA PRO A 19 4.60 1.13 -0.88
C PRO A 19 5.59 1.63 -1.92
N ASP A 20 6.74 0.96 -2.01
CA ASP A 20 7.77 1.34 -2.97
C ASP A 20 7.33 1.01 -4.39
N SER A 21 7.68 1.89 -5.33
CA SER A 21 7.32 1.69 -6.73
C SER A 21 7.81 0.34 -7.24
N VAL A 22 7.02 -0.29 -8.08
CA VAL A 22 7.37 -1.60 -8.64
C VAL A 22 7.19 -1.61 -10.16
N SER A 23 8.25 -1.97 -10.87
CA SER A 23 8.21 -2.03 -12.33
C SER A 23 7.83 -3.42 -12.81
N VAL A 24 6.70 -3.50 -13.51
CA VAL A 24 6.22 -4.77 -14.04
C VAL A 24 6.10 -4.73 -15.55
N GLU A 25 5.91 -5.90 -16.16
CA GLU A 25 5.79 -6.00 -17.61
C GLU A 25 4.38 -6.47 -18.00
N THR A 26 3.82 -5.84 -19.03
CA THR A 26 2.48 -6.19 -19.50
C THR A 26 2.28 -7.70 -19.48
N GLY A 27 1.22 -8.14 -18.80
CA GLY A 27 0.93 -9.56 -18.72
C GLY A 27 1.47 -10.19 -17.45
N LYS A 28 2.16 -9.39 -16.65
CA LYS A 28 2.72 -9.88 -15.40
C LYS A 28 1.83 -9.51 -14.21
N ASP A 29 2.22 -9.98 -13.02
CA ASP A 29 1.45 -9.69 -11.82
C ASP A 29 2.19 -8.69 -10.93
N ALA A 30 1.55 -7.56 -10.66
CA ALA A 30 2.15 -6.53 -9.83
C ALA A 30 1.92 -6.81 -8.34
N VAL A 31 2.81 -6.31 -7.51
CA VAL A 31 2.71 -6.50 -6.06
C VAL A 31 3.15 -5.26 -5.30
N VAL A 32 2.34 -4.85 -4.33
CA VAL A 32 2.66 -3.68 -3.53
C VAL A 32 2.41 -3.94 -2.04
N VAL A 33 3.49 -3.90 -1.26
CA VAL A 33 3.39 -4.15 0.18
C VAL A 33 3.45 -2.83 0.96
N ALA A 34 2.82 -2.82 2.13
CA ALA A 34 2.81 -1.63 2.98
C ALA A 34 2.42 -1.97 4.40
N LYS A 35 3.28 -1.61 5.35
CA LYS A 35 3.03 -1.87 6.76
C LYS A 35 2.44 -0.66 7.46
N VAL A 36 1.53 -0.88 8.40
CA VAL A 36 0.90 0.20 9.14
C VAL A 36 0.92 -0.08 10.63
N ASN A 37 1.49 0.85 11.39
CA ASN A 37 1.58 0.70 12.84
C ASN A 37 0.21 0.90 13.49
N GLY A 38 -0.33 -0.19 14.03
CA GLY A 38 -1.63 -0.12 14.67
C GLY A 38 -1.58 0.59 16.01
N LYS A 39 -0.59 0.24 16.82
CA LYS A 39 -0.42 0.85 18.15
C LYS A 39 -0.51 2.37 18.05
N GLU A 40 0.22 2.94 17.10
CA GLU A 40 0.23 4.39 16.91
C GLU A 40 -1.19 4.91 16.71
N LEU A 41 -1.99 4.18 15.96
CA LEU A 41 -3.36 4.57 15.68
C LEU A 41 -4.28 4.22 16.85
N PRO A 42 -5.24 5.11 17.13
CA PRO A 42 -6.19 4.92 18.23
C PRO A 42 -7.18 3.80 17.95
N ASP A 43 -7.69 3.76 16.72
CA ASP A 43 -8.64 2.73 16.32
C ASP A 43 -8.21 2.07 15.01
N LYS A 44 -9.02 1.14 14.53
CA LYS A 44 -8.72 0.42 13.29
C LYS A 44 -8.76 1.36 12.10
N PRO A 45 -7.66 1.41 11.34
CA PRO A 45 -7.54 2.27 10.16
C PRO A 45 -8.42 1.79 9.01
N THR A 46 -8.63 2.66 8.02
CA THR A 46 -9.45 2.32 6.87
C THR A 46 -8.58 2.00 5.66
N ILE A 47 -8.62 0.74 5.23
CA ILE A 47 -7.84 0.31 4.07
C ILE A 47 -8.63 0.49 2.78
N LYS A 48 -8.13 1.37 1.92
CA LYS A 48 -8.78 1.63 0.64
C LYS A 48 -7.75 1.83 -0.48
N TRP A 49 -7.86 1.03 -1.52
CA TRP A 49 -6.94 1.12 -2.66
C TRP A 49 -7.56 1.90 -3.81
N PHE A 50 -6.95 3.02 -4.16
CA PHE A 50 -7.44 3.87 -5.25
C PHE A 50 -6.50 3.81 -6.45
N LYS A 51 -7.08 3.88 -7.64
CA LYS A 51 -6.30 3.84 -8.87
C LYS A 51 -6.34 5.18 -9.59
N GLY A 52 -5.40 6.06 -9.25
CA GLY A 52 -5.35 7.37 -9.87
C GLY A 52 -6.23 8.38 -9.16
N LYS A 53 -7.47 8.51 -9.63
CA LYS A 53 -8.42 9.45 -9.04
C LYS A 53 -9.37 8.73 -8.09
N TRP A 54 -8.96 8.61 -6.84
CA TRP A 54 -9.79 7.95 -5.84
C TRP A 54 -10.63 6.84 -6.46
N LEU A 55 -10.05 6.13 -7.41
CA LEU A 55 -10.76 5.05 -8.09
C LEU A 55 -10.79 3.80 -7.23
N GLU A 56 -11.92 3.57 -6.57
CA GLU A 56 -12.08 2.41 -5.71
C GLU A 56 -11.93 1.11 -6.50
N LEU A 57 -10.79 0.44 -6.32
CA LEU A 57 -10.51 -0.81 -7.02
C LEU A 57 -11.11 -1.99 -6.26
N GLY A 58 -10.87 -3.19 -6.78
CA GLY A 58 -11.39 -4.39 -6.14
C GLY A 58 -12.11 -5.30 -7.12
N SER A 59 -12.63 -6.42 -6.62
CA SER A 59 -13.34 -7.38 -7.46
C SER A 59 -14.13 -6.66 -8.55
N LYS A 60 -14.91 -5.65 -8.15
CA LYS A 60 -15.72 -4.89 -9.09
C LYS A 60 -14.91 -4.53 -10.33
N SER A 61 -13.71 -4.01 -10.12
CA SER A 61 -12.85 -3.62 -11.23
C SER A 61 -12.29 -4.85 -11.94
N GLY A 62 -11.96 -5.88 -11.16
CA GLY A 62 -11.42 -7.10 -11.73
C GLY A 62 -11.00 -8.09 -10.67
N ALA A 63 -11.34 -9.37 -10.89
CA ALA A 63 -10.99 -10.42 -9.94
C ALA A 63 -9.48 -10.45 -9.70
N ARG A 64 -8.71 -9.93 -10.65
CA ARG A 64 -7.26 -9.91 -10.54
C ARG A 64 -6.82 -9.11 -9.33
N PHE A 65 -7.61 -8.09 -8.97
CA PHE A 65 -7.30 -7.24 -7.83
C PHE A 65 -7.53 -7.99 -6.52
N SER A 66 -6.42 -8.36 -5.87
CA SER A 66 -6.49 -9.09 -4.61
C SER A 66 -5.90 -8.26 -3.47
N PHE A 67 -6.49 -8.39 -2.30
CA PHE A 67 -6.02 -7.65 -1.12
C PHE A 67 -5.72 -8.60 0.04
N LYS A 68 -4.48 -8.57 0.50
CA LYS A 68 -4.06 -9.44 1.60
C LYS A 68 -3.74 -8.61 2.85
N GLU A 69 -4.56 -8.77 3.88
CA GLU A 69 -4.36 -8.04 5.13
C GLU A 69 -4.17 -9.00 6.30
N SER A 70 -3.03 -8.88 6.97
CA SER A 70 -2.71 -9.73 8.10
C SER A 70 -2.37 -8.90 9.33
N HIS A 71 -3.13 -9.10 10.40
CA HIS A 71 -2.91 -8.38 11.64
C HIS A 71 -2.10 -9.20 12.63
N ASN A 72 -1.09 -8.58 13.24
CA ASN A 72 -0.23 -9.26 14.19
C ASN A 72 -0.70 -9.02 15.62
N SER A 73 -0.41 -9.97 16.51
CA SER A 73 -0.82 -9.86 17.91
C SER A 73 0.32 -9.32 18.76
N ALA A 74 1.55 -9.55 18.31
CA ALA A 74 2.74 -9.08 19.03
C ALA A 74 3.16 -7.71 18.54
N SER A 75 3.64 -7.64 17.30
CA SER A 75 4.09 -6.39 16.71
C SER A 75 2.94 -5.39 16.61
N ASN A 76 1.74 -5.90 16.37
CA ASN A 76 0.55 -5.06 16.25
C ASN A 76 0.63 -4.18 15.00
N VAL A 77 1.02 -4.79 13.89
CA VAL A 77 1.13 -4.07 12.62
C VAL A 77 0.22 -4.69 11.57
N TYR A 78 -0.45 -3.83 10.80
CA TYR A 78 -1.35 -4.29 9.75
C TYR A 78 -0.62 -4.37 8.41
N THR A 79 -0.33 -5.59 7.97
CA THR A 79 0.36 -5.81 6.71
C THR A 79 -0.63 -5.92 5.55
N VAL A 80 -0.73 -4.85 4.77
CA VAL A 80 -1.64 -4.82 3.63
C VAL A 80 -0.87 -4.84 2.32
N GLU A 81 -1.28 -5.72 1.40
CA GLU A 81 -0.63 -5.84 0.11
C GLU A 81 -1.64 -5.70 -1.02
N LEU A 82 -1.16 -5.31 -2.20
CA LEU A 82 -2.02 -5.15 -3.36
C LEU A 82 -1.45 -5.86 -4.58
N HIS A 83 -2.01 -7.03 -4.88
CA HIS A 83 -1.56 -7.83 -6.02
C HIS A 83 -2.47 -7.61 -7.23
N ILE A 84 -1.86 -7.39 -8.39
CA ILE A 84 -2.62 -7.17 -9.61
C ILE A 84 -2.12 -8.08 -10.74
N GLY A 85 -2.85 -9.15 -10.98
CA GLY A 85 -2.47 -10.10 -12.03
C GLY A 85 -2.93 -9.65 -13.40
N LYS A 86 -2.19 -10.05 -14.43
CA LYS A 86 -2.52 -9.68 -15.80
C LYS A 86 -2.53 -8.17 -15.97
N VAL A 87 -1.44 -7.52 -15.59
CA VAL A 87 -1.33 -6.06 -15.70
C VAL A 87 -1.29 -5.63 -17.16
N VAL A 88 -1.71 -4.40 -17.41
CA VAL A 88 -1.74 -3.86 -18.77
C VAL A 88 -1.28 -2.40 -18.78
N LEU A 89 -0.97 -1.89 -19.97
CA LEU A 89 -0.51 -0.52 -20.13
C LEU A 89 -1.54 0.45 -19.57
N GLY A 90 -2.79 0.01 -19.50
CA GLY A 90 -3.85 0.85 -18.98
C GLY A 90 -3.89 0.88 -17.47
N ASP A 91 -3.08 0.03 -16.84
CA ASP A 91 -3.02 -0.05 -15.38
C ASP A 91 -1.87 0.78 -14.84
N ARG A 92 -0.79 0.86 -15.61
CA ARG A 92 0.39 1.62 -15.22
C ARG A 92 0.03 3.07 -14.93
N GLY A 93 0.71 3.67 -13.96
CA GLY A 93 0.45 5.06 -13.62
C GLY A 93 0.82 5.37 -12.18
N TYR A 94 -0.17 5.75 -11.38
CA TYR A 94 0.05 6.08 -9.98
C TYR A 94 -1.17 5.78 -9.14
N TYR A 95 -0.95 5.26 -7.93
CA TYR A 95 -2.05 4.92 -7.03
C TYR A 95 -1.98 5.77 -5.76
N ARG A 96 -2.88 5.48 -4.82
CA ARG A 96 -2.92 6.22 -3.57
C ARG A 96 -3.69 5.43 -2.51
N LEU A 97 -3.07 5.26 -1.34
CA LEU A 97 -3.69 4.54 -0.24
C LEU A 97 -4.27 5.49 0.80
N GLU A 98 -5.59 5.44 0.97
CA GLU A 98 -6.27 6.30 1.93
C GLU A 98 -6.52 5.56 3.24
N VAL A 99 -6.04 6.13 4.34
CA VAL A 99 -6.21 5.53 5.66
C VAL A 99 -6.52 6.59 6.71
N LYS A 100 -7.72 6.52 7.27
CA LYS A 100 -8.15 7.47 8.29
C LYS A 100 -8.64 6.74 9.55
N ALA A 101 -8.35 7.32 10.70
CA ALA A 101 -8.76 6.73 11.97
C ALA A 101 -9.50 7.75 12.84
N LYS A 102 -9.83 7.34 14.06
CA LYS A 102 -10.55 8.22 14.98
C LYS A 102 -10.02 9.64 14.89
N ASP A 103 -8.78 9.84 15.33
CA ASP A 103 -8.17 11.17 15.30
C ASP A 103 -6.80 11.11 14.61
N THR A 104 -6.62 10.12 13.74
CA THR A 104 -5.37 9.95 13.03
C THR A 104 -5.61 9.58 11.56
N CYS A 105 -5.20 10.46 10.66
CA CYS A 105 -5.37 10.23 9.23
C CYS A 105 -4.04 10.34 8.49
N ASP A 106 -3.76 9.36 7.65
CA ASP A 106 -2.52 9.35 6.88
C ASP A 106 -2.68 8.53 5.60
N SER A 107 -2.12 9.05 4.50
CA SER A 107 -2.21 8.37 3.21
C SER A 107 -0.86 8.40 2.50
N CYS A 108 -0.62 7.39 1.67
CA CYS A 108 0.63 7.29 0.92
C CYS A 108 0.37 6.82 -0.50
N GLY A 109 1.04 7.47 -1.46
CA GLY A 109 0.86 7.11 -2.86
C GLY A 109 2.12 6.52 -3.46
N PHE A 110 1.96 5.64 -4.44
CA PHE A 110 3.08 5.00 -5.10
C PHE A 110 2.97 5.12 -6.62
N ASN A 111 3.89 4.49 -7.33
CA ASN A 111 3.89 4.52 -8.79
C ASN A 111 4.11 3.13 -9.36
N ILE A 112 3.43 2.84 -10.47
CA ILE A 112 3.55 1.54 -11.13
C ILE A 112 3.82 1.70 -12.62
N ASP A 113 4.73 0.88 -13.14
CA ASP A 113 5.08 0.93 -14.56
C ASP A 113 4.86 -0.43 -15.21
N VAL A 114 4.25 -0.42 -16.40
CA VAL A 114 3.98 -1.65 -17.13
C VAL A 114 4.70 -1.66 -18.47
N GLU A 115 5.92 -2.20 -18.49
CA GLU A 115 6.71 -2.26 -19.71
C GLU A 115 6.10 -3.27 -20.69
N ALA A 116 6.03 -2.88 -21.96
CA ALA A 116 5.48 -3.74 -22.99
C ALA A 116 6.49 -4.81 -23.40
N PRO A 117 5.98 -5.89 -24.03
CA PRO A 117 6.82 -7.00 -24.49
C PRO A 117 7.71 -6.61 -25.67
N ARG A 118 8.90 -7.20 -25.73
CA ARG A 118 9.83 -6.91 -26.81
C ARG A 118 9.21 -7.19 -28.17
N GLY A 1 29.78 -5.77 15.21
CA GLY A 1 30.18 -4.68 16.06
C GLY A 1 29.06 -3.67 16.28
N SER A 2 29.42 -2.49 16.79
CA SER A 2 28.44 -1.44 17.04
C SER A 2 27.72 -1.06 15.75
N SER A 3 26.64 -0.28 15.90
CA SER A 3 25.85 0.16 14.75
C SER A 3 26.51 1.35 14.06
N GLY A 4 26.70 2.43 14.82
CA GLY A 4 27.33 3.62 14.26
C GLY A 4 26.31 4.57 13.65
N SER A 5 25.40 4.03 12.85
CA SER A 5 24.37 4.84 12.21
C SER A 5 22.99 4.52 12.78
N SER A 6 22.58 3.26 12.64
CA SER A 6 21.28 2.84 13.15
C SER A 6 21.26 2.78 14.67
N GLY A 7 20.48 3.68 15.27
CA GLY A 7 20.40 3.71 16.73
C GLY A 7 18.97 3.80 17.22
N ALA A 8 18.80 3.93 18.54
CA ALA A 8 17.48 4.02 19.13
C ALA A 8 16.88 5.40 18.94
N GLU A 9 15.78 5.48 18.18
CA GLU A 9 15.12 6.75 17.92
C GLU A 9 13.61 6.56 17.82
N GLU A 10 12.87 7.43 18.50
CA GLU A 10 11.41 7.36 18.49
C GLU A 10 10.87 7.39 17.06
N PRO A 11 9.72 6.73 16.85
CA PRO A 11 9.08 6.67 15.53
C PRO A 11 8.51 8.02 15.10
N THR A 12 8.56 8.27 13.79
CA THR A 12 8.05 9.52 13.25
C THR A 12 7.02 9.27 12.17
N GLY A 13 5.79 9.00 12.58
CA GLY A 13 4.72 8.73 11.63
C GLY A 13 3.97 7.44 11.94
N VAL A 14 2.86 7.23 11.24
CA VAL A 14 2.07 6.02 11.43
C VAL A 14 2.46 4.93 10.45
N PHE A 15 2.54 5.29 9.17
CA PHE A 15 2.91 4.34 8.13
C PHE A 15 4.33 3.82 8.35
N LEU A 16 4.44 2.63 8.93
CA LEU A 16 5.74 2.02 9.19
C LEU A 16 6.52 1.82 7.90
N LYS A 17 5.82 1.38 6.85
CA LYS A 17 6.44 1.14 5.55
C LYS A 17 5.54 1.62 4.43
N LYS A 18 6.09 2.42 3.53
CA LYS A 18 5.34 2.94 2.40
C LYS A 18 5.53 2.07 1.16
N PRO A 19 4.51 2.05 0.29
CA PRO A 19 4.55 1.25 -0.94
C PRO A 19 5.53 1.80 -1.96
N ASP A 20 6.58 1.03 -2.23
CA ASP A 20 7.60 1.44 -3.19
C ASP A 20 7.14 1.19 -4.62
N SER A 21 7.70 1.95 -5.56
CA SER A 21 7.34 1.81 -6.97
C SER A 21 7.84 0.47 -7.53
N VAL A 22 6.95 -0.26 -8.17
CA VAL A 22 7.30 -1.55 -8.76
C VAL A 22 6.99 -1.58 -10.25
N SER A 23 8.02 -1.87 -11.05
CA SER A 23 7.86 -1.93 -12.50
C SER A 23 7.66 -3.36 -12.97
N VAL A 24 6.46 -3.65 -13.48
CA VAL A 24 6.14 -4.99 -13.97
C VAL A 24 6.04 -5.01 -15.49
N GLU A 25 5.99 -6.21 -16.05
CA GLU A 25 5.90 -6.37 -17.50
C GLU A 25 4.47 -6.74 -17.92
N THR A 26 4.00 -6.13 -19.00
CA THR A 26 2.66 -6.41 -19.50
C THR A 26 2.34 -7.90 -19.46
N GLY A 27 1.18 -8.23 -18.91
CA GLY A 27 0.78 -9.63 -18.83
C GLY A 27 1.26 -10.30 -17.55
N LYS A 28 1.94 -9.52 -16.70
CA LYS A 28 2.45 -10.04 -15.43
C LYS A 28 1.57 -9.61 -14.27
N ASP A 29 1.91 -10.06 -13.08
CA ASP A 29 1.15 -9.70 -11.88
C ASP A 29 1.97 -8.80 -10.96
N ALA A 30 1.44 -7.61 -10.70
CA ALA A 30 2.13 -6.66 -9.83
C ALA A 30 1.83 -6.92 -8.36
N VAL A 31 2.73 -6.51 -7.48
CA VAL A 31 2.56 -6.70 -6.05
C VAL A 31 3.13 -5.53 -5.26
N VAL A 32 2.34 -5.01 -4.33
CA VAL A 32 2.77 -3.88 -3.50
C VAL A 32 2.69 -4.23 -2.03
N VAL A 33 3.72 -3.85 -1.27
CA VAL A 33 3.77 -4.12 0.15
C VAL A 33 3.72 -2.83 0.96
N ALA A 34 2.83 -2.76 1.94
CA ALA A 34 2.69 -1.59 2.78
C ALA A 34 2.29 -1.97 4.20
N LYS A 35 3.09 -1.53 5.17
CA LYS A 35 2.83 -1.82 6.57
C LYS A 35 2.19 -0.62 7.28
N VAL A 36 1.46 -0.89 8.36
CA VAL A 36 0.79 0.17 9.11
C VAL A 36 0.89 -0.09 10.61
N ASN A 37 1.34 0.91 11.35
CA ASN A 37 1.48 0.80 12.80
C ASN A 37 0.11 0.79 13.48
N GLY A 38 -0.29 -0.38 13.97
CA GLY A 38 -1.57 -0.50 14.64
C GLY A 38 -1.59 0.18 16.00
N LYS A 39 -0.57 -0.09 16.80
CA LYS A 39 -0.47 0.50 18.13
C LYS A 39 -0.54 2.02 18.07
N GLU A 40 0.27 2.61 17.18
CA GLU A 40 0.29 4.06 17.02
C GLU A 40 -1.12 4.61 16.83
N LEU A 41 -1.90 3.93 15.99
CA LEU A 41 -3.27 4.35 15.71
C LEU A 41 -4.18 4.07 16.91
N PRO A 42 -5.13 4.99 17.15
CA PRO A 42 -6.08 4.87 18.25
C PRO A 42 -7.08 3.73 18.05
N ASP A 43 -7.36 3.43 16.79
CA ASP A 43 -8.30 2.36 16.46
C ASP A 43 -7.94 1.72 15.11
N LYS A 44 -8.75 0.75 14.68
CA LYS A 44 -8.51 0.06 13.43
C LYS A 44 -8.61 1.01 12.25
N PRO A 45 -7.52 1.13 11.48
CA PRO A 45 -7.46 2.02 10.31
C PRO A 45 -8.34 1.52 9.16
N THR A 46 -8.64 2.41 8.22
CA THR A 46 -9.46 2.05 7.08
C THR A 46 -8.61 1.80 5.84
N ILE A 47 -8.59 0.54 5.39
CA ILE A 47 -7.81 0.17 4.21
C ILE A 47 -8.60 0.42 2.93
N LYS A 48 -8.11 1.35 2.12
CA LYS A 48 -8.77 1.67 0.85
C LYS A 48 -7.75 1.92 -0.25
N TRP A 49 -7.98 1.31 -1.41
CA TRP A 49 -7.09 1.46 -2.55
C TRP A 49 -7.73 2.27 -3.66
N PHE A 50 -6.92 3.07 -4.35
CA PHE A 50 -7.43 3.90 -5.44
C PHE A 50 -6.47 3.89 -6.62
N LYS A 51 -6.91 4.44 -7.75
CA LYS A 51 -6.09 4.49 -8.95
C LYS A 51 -6.01 5.91 -9.49
N GLY A 52 -4.93 6.62 -9.13
CA GLY A 52 -4.76 7.97 -9.59
C GLY A 52 -5.89 8.89 -9.15
N LYS A 53 -7.03 8.77 -9.81
CA LYS A 53 -8.19 9.60 -9.49
C LYS A 53 -9.10 8.89 -8.49
N TRP A 54 -10.23 9.50 -8.20
CA TRP A 54 -11.19 8.91 -7.26
C TRP A 54 -11.32 7.41 -7.46
N LEU A 55 -11.00 6.96 -8.67
CA LEU A 55 -11.08 5.54 -9.00
C LEU A 55 -10.72 4.68 -7.79
N GLU A 56 -11.73 4.04 -7.21
CA GLU A 56 -11.52 3.19 -6.05
C GLU A 56 -11.52 1.71 -6.43
N LEU A 57 -10.52 0.99 -5.97
CA LEU A 57 -10.39 -0.44 -6.28
C LEU A 57 -11.06 -1.28 -5.21
N GLY A 58 -11.47 -2.49 -5.59
CA GLY A 58 -12.13 -3.38 -4.65
C GLY A 58 -12.44 -4.73 -5.26
N SER A 59 -13.11 -5.59 -4.47
CA SER A 59 -13.46 -6.93 -4.95
C SER A 59 -14.97 -7.14 -4.85
N LYS A 60 -15.55 -7.63 -5.93
CA LYS A 60 -16.99 -7.90 -5.98
C LYS A 60 -17.28 -9.32 -6.44
N SER A 61 -16.82 -9.64 -7.66
CA SER A 61 -17.02 -10.97 -8.22
C SER A 61 -15.71 -11.56 -8.71
N GLY A 62 -14.66 -11.45 -7.88
CA GLY A 62 -13.37 -11.98 -8.25
C GLY A 62 -12.58 -11.03 -9.14
N ALA A 63 -12.20 -9.89 -8.60
CA ALA A 63 -11.45 -8.89 -9.35
C ALA A 63 -9.94 -9.13 -9.21
N ARG A 64 -9.21 -8.85 -10.28
CA ARG A 64 -7.77 -9.04 -10.29
C ARG A 64 -7.12 -8.33 -9.09
N PHE A 65 -7.74 -7.22 -8.67
CA PHE A 65 -7.23 -6.46 -7.54
C PHE A 65 -7.56 -7.13 -6.22
N SER A 66 -6.56 -7.75 -5.61
CA SER A 66 -6.74 -8.45 -4.34
C SER A 66 -5.94 -7.79 -3.23
N PHE A 67 -6.55 -7.66 -2.06
CA PHE A 67 -5.89 -7.04 -0.92
C PHE A 67 -5.62 -8.07 0.18
N LYS A 68 -4.35 -8.27 0.48
CA LYS A 68 -3.96 -9.24 1.51
C LYS A 68 -3.54 -8.52 2.79
N GLU A 69 -4.38 -8.61 3.82
CA GLU A 69 -4.10 -7.96 5.09
C GLU A 69 -3.72 -9.00 6.15
N SER A 70 -2.69 -8.69 6.93
CA SER A 70 -2.21 -9.59 7.97
C SER A 70 -1.96 -8.84 9.27
N HIS A 71 -2.90 -8.98 10.21
CA HIS A 71 -2.77 -8.31 11.51
C HIS A 71 -2.06 -9.20 12.51
N ASN A 72 -0.98 -8.69 13.09
CA ASN A 72 -0.21 -9.44 14.08
C ASN A 72 -0.71 -9.16 15.49
N SER A 73 -0.63 -10.18 16.35
CA SER A 73 -1.08 -10.04 17.73
C SER A 73 0.02 -9.47 18.61
N ALA A 74 1.25 -9.90 18.37
CA ALA A 74 2.40 -9.43 19.13
C ALA A 74 2.86 -8.06 18.64
N SER A 75 3.36 -8.02 17.41
CA SER A 75 3.84 -6.76 16.82
C SER A 75 2.71 -5.73 16.75
N ASN A 76 1.52 -6.20 16.42
CA ASN A 76 0.36 -5.31 16.32
C ASN A 76 0.48 -4.39 15.11
N VAL A 77 0.87 -4.97 13.98
CA VAL A 77 1.02 -4.21 12.74
C VAL A 77 0.18 -4.79 11.62
N TYR A 78 -0.43 -3.92 10.84
CA TYR A 78 -1.28 -4.35 9.73
C TYR A 78 -0.51 -4.33 8.41
N THR A 79 -0.23 -5.51 7.87
CA THR A 79 0.51 -5.63 6.62
C THR A 79 -0.44 -5.84 5.45
N VAL A 80 -0.71 -4.76 4.71
CA VAL A 80 -1.60 -4.83 3.56
C VAL A 80 -0.81 -4.85 2.25
N GLU A 81 -1.23 -5.71 1.33
CA GLU A 81 -0.56 -5.82 0.03
C GLU A 81 -1.57 -5.81 -1.11
N LEU A 82 -1.24 -5.09 -2.17
CA LEU A 82 -2.12 -4.99 -3.33
C LEU A 82 -1.55 -5.77 -4.51
N HIS A 83 -2.30 -6.78 -4.96
CA HIS A 83 -1.87 -7.60 -6.10
C HIS A 83 -2.70 -7.29 -7.33
N ILE A 84 -2.01 -7.07 -8.46
CA ILE A 84 -2.69 -6.76 -9.71
C ILE A 84 -2.30 -7.76 -10.80
N GLY A 85 -3.23 -8.64 -11.15
CA GLY A 85 -2.97 -9.63 -12.17
C GLY A 85 -3.34 -9.14 -13.57
N LYS A 86 -2.65 -9.67 -14.58
CA LYS A 86 -2.91 -9.28 -15.96
C LYS A 86 -2.78 -7.77 -16.13
N VAL A 87 -1.70 -7.20 -15.60
CA VAL A 87 -1.45 -5.77 -15.69
C VAL A 87 -1.48 -5.30 -17.15
N VAL A 88 -1.88 -4.05 -17.36
CA VAL A 88 -1.95 -3.49 -18.70
C VAL A 88 -1.36 -2.08 -18.73
N LEU A 89 -0.99 -1.63 -19.92
CA LEU A 89 -0.40 -0.31 -20.09
C LEU A 89 -1.30 0.76 -19.49
N GLY A 90 -2.57 0.43 -19.28
CA GLY A 90 -3.50 1.37 -18.70
C GLY A 90 -3.46 1.36 -17.19
N ASP A 91 -2.98 0.27 -16.61
CA ASP A 91 -2.88 0.15 -15.16
C ASP A 91 -1.66 0.89 -14.62
N ARG A 92 -0.64 1.03 -15.47
CA ARG A 92 0.58 1.71 -15.07
C ARG A 92 0.32 3.19 -14.81
N GLY A 93 1.12 3.78 -13.93
CA GLY A 93 0.96 5.18 -13.60
C GLY A 93 1.27 5.47 -12.14
N TYR A 94 0.23 5.81 -11.39
CA TYR A 94 0.39 6.12 -9.96
C TYR A 94 -0.88 5.78 -9.18
N TYR A 95 -0.69 5.29 -7.96
CA TYR A 95 -1.82 4.91 -7.11
C TYR A 95 -1.81 5.72 -5.82
N ARG A 96 -2.81 5.48 -4.97
CA ARG A 96 -2.93 6.19 -3.71
C ARG A 96 -3.64 5.33 -2.67
N LEU A 97 -3.15 5.36 -1.44
CA LEU A 97 -3.75 4.58 -0.35
C LEU A 97 -4.32 5.50 0.72
N GLU A 98 -5.62 5.37 0.97
CA GLU A 98 -6.29 6.19 1.98
C GLU A 98 -6.46 5.41 3.28
N VAL A 99 -6.24 6.10 4.40
CA VAL A 99 -6.37 5.47 5.71
C VAL A 99 -6.80 6.49 6.76
N LYS A 100 -7.90 6.21 7.44
CA LYS A 100 -8.43 7.10 8.47
C LYS A 100 -8.81 6.32 9.71
N ALA A 101 -8.63 6.94 10.87
CA ALA A 101 -8.96 6.30 12.15
C ALA A 101 -9.65 7.28 13.09
N LYS A 102 -9.94 6.83 14.30
CA LYS A 102 -10.60 7.66 15.30
C LYS A 102 -10.09 9.10 15.22
N ASP A 103 -8.86 9.31 15.66
CA ASP A 103 -8.25 10.63 15.65
C ASP A 103 -6.93 10.61 14.89
N THR A 104 -6.82 9.71 13.92
CA THR A 104 -5.61 9.59 13.13
C THR A 104 -5.92 9.25 11.68
N CYS A 105 -5.46 10.09 10.75
CA CYS A 105 -5.70 9.87 9.34
C CYS A 105 -4.43 10.11 8.52
N ASP A 106 -4.08 9.17 7.66
CA ASP A 106 -2.89 9.29 6.83
C ASP A 106 -3.08 8.53 5.52
N SER A 107 -2.36 8.98 4.49
CA SER A 107 -2.45 8.36 3.17
C SER A 107 -1.08 8.29 2.51
N CYS A 108 -0.90 7.30 1.64
CA CYS A 108 0.37 7.12 0.94
C CYS A 108 0.14 6.58 -0.48
N GLY A 109 0.87 7.15 -1.44
CA GLY A 109 0.73 6.72 -2.82
C GLY A 109 2.01 6.17 -3.39
N PHE A 110 1.92 5.45 -4.50
CA PHE A 110 3.08 4.86 -5.14
C PHE A 110 2.97 4.96 -6.67
N ASN A 111 4.00 4.46 -7.36
CA ASN A 111 4.01 4.50 -8.81
C ASN A 111 4.35 3.13 -9.39
N ILE A 112 3.63 2.74 -10.44
CA ILE A 112 3.86 1.46 -11.09
C ILE A 112 4.17 1.63 -12.57
N ASP A 113 5.05 0.78 -13.09
CA ASP A 113 5.43 0.84 -14.50
C ASP A 113 5.16 -0.50 -15.18
N VAL A 114 4.46 -0.44 -16.31
CA VAL A 114 4.13 -1.64 -17.07
C VAL A 114 4.92 -1.70 -18.38
N GLU A 115 6.09 -2.33 -18.34
CA GLU A 115 6.93 -2.45 -19.53
C GLU A 115 6.22 -3.26 -20.62
N ALA A 116 6.42 -2.86 -21.87
CA ALA A 116 5.82 -3.55 -23.00
C ALA A 116 6.79 -4.54 -23.63
N PRO A 117 6.24 -5.60 -24.24
CA PRO A 117 7.05 -6.64 -24.90
C PRO A 117 7.71 -6.14 -26.17
N ARG A 118 8.87 -6.70 -26.49
CA ARG A 118 9.61 -6.31 -27.69
C ARG A 118 8.68 -6.23 -28.90
N GLY A 1 20.53 -14.96 12.69
CA GLY A 1 20.25 -14.00 13.74
C GLY A 1 19.64 -12.72 13.22
N SER A 2 19.41 -11.77 14.11
CA SER A 2 18.81 -10.49 13.73
C SER A 2 19.59 -9.33 14.34
N SER A 3 20.20 -8.52 13.47
CA SER A 3 20.98 -7.37 13.91
C SER A 3 20.07 -6.23 14.36
N GLY A 4 19.47 -6.39 15.53
CA GLY A 4 18.58 -5.37 16.06
C GLY A 4 19.16 -4.68 17.29
N SER A 5 19.01 -3.37 17.34
CA SER A 5 19.52 -2.58 18.46
C SER A 5 18.82 -1.23 18.54
N SER A 6 18.98 -0.56 19.68
CA SER A 6 18.36 0.75 19.88
C SER A 6 19.42 1.84 19.98
N GLY A 7 19.24 2.89 19.18
CA GLY A 7 20.18 3.99 19.18
C GLY A 7 19.59 5.27 18.64
N ALA A 8 18.70 5.88 19.40
CA ALA A 8 18.05 7.13 18.98
C ALA A 8 17.14 6.89 17.78
N GLU A 9 16.35 5.82 17.85
CA GLU A 9 15.43 5.48 16.76
C GLU A 9 13.99 5.84 17.15
N GLU A 10 13.43 6.82 16.46
CA GLU A 10 12.07 7.26 16.72
C GLU A 10 11.21 7.18 15.45
N PRO A 11 9.96 6.74 15.62
CA PRO A 11 9.02 6.60 14.50
C PRO A 11 8.57 7.95 13.94
N THR A 12 8.47 8.02 12.62
CA THR A 12 8.05 9.26 11.96
C THR A 12 6.54 9.40 11.97
N GLY A 13 5.85 8.51 11.27
CA GLY A 13 4.41 8.56 11.21
C GLY A 13 3.78 7.21 11.53
N VAL A 14 2.51 7.05 11.14
CA VAL A 14 1.79 5.81 11.38
C VAL A 14 2.23 4.72 10.42
N PHE A 15 2.51 5.10 9.18
CA PHE A 15 2.95 4.16 8.17
C PHE A 15 4.37 3.68 8.44
N LEU A 16 4.47 2.50 9.08
CA LEU A 16 5.78 1.94 9.41
C LEU A 16 6.60 1.69 8.15
N LYS A 17 5.92 1.37 7.06
CA LYS A 17 6.59 1.12 5.79
C LYS A 17 5.71 1.53 4.61
N LYS A 18 6.27 2.31 3.70
CA LYS A 18 5.53 2.78 2.53
C LYS A 18 5.91 1.96 1.30
N PRO A 19 4.92 1.76 0.41
CA PRO A 19 5.13 0.99 -0.83
C PRO A 19 6.01 1.73 -1.83
N ASP A 20 7.05 1.05 -2.30
CA ASP A 20 7.98 1.64 -3.26
C ASP A 20 7.58 1.29 -4.69
N SER A 21 7.55 2.28 -5.57
CA SER A 21 7.17 2.08 -6.95
C SER A 21 7.78 0.79 -7.49
N VAL A 22 6.98 0.04 -8.25
CA VAL A 22 7.43 -1.23 -8.82
C VAL A 22 7.08 -1.31 -10.31
N SER A 23 8.08 -1.58 -11.13
CA SER A 23 7.87 -1.68 -12.58
C SER A 23 7.65 -3.14 -12.99
N VAL A 24 6.45 -3.42 -13.48
CA VAL A 24 6.11 -4.77 -13.91
C VAL A 24 5.86 -4.82 -15.41
N GLU A 25 5.78 -6.04 -15.96
CA GLU A 25 5.54 -6.22 -17.38
C GLU A 25 4.08 -6.58 -17.65
N THR A 26 3.61 -6.24 -18.84
CA THR A 26 2.23 -6.52 -19.23
C THR A 26 1.93 -8.01 -19.18
N GLY A 27 0.78 -8.37 -18.63
CA GLY A 27 0.41 -9.77 -18.54
C GLY A 27 0.94 -10.43 -17.29
N LYS A 28 1.68 -9.68 -16.49
CA LYS A 28 2.25 -10.20 -15.26
C LYS A 28 1.42 -9.78 -14.05
N ASP A 29 1.90 -10.11 -12.85
CA ASP A 29 1.20 -9.78 -11.62
C ASP A 29 2.02 -8.81 -10.78
N ALA A 30 1.46 -7.65 -10.49
CA ALA A 30 2.14 -6.64 -9.68
C ALA A 30 1.94 -6.91 -8.20
N VAL A 31 2.94 -6.54 -7.40
CA VAL A 31 2.89 -6.73 -5.96
C VAL A 31 3.39 -5.50 -5.21
N VAL A 32 2.56 -4.99 -4.30
CA VAL A 32 2.93 -3.82 -3.52
C VAL A 32 2.78 -4.08 -2.03
N VAL A 33 3.89 -3.98 -1.30
CA VAL A 33 3.89 -4.22 0.14
C VAL A 33 3.81 -2.90 0.90
N ALA A 34 3.01 -2.89 1.97
CA ALA A 34 2.85 -1.69 2.79
C ALA A 34 2.34 -2.05 4.19
N LYS A 35 3.02 -1.55 5.20
CA LYS A 35 2.62 -1.81 6.58
C LYS A 35 1.99 -0.58 7.22
N VAL A 36 1.18 -0.80 8.25
CA VAL A 36 0.51 0.29 8.94
C VAL A 36 0.49 0.06 10.44
N ASN A 37 0.99 1.04 11.20
CA ASN A 37 1.03 0.94 12.66
C ASN A 37 -0.37 1.13 13.25
N GLY A 38 -0.82 0.12 13.99
CA GLY A 38 -2.13 0.19 14.60
C GLY A 38 -2.12 0.97 15.90
N LYS A 39 -1.12 0.71 16.74
CA LYS A 39 -1.00 1.39 18.02
C LYS A 39 -1.17 2.90 17.86
N GLU A 40 -0.35 3.49 16.99
CA GLU A 40 -0.40 4.92 16.74
C GLU A 40 -1.84 5.37 16.47
N LEU A 41 -2.57 4.58 15.68
CA LEU A 41 -3.96 4.89 15.36
C LEU A 41 -4.86 4.68 16.56
N PRO A 42 -5.84 5.58 16.75
CA PRO A 42 -6.79 5.50 17.85
C PRO A 42 -7.77 4.34 17.70
N ASP A 43 -8.29 4.18 16.49
CA ASP A 43 -9.24 3.11 16.21
C ASP A 43 -8.79 2.29 14.99
N LYS A 44 -9.63 1.34 14.59
CA LYS A 44 -9.31 0.49 13.45
C LYS A 44 -9.24 1.30 12.16
N PRO A 45 -8.07 1.26 11.50
CA PRO A 45 -7.84 1.99 10.25
C PRO A 45 -8.63 1.41 9.09
N THR A 46 -8.82 2.22 8.05
CA THR A 46 -9.57 1.78 6.87
C THR A 46 -8.67 1.75 5.64
N ILE A 47 -8.43 0.56 5.12
CA ILE A 47 -7.58 0.40 3.94
C ILE A 47 -8.40 0.55 2.67
N LYS A 48 -7.87 1.32 1.72
CA LYS A 48 -8.54 1.55 0.44
C LYS A 48 -7.55 1.98 -0.63
N TRP A 49 -7.56 1.28 -1.76
CA TRP A 49 -6.66 1.60 -2.86
C TRP A 49 -7.39 2.40 -3.94
N PHE A 50 -6.80 3.55 -4.30
CA PHE A 50 -7.39 4.41 -5.32
C PHE A 50 -6.38 4.70 -6.43
N LYS A 51 -6.87 4.72 -7.67
CA LYS A 51 -6.03 4.97 -8.82
C LYS A 51 -6.22 6.39 -9.33
N GLY A 52 -5.25 7.27 -9.03
CA GLY A 52 -5.34 8.65 -9.47
C GLY A 52 -6.75 9.20 -9.39
N LYS A 53 -7.49 9.09 -10.49
CA LYS A 53 -8.87 9.57 -10.53
C LYS A 53 -9.69 9.02 -9.37
N TRP A 54 -10.90 9.53 -9.21
CA TRP A 54 -11.78 9.08 -8.13
C TRP A 54 -12.37 7.70 -8.45
N LEU A 55 -11.50 6.77 -8.84
CA LEU A 55 -11.93 5.42 -9.16
C LEU A 55 -11.86 4.51 -7.94
N GLU A 56 -12.26 3.26 -8.11
CA GLU A 56 -12.24 2.29 -7.02
C GLU A 56 -11.84 0.91 -7.53
N LEU A 57 -10.64 0.47 -7.18
CA LEU A 57 -10.14 -0.83 -7.59
C LEU A 57 -11.06 -1.95 -7.11
N GLY A 58 -11.37 -1.93 -5.82
CA GLY A 58 -12.24 -2.94 -5.25
C GLY A 58 -13.31 -3.39 -6.21
N SER A 59 -13.45 -4.71 -6.39
CA SER A 59 -14.44 -5.26 -7.29
C SER A 59 -15.02 -6.57 -6.74
N LYS A 60 -15.92 -7.17 -7.49
CA LYS A 60 -16.55 -8.42 -7.07
C LYS A 60 -15.50 -9.46 -6.71
N SER A 61 -15.88 -10.41 -5.85
CA SER A 61 -14.97 -11.46 -5.43
C SER A 61 -14.10 -11.95 -6.59
N GLY A 62 -14.70 -11.97 -7.78
CA GLY A 62 -13.97 -12.42 -8.96
C GLY A 62 -13.31 -11.28 -9.70
N ALA A 63 -12.05 -11.02 -9.39
CA ALA A 63 -11.30 -9.94 -10.03
C ALA A 63 -9.81 -10.08 -9.78
N ARG A 64 -9.01 -9.60 -10.72
CA ARG A 64 -7.56 -9.67 -10.60
C ARG A 64 -7.07 -8.87 -9.40
N PHE A 65 -7.97 -8.06 -8.83
CA PHE A 65 -7.64 -7.24 -7.67
C PHE A 65 -7.69 -8.06 -6.39
N SER A 66 -6.53 -8.26 -5.77
CA SER A 66 -6.44 -9.02 -4.53
C SER A 66 -5.90 -8.18 -3.40
N PHE A 67 -6.30 -8.49 -2.18
CA PHE A 67 -5.85 -7.75 -1.00
C PHE A 67 -5.59 -8.70 0.16
N LYS A 68 -4.35 -8.68 0.66
CA LYS A 68 -3.96 -9.53 1.77
C LYS A 68 -3.61 -8.70 3.00
N GLU A 69 -4.48 -8.76 4.01
CA GLU A 69 -4.27 -8.01 5.24
C GLU A 69 -4.10 -8.96 6.43
N SER A 70 -3.02 -8.75 7.18
CA SER A 70 -2.73 -9.58 8.34
C SER A 70 -2.47 -8.73 9.57
N HIS A 71 -3.48 -8.60 10.42
CA HIS A 71 -3.37 -7.81 11.64
C HIS A 71 -2.73 -8.63 12.76
N ASN A 72 -1.76 -8.03 13.45
CA ASN A 72 -1.07 -8.70 14.53
C ASN A 72 -1.61 -8.25 15.90
N SER A 73 -1.58 -9.15 16.88
CA SER A 73 -2.08 -8.84 18.21
C SER A 73 -0.92 -8.48 19.14
N ALA A 74 0.30 -8.67 18.67
CA ALA A 74 1.49 -8.36 19.46
C ALA A 74 2.18 -7.11 18.95
N SER A 75 2.40 -7.05 17.64
CA SER A 75 3.06 -5.92 17.02
C SER A 75 2.03 -4.87 16.57
N ASN A 76 0.75 -5.17 16.81
CA ASN A 76 -0.32 -4.26 16.44
C ASN A 76 -0.03 -3.60 15.09
N VAL A 77 0.42 -4.40 14.13
CA VAL A 77 0.74 -3.88 12.80
C VAL A 77 -0.16 -4.51 11.74
N TYR A 78 -0.57 -3.71 10.77
CA TYR A 78 -1.44 -4.19 9.70
C TYR A 78 -0.67 -4.27 8.38
N THR A 79 -0.30 -5.48 8.00
CA THR A 79 0.43 -5.70 6.76
C THR A 79 -0.51 -5.90 5.58
N VAL A 80 -0.58 -4.90 4.70
CA VAL A 80 -1.45 -4.97 3.53
C VAL A 80 -0.64 -5.07 2.25
N GLU A 81 -1.12 -5.87 1.31
CA GLU A 81 -0.44 -6.05 0.04
C GLU A 81 -1.43 -6.03 -1.12
N LEU A 82 -1.16 -5.16 -2.10
CA LEU A 82 -2.03 -5.03 -3.26
C LEU A 82 -1.45 -5.79 -4.46
N HIS A 83 -2.09 -6.90 -4.82
CA HIS A 83 -1.65 -7.70 -5.95
C HIS A 83 -2.58 -7.53 -7.14
N ILE A 84 -1.98 -7.27 -8.31
CA ILE A 84 -2.76 -7.07 -9.53
C ILE A 84 -2.27 -8.01 -10.64
N GLY A 85 -3.06 -9.04 -10.92
CA GLY A 85 -2.70 -10.00 -11.95
C GLY A 85 -3.17 -9.55 -13.32
N LYS A 86 -2.49 -10.04 -14.36
CA LYS A 86 -2.84 -9.70 -15.73
C LYS A 86 -2.83 -8.18 -15.93
N VAL A 87 -1.82 -7.53 -15.38
CA VAL A 87 -1.69 -6.08 -15.50
C VAL A 87 -1.67 -5.65 -16.96
N VAL A 88 -1.81 -4.34 -17.19
CA VAL A 88 -1.81 -3.80 -18.54
C VAL A 88 -1.31 -2.36 -18.56
N LEU A 89 -1.09 -1.84 -19.75
CA LEU A 89 -0.61 -0.46 -19.90
C LEU A 89 -1.59 0.53 -19.28
N GLY A 90 -2.88 0.29 -19.50
CA GLY A 90 -3.89 1.16 -18.95
C GLY A 90 -3.85 1.23 -17.44
N ASP A 91 -3.26 0.20 -16.82
CA ASP A 91 -3.16 0.15 -15.37
C ASP A 91 -2.04 1.06 -14.87
N ARG A 92 -0.87 0.94 -15.48
CA ARG A 92 0.28 1.75 -15.09
C ARG A 92 -0.13 3.21 -14.88
N GLY A 93 0.66 3.93 -14.10
CA GLY A 93 0.36 5.33 -13.84
C GLY A 93 0.69 5.73 -12.41
N TYR A 94 -0.34 5.95 -11.60
CA TYR A 94 -0.14 6.35 -10.21
C TYR A 94 -1.28 5.82 -9.33
N TYR A 95 -0.98 5.61 -8.06
CA TYR A 95 -1.98 5.10 -7.12
C TYR A 95 -1.89 5.84 -5.78
N ARG A 96 -2.86 5.60 -4.91
CA ARG A 96 -2.89 6.24 -3.61
C ARG A 96 -3.57 5.33 -2.57
N LEU A 97 -2.93 5.20 -1.41
CA LEU A 97 -3.48 4.36 -0.35
C LEU A 97 -4.01 5.22 0.80
N GLU A 98 -5.31 5.10 1.05
CA GLU A 98 -5.96 5.87 2.12
C GLU A 98 -6.10 5.03 3.38
N VAL A 99 -5.73 5.60 4.52
CA VAL A 99 -5.81 4.90 5.80
C VAL A 99 -6.29 5.84 6.90
N LYS A 100 -7.50 5.58 7.40
CA LYS A 100 -8.08 6.41 8.46
C LYS A 100 -8.76 5.53 9.51
N ALA A 101 -8.44 5.77 10.77
CA ALA A 101 -9.02 5.01 11.87
C ALA A 101 -10.18 5.76 12.51
N LYS A 102 -9.84 6.78 13.30
CA LYS A 102 -10.84 7.58 13.98
C LYS A 102 -10.68 9.06 13.62
N ASP A 103 -9.63 9.68 14.13
CA ASP A 103 -9.37 11.09 13.87
C ASP A 103 -8.09 11.26 13.05
N THR A 104 -7.28 10.21 13.00
CA THR A 104 -6.03 10.24 12.25
C THR A 104 -6.23 9.72 10.84
N CYS A 105 -5.79 10.51 9.86
CA CYS A 105 -5.92 10.13 8.46
C CYS A 105 -4.57 10.19 7.76
N ASP A 106 -4.04 9.01 7.43
CA ASP A 106 -2.74 8.92 6.75
C ASP A 106 -2.86 8.15 5.45
N SER A 107 -2.19 8.64 4.40
CA SER A 107 -2.24 8.00 3.10
C SER A 107 -0.87 8.05 2.43
N CYS A 108 -0.62 7.09 1.54
CA CYS A 108 0.66 7.03 0.83
C CYS A 108 0.45 7.15 -0.67
N GLY A 109 1.51 7.51 -1.39
CA GLY A 109 1.43 7.66 -2.83
C GLY A 109 2.56 6.97 -3.56
N PHE A 110 2.21 6.02 -4.42
CA PHE A 110 3.21 5.29 -5.18
C PHE A 110 2.84 5.22 -6.67
N ASN A 111 3.80 4.86 -7.50
CA ASN A 111 3.58 4.78 -8.93
C ASN A 111 3.96 3.39 -9.47
N ILE A 112 3.29 2.97 -10.54
CA ILE A 112 3.56 1.67 -11.13
C ILE A 112 3.88 1.80 -12.62
N ASP A 113 4.71 0.90 -13.13
CA ASP A 113 5.09 0.92 -14.54
C ASP A 113 4.77 -0.42 -15.21
N VAL A 114 4.07 -0.36 -16.33
CA VAL A 114 3.71 -1.57 -17.06
C VAL A 114 4.42 -1.64 -18.41
N GLU A 115 5.56 -2.33 -18.43
CA GLU A 115 6.34 -2.48 -19.65
C GLU A 115 5.68 -3.46 -20.61
N ALA A 116 5.56 -3.06 -21.87
CA ALA A 116 4.95 -3.91 -22.89
C ALA A 116 5.90 -5.01 -23.33
N PRO A 117 5.33 -6.10 -23.88
CA PRO A 117 6.11 -7.24 -24.35
C PRO A 117 6.93 -6.92 -25.61
N ARG A 118 7.79 -7.84 -26.02
CA ARG A 118 8.62 -7.65 -27.19
C ARG A 118 7.85 -6.92 -28.29
N GLY A 1 16.00 11.34 10.90
CA GLY A 1 15.07 10.51 11.65
C GLY A 1 15.74 9.36 12.35
N SER A 2 16.48 9.65 13.41
CA SER A 2 17.19 8.63 14.16
C SER A 2 16.46 8.30 15.46
N SER A 3 15.45 7.43 15.36
CA SER A 3 14.66 7.03 16.52
C SER A 3 15.57 6.51 17.63
N GLY A 4 15.82 7.37 18.62
CA GLY A 4 16.66 6.97 19.74
C GLY A 4 16.67 8.00 20.85
N SER A 5 16.85 9.26 20.49
CA SER A 5 16.88 10.35 21.47
C SER A 5 15.68 11.27 21.29
N SER A 6 15.16 11.78 22.40
CA SER A 6 14.01 12.67 22.37
C SER A 6 14.46 14.12 22.25
N GLY A 7 14.73 14.55 21.02
CA GLY A 7 15.16 15.92 20.78
C GLY A 7 14.11 16.73 20.05
N ALA A 8 13.95 16.47 18.76
CA ALA A 8 12.98 17.18 17.94
C ALA A 8 11.56 16.70 18.24
N GLU A 9 10.61 17.64 18.27
CA GLU A 9 9.22 17.31 18.53
C GLU A 9 8.46 17.06 17.24
N GLU A 10 8.89 16.07 16.49
CA GLU A 10 8.25 15.72 15.22
C GLU A 10 7.63 14.33 15.27
N PRO A 11 6.54 14.14 14.52
CA PRO A 11 5.84 12.85 14.47
C PRO A 11 6.64 11.78 13.75
N THR A 12 6.58 10.55 14.25
CA THR A 12 7.31 9.44 13.66
C THR A 12 6.51 8.81 12.52
N GLY A 13 5.24 9.16 12.42
CA GLY A 13 4.39 8.63 11.38
C GLY A 13 3.63 7.39 11.82
N VAL A 14 2.76 6.90 10.95
CA VAL A 14 1.96 5.71 11.26
C VAL A 14 2.25 4.59 10.27
N PHE A 15 2.78 4.96 9.11
CA PHE A 15 3.10 3.98 8.07
C PHE A 15 4.51 3.42 8.27
N LEU A 16 4.59 2.27 8.93
CA LEU A 16 5.87 1.63 9.19
C LEU A 16 6.64 1.42 7.89
N LYS A 17 5.92 1.09 6.83
CA LYS A 17 6.53 0.86 5.53
C LYS A 17 5.65 1.40 4.40
N LYS A 18 6.24 2.18 3.51
CA LYS A 18 5.50 2.75 2.39
C LYS A 18 5.66 1.90 1.14
N PRO A 19 4.63 1.90 0.29
CA PRO A 19 4.63 1.12 -0.96
C PRO A 19 5.61 1.68 -1.98
N ASP A 20 6.74 1.01 -2.15
CA ASP A 20 7.75 1.44 -3.10
C ASP A 20 7.33 1.12 -4.53
N SER A 21 7.60 2.05 -5.44
CA SER A 21 7.24 1.88 -6.85
C SER A 21 7.77 0.56 -7.38
N VAL A 22 6.95 -0.13 -8.17
CA VAL A 22 7.34 -1.41 -8.75
C VAL A 22 6.99 -1.48 -10.23
N SER A 23 8.01 -1.62 -11.07
CA SER A 23 7.82 -1.68 -12.51
C SER A 23 7.69 -3.13 -12.98
N VAL A 24 6.48 -3.54 -13.32
CA VAL A 24 6.23 -4.91 -13.78
C VAL A 24 6.10 -4.96 -15.30
N GLU A 25 6.12 -6.17 -15.84
CA GLU A 25 6.00 -6.34 -17.28
C GLU A 25 4.57 -6.74 -17.67
N THR A 26 4.08 -6.14 -18.75
CA THR A 26 2.73 -6.41 -19.22
C THR A 26 2.46 -7.92 -19.25
N GLY A 27 1.28 -8.31 -18.80
CA GLY A 27 0.91 -9.71 -18.80
C GLY A 27 1.39 -10.42 -17.55
N LYS A 28 2.17 -9.72 -16.73
CA LYS A 28 2.70 -10.29 -15.50
C LYS A 28 1.82 -9.93 -14.31
N ASP A 29 2.25 -10.32 -13.12
CA ASP A 29 1.49 -10.03 -11.90
C ASP A 29 2.24 -9.05 -11.01
N ALA A 30 1.58 -7.95 -10.65
CA ALA A 30 2.20 -6.93 -9.80
C ALA A 30 1.90 -7.20 -8.33
N VAL A 31 2.78 -6.74 -7.45
CA VAL A 31 2.62 -6.93 -6.01
C VAL A 31 3.23 -5.77 -5.24
N VAL A 32 2.43 -5.18 -4.34
CA VAL A 32 2.89 -4.06 -3.53
C VAL A 32 2.91 -4.43 -2.06
N VAL A 33 3.77 -3.76 -1.30
CA VAL A 33 3.90 -4.01 0.13
C VAL A 33 3.78 -2.72 0.94
N ALA A 34 2.91 -2.73 1.93
CA ALA A 34 2.70 -1.56 2.78
C ALA A 34 2.26 -1.96 4.18
N LYS A 35 2.99 -1.49 5.18
CA LYS A 35 2.67 -1.80 6.57
C LYS A 35 2.04 -0.60 7.27
N VAL A 36 1.26 -0.88 8.31
CA VAL A 36 0.60 0.18 9.07
C VAL A 36 0.70 -0.07 10.57
N ASN A 37 1.32 0.86 11.28
CA ASN A 37 1.48 0.74 12.73
C ASN A 37 0.15 0.95 13.44
N GLY A 38 -0.40 -0.13 13.98
CA GLY A 38 -1.67 -0.05 14.69
C GLY A 38 -1.54 0.65 16.03
N LYS A 39 -0.45 0.36 16.75
CA LYS A 39 -0.21 0.97 18.05
C LYS A 39 -0.38 2.48 17.99
N GLU A 40 0.38 3.11 17.09
CA GLU A 40 0.30 4.56 16.93
C GLU A 40 -1.13 5.02 16.70
N LEU A 41 -1.88 4.25 15.93
CA LEU A 41 -3.27 4.57 15.63
C LEU A 41 -4.16 4.29 16.83
N PRO A 42 -5.15 5.18 17.06
CA PRO A 42 -6.09 5.04 18.17
C PRO A 42 -7.05 3.87 17.97
N ASP A 43 -7.56 3.73 16.75
CA ASP A 43 -8.48 2.64 16.43
C ASP A 43 -8.08 1.94 15.15
N LYS A 44 -8.87 0.95 14.74
CA LYS A 44 -8.60 0.20 13.52
C LYS A 44 -8.66 1.10 12.30
N PRO A 45 -7.53 1.21 11.58
CA PRO A 45 -7.43 2.03 10.37
C PRO A 45 -8.24 1.46 9.21
N THR A 46 -8.62 2.33 8.29
CA THR A 46 -9.40 1.91 7.12
C THR A 46 -8.52 1.84 5.87
N ILE A 47 -8.32 0.63 5.37
CA ILE A 47 -7.51 0.42 4.17
C ILE A 47 -8.36 0.52 2.91
N LYS A 48 -7.91 1.34 1.97
CA LYS A 48 -8.63 1.53 0.70
C LYS A 48 -7.66 1.85 -0.42
N TRP A 49 -7.70 1.05 -1.49
CA TRP A 49 -6.82 1.26 -2.63
C TRP A 49 -7.51 2.10 -3.69
N PHE A 50 -6.96 3.29 -3.95
CA PHE A 50 -7.53 4.19 -4.95
C PHE A 50 -6.58 4.36 -6.13
N LYS A 51 -7.15 4.63 -7.30
CA LYS A 51 -6.37 4.81 -8.51
C LYS A 51 -6.10 6.29 -8.77
N GLY A 52 -5.17 6.57 -9.68
CA GLY A 52 -4.84 7.94 -10.01
C GLY A 52 -6.06 8.84 -10.08
N LYS A 53 -7.17 8.28 -10.55
CA LYS A 53 -8.41 9.04 -10.66
C LYS A 53 -9.26 8.88 -9.41
N TRP A 54 -10.46 9.45 -9.45
CA TRP A 54 -11.37 9.37 -8.31
C TRP A 54 -12.14 8.05 -8.30
N LEU A 55 -11.47 6.98 -8.72
CA LEU A 55 -12.09 5.66 -8.76
C LEU A 55 -12.03 4.99 -7.40
N GLU A 56 -12.51 3.74 -7.34
CA GLU A 56 -12.50 2.99 -6.09
C GLU A 56 -12.35 1.49 -6.36
N LEU A 57 -11.18 0.96 -6.05
CA LEU A 57 -10.90 -0.46 -6.26
C LEU A 57 -11.57 -1.31 -5.18
N GLY A 58 -11.61 -2.62 -5.41
CA GLY A 58 -12.21 -3.52 -4.45
C GLY A 58 -13.62 -3.93 -4.86
N SER A 59 -13.79 -4.30 -6.12
CA SER A 59 -15.08 -4.71 -6.63
C SER A 59 -15.02 -6.12 -7.22
N LYS A 60 -16.15 -6.58 -7.76
CA LYS A 60 -16.22 -7.91 -8.35
C LYS A 60 -15.82 -7.87 -9.81
N SER A 61 -15.62 -6.67 -10.34
CA SER A 61 -15.25 -6.50 -11.74
C SER A 61 -13.74 -6.66 -11.92
N GLY A 62 -12.98 -6.12 -10.97
CA GLY A 62 -11.53 -6.22 -11.04
C GLY A 62 -10.98 -7.36 -10.20
N ALA A 63 -11.33 -8.59 -10.57
CA ALA A 63 -10.87 -9.77 -9.83
C ALA A 63 -9.36 -9.72 -9.63
N ARG A 64 -8.62 -9.58 -10.72
CA ARG A 64 -7.16 -9.53 -10.65
C ARG A 64 -6.70 -8.74 -9.44
N PHE A 65 -7.44 -7.69 -9.10
CA PHE A 65 -7.10 -6.85 -7.95
C PHE A 65 -7.43 -7.56 -6.65
N SER A 66 -6.39 -7.93 -5.90
CA SER A 66 -6.57 -8.62 -4.63
C SER A 66 -5.82 -7.90 -3.51
N PHE A 67 -6.45 -7.80 -2.35
CA PHE A 67 -5.84 -7.14 -1.20
C PHE A 67 -5.60 -8.13 -0.06
N LYS A 68 -4.34 -8.28 0.33
CA LYS A 68 -3.98 -9.20 1.40
C LYS A 68 -3.61 -8.43 2.67
N GLU A 69 -4.44 -8.56 3.70
CA GLU A 69 -4.19 -7.88 4.96
C GLU A 69 -4.01 -8.88 6.09
N SER A 70 -2.93 -8.71 6.86
CA SER A 70 -2.62 -9.60 7.97
C SER A 70 -2.32 -8.82 9.23
N HIS A 71 -3.30 -8.73 10.12
CA HIS A 71 -3.15 -8.01 11.38
C HIS A 71 -2.49 -8.89 12.43
N ASN A 72 -1.51 -8.31 13.14
CA ASN A 72 -0.79 -9.04 14.18
C ASN A 72 -1.29 -8.64 15.57
N SER A 73 -1.15 -9.56 16.52
CA SER A 73 -1.59 -9.30 17.89
C SER A 73 -0.41 -8.91 18.77
N ALA A 74 0.79 -9.03 18.22
CA ALA A 74 2.01 -8.69 18.96
C ALA A 74 2.64 -7.40 18.41
N SER A 75 3.01 -7.44 17.13
CA SER A 75 3.63 -6.28 16.49
C SER A 75 2.61 -5.17 16.27
N ASN A 76 1.34 -5.50 16.43
CA ASN A 76 0.26 -4.54 16.25
C ASN A 76 0.45 -3.76 14.96
N VAL A 77 0.70 -4.47 13.87
CA VAL A 77 0.90 -3.85 12.56
C VAL A 77 0.04 -4.52 11.50
N TYR A 78 -0.62 -3.72 10.69
CA TYR A 78 -1.48 -4.24 9.63
C TYR A 78 -0.74 -4.24 8.28
N THR A 79 -0.26 -5.41 7.88
CA THR A 79 0.46 -5.54 6.62
C THR A 79 -0.49 -5.74 5.46
N VAL A 80 -0.55 -4.77 4.56
CA VAL A 80 -1.43 -4.85 3.39
C VAL A 80 -0.62 -4.89 2.10
N GLU A 81 -1.06 -5.74 1.17
CA GLU A 81 -0.37 -5.89 -0.10
C GLU A 81 -1.38 -5.89 -1.26
N LEU A 82 -1.00 -5.25 -2.36
CA LEU A 82 -1.86 -5.17 -3.53
C LEU A 82 -1.31 -6.02 -4.67
N HIS A 83 -2.10 -6.99 -5.11
CA HIS A 83 -1.70 -7.88 -6.21
C HIS A 83 -2.55 -7.65 -7.44
N ILE A 84 -1.91 -7.45 -8.58
CA ILE A 84 -2.61 -7.22 -9.83
C ILE A 84 -2.18 -8.22 -10.90
N GLY A 85 -3.04 -9.18 -11.19
CA GLY A 85 -2.73 -10.20 -12.19
C GLY A 85 -3.08 -9.75 -13.59
N LYS A 86 -2.30 -10.18 -14.56
CA LYS A 86 -2.53 -9.82 -15.96
C LYS A 86 -2.45 -8.31 -16.15
N VAL A 87 -1.47 -7.69 -15.48
CA VAL A 87 -1.28 -6.25 -15.58
C VAL A 87 -1.22 -5.79 -17.04
N VAL A 88 -1.67 -4.58 -17.30
CA VAL A 88 -1.67 -4.03 -18.66
C VAL A 88 -1.21 -2.57 -18.65
N LEU A 89 -0.91 -2.06 -19.83
CA LEU A 89 -0.47 -0.67 -19.97
C LEU A 89 -1.52 0.30 -19.45
N GLY A 90 -2.79 -0.09 -19.57
CA GLY A 90 -3.87 0.75 -19.10
C GLY A 90 -3.93 0.83 -17.60
N ASP A 91 -3.27 -0.10 -16.92
CA ASP A 91 -3.25 -0.12 -15.47
C ASP A 91 -2.10 0.72 -14.92
N ARG A 92 -0.95 0.65 -15.59
CA ARG A 92 0.22 1.40 -15.17
C ARG A 92 -0.12 2.88 -14.99
N GLY A 93 0.49 3.50 -13.98
CA GLY A 93 0.23 4.90 -13.71
C GLY A 93 0.55 5.28 -12.28
N TYR A 94 -0.49 5.61 -11.51
CA TYR A 94 -0.32 6.00 -10.12
C TYR A 94 -1.51 5.54 -9.27
N TYR A 95 -1.27 5.36 -7.98
CA TYR A 95 -2.32 4.91 -7.06
C TYR A 95 -2.17 5.61 -5.71
N ARG A 96 -3.31 5.76 -5.02
CA ARG A 96 -3.32 6.41 -3.72
C ARG A 96 -3.91 5.49 -2.65
N LEU A 97 -3.30 5.47 -1.48
CA LEU A 97 -3.78 4.63 -0.38
C LEU A 97 -4.29 5.48 0.77
N GLU A 98 -5.60 5.42 1.02
CA GLU A 98 -6.21 6.19 2.09
C GLU A 98 -6.26 5.37 3.38
N VAL A 99 -5.95 6.01 4.50
CA VAL A 99 -5.97 5.35 5.80
C VAL A 99 -6.32 6.32 6.92
N LYS A 100 -7.50 6.16 7.48
CA LYS A 100 -7.96 7.02 8.56
C LYS A 100 -8.25 6.21 9.82
N ALA A 101 -8.10 6.86 10.98
CA ALA A 101 -8.35 6.20 12.25
C ALA A 101 -9.25 7.05 13.15
N LYS A 102 -9.45 6.59 14.37
CA LYS A 102 -10.30 7.31 15.32
C LYS A 102 -10.21 8.81 15.10
N ASP A 103 -9.00 9.35 15.23
CA ASP A 103 -8.78 10.78 15.04
C ASP A 103 -7.61 11.02 14.08
N THR A 104 -6.63 10.13 14.11
CA THR A 104 -5.46 10.25 13.24
C THR A 104 -5.81 9.94 11.79
N CYS A 105 -5.14 10.61 10.87
CA CYS A 105 -5.37 10.40 9.45
C CYS A 105 -4.06 10.44 8.67
N ASP A 106 -3.85 9.43 7.83
CA ASP A 106 -2.63 9.35 7.03
C ASP A 106 -2.89 8.61 5.72
N SER A 107 -2.17 8.99 4.68
CA SER A 107 -2.33 8.37 3.37
C SER A 107 -1.02 8.41 2.58
N CYS A 108 -0.71 7.31 1.90
CA CYS A 108 0.51 7.20 1.12
C CYS A 108 0.19 6.97 -0.35
N GLY A 109 1.17 7.24 -1.22
CA GLY A 109 0.98 7.06 -2.64
C GLY A 109 2.16 6.38 -3.30
N PHE A 110 1.87 5.54 -4.29
CA PHE A 110 2.92 4.81 -5.01
C PHE A 110 2.72 4.92 -6.51
N ASN A 111 3.66 4.35 -7.27
CA ASN A 111 3.59 4.39 -8.72
C ASN A 111 3.94 3.02 -9.32
N ILE A 112 3.20 2.62 -10.34
CA ILE A 112 3.43 1.34 -10.99
C ILE A 112 3.75 1.53 -12.47
N ASP A 113 4.65 0.70 -12.99
CA ASP A 113 5.04 0.78 -14.39
C ASP A 113 4.86 -0.57 -15.08
N VAL A 114 4.22 -0.55 -16.25
CA VAL A 114 3.97 -1.77 -17.01
C VAL A 114 4.76 -1.78 -18.30
N GLU A 115 5.94 -2.38 -18.27
CA GLU A 115 6.80 -2.46 -19.45
C GLU A 115 6.16 -3.34 -20.52
N ALA A 116 6.13 -2.83 -21.76
CA ALA A 116 5.56 -3.57 -22.87
C ALA A 116 6.63 -4.36 -23.61
N PRO A 117 6.21 -5.45 -24.28
CA PRO A 117 7.12 -6.31 -25.04
C PRO A 117 7.65 -5.62 -26.30
N ARG A 118 8.87 -5.95 -26.68
CA ARG A 118 9.49 -5.37 -27.86
C ARG A 118 10.28 -6.42 -28.64
N GLY A 1 22.66 -4.88 7.09
CA GLY A 1 22.08 -3.66 7.63
C GLY A 1 22.87 -3.13 8.82
N SER A 2 22.46 -1.97 9.31
CA SER A 2 23.14 -1.33 10.44
C SER A 2 22.26 -0.27 11.09
N SER A 3 21.99 -0.44 12.38
CA SER A 3 21.15 0.51 13.11
C SER A 3 21.97 1.71 13.58
N GLY A 4 23.02 1.44 14.37
CA GLY A 4 23.86 2.51 14.86
C GLY A 4 23.91 2.54 16.38
N SER A 5 23.34 3.60 16.96
CA SER A 5 23.33 3.74 18.41
C SER A 5 22.36 2.75 19.06
N SER A 6 22.90 1.85 19.86
CA SER A 6 22.10 0.84 20.52
C SER A 6 21.20 1.47 21.59
N GLY A 7 19.95 1.72 21.23
CA GLY A 7 19.01 2.33 22.15
C GLY A 7 17.63 2.51 21.55
N ALA A 8 16.70 3.00 22.36
CA ALA A 8 15.33 3.23 21.90
C ALA A 8 15.30 4.24 20.76
N GLU A 9 14.42 4.00 19.79
CA GLU A 9 14.28 4.89 18.65
C GLU A 9 12.93 5.60 18.66
N GLU A 10 12.96 6.92 18.48
CA GLU A 10 11.73 7.71 18.48
C GLU A 10 10.91 7.45 17.22
N PRO A 11 9.58 7.51 17.35
CA PRO A 11 8.66 7.28 16.23
C PRO A 11 8.71 8.40 15.21
N THR A 12 8.47 8.06 13.94
CA THR A 12 8.49 9.04 12.87
C THR A 12 7.10 9.23 12.28
N GLY A 13 6.38 8.12 12.08
CA GLY A 13 5.04 8.19 11.53
C GLY A 13 4.21 6.97 11.86
N VAL A 14 3.14 6.76 11.09
CA VAL A 14 2.27 5.61 11.31
C VAL A 14 2.48 4.56 10.24
N PHE A 15 3.04 4.97 9.11
CA PHE A 15 3.29 4.05 8.01
C PHE A 15 4.68 3.41 8.14
N LEU A 16 4.75 2.31 8.88
CA LEU A 16 6.01 1.61 9.10
C LEU A 16 6.76 1.43 7.78
N LYS A 17 6.02 1.10 6.73
CA LYS A 17 6.61 0.91 5.41
C LYS A 17 5.70 1.43 4.31
N LYS A 18 6.28 2.12 3.33
CA LYS A 18 5.50 2.68 2.23
C LYS A 18 5.71 1.85 0.96
N PRO A 19 4.67 1.80 0.12
CA PRO A 19 4.69 1.06 -1.14
C PRO A 19 5.63 1.69 -2.17
N ASP A 20 6.82 1.11 -2.31
CA ASP A 20 7.80 1.62 -3.26
C ASP A 20 7.39 1.28 -4.70
N SER A 21 7.56 2.25 -5.59
CA SER A 21 7.21 2.05 -6.99
C SER A 21 7.76 0.74 -7.52
N VAL A 22 6.93 -0.02 -8.23
CA VAL A 22 7.33 -1.30 -8.79
C VAL A 22 6.98 -1.39 -10.27
N SER A 23 8.00 -1.59 -11.10
CA SER A 23 7.80 -1.69 -12.54
C SER A 23 7.72 -3.16 -12.98
N VAL A 24 6.56 -3.53 -13.52
CA VAL A 24 6.34 -4.90 -13.98
C VAL A 24 6.14 -4.95 -15.49
N GLU A 25 6.17 -6.14 -16.05
CA GLU A 25 5.98 -6.33 -17.48
C GLU A 25 4.52 -6.63 -17.81
N THR A 26 4.09 -6.22 -19.00
CA THR A 26 2.72 -6.44 -19.42
C THR A 26 2.38 -7.92 -19.44
N GLY A 27 1.31 -8.30 -18.75
CA GLY A 27 0.90 -9.69 -18.71
C GLY A 27 1.36 -10.38 -17.44
N LYS A 28 2.18 -9.70 -16.66
CA LYS A 28 2.70 -10.25 -15.41
C LYS A 28 1.79 -9.89 -14.24
N ASP A 29 2.21 -10.28 -13.04
CA ASP A 29 1.45 -9.99 -11.82
C ASP A 29 2.20 -9.03 -10.92
N ALA A 30 1.56 -7.88 -10.62
CA ALA A 30 2.17 -6.88 -9.77
C ALA A 30 1.89 -7.17 -8.30
N VAL A 31 2.78 -6.69 -7.42
CA VAL A 31 2.63 -6.90 -5.99
C VAL A 31 3.22 -5.74 -5.20
N VAL A 32 2.41 -5.14 -4.34
CA VAL A 32 2.86 -4.02 -3.52
C VAL A 32 2.86 -4.38 -2.04
N VAL A 33 3.68 -3.68 -1.26
CA VAL A 33 3.77 -3.93 0.17
C VAL A 33 3.71 -2.62 0.96
N ALA A 34 2.92 -2.62 2.03
CA ALA A 34 2.77 -1.44 2.87
C ALA A 34 2.40 -1.84 4.30
N LYS A 35 3.18 -1.34 5.26
CA LYS A 35 2.94 -1.63 6.66
C LYS A 35 2.21 -0.48 7.34
N VAL A 36 1.43 -0.80 8.37
CA VAL A 36 0.67 0.21 9.11
C VAL A 36 0.66 -0.10 10.60
N ASN A 37 1.35 0.74 11.37
CA ASN A 37 1.42 0.57 12.82
C ASN A 37 0.09 0.91 13.47
N GLY A 38 -0.60 -0.11 13.98
CA GLY A 38 -1.87 0.10 14.63
C GLY A 38 -1.74 0.80 15.97
N LYS A 39 -0.77 0.36 16.76
CA LYS A 39 -0.53 0.94 18.08
C LYS A 39 -0.70 2.46 18.04
N GLU A 40 0.01 3.10 17.11
CA GLU A 40 -0.05 4.55 16.96
C GLU A 40 -1.48 5.01 16.72
N LEU A 41 -2.22 4.22 15.95
CA LEU A 41 -3.62 4.55 15.64
C LEU A 41 -4.52 4.29 16.84
N PRO A 42 -5.54 5.15 17.00
CA PRO A 42 -6.50 5.03 18.10
C PRO A 42 -7.41 3.82 17.96
N ASP A 43 -7.71 3.47 16.71
CA ASP A 43 -8.58 2.32 16.44
C ASP A 43 -8.29 1.74 15.07
N LYS A 44 -9.03 0.71 14.69
CA LYS A 44 -8.85 0.06 13.40
C LYS A 44 -8.90 1.08 12.27
N PRO A 45 -7.80 1.13 11.49
CA PRO A 45 -7.69 2.07 10.36
C PRO A 45 -8.62 1.69 9.20
N THR A 46 -8.51 2.42 8.10
CA THR A 46 -9.33 2.18 6.93
C THR A 46 -8.49 1.81 5.72
N ILE A 47 -8.66 0.59 5.22
CA ILE A 47 -7.90 0.13 4.06
C ILE A 47 -8.69 0.37 2.77
N LYS A 48 -8.13 1.20 1.89
CA LYS A 48 -8.77 1.50 0.62
C LYS A 48 -7.73 1.74 -0.47
N TRP A 49 -7.92 1.08 -1.61
CA TRP A 49 -7.00 1.22 -2.73
C TRP A 49 -7.66 1.93 -3.90
N PHE A 50 -7.18 3.12 -4.22
CA PHE A 50 -7.73 3.90 -5.33
C PHE A 50 -6.78 3.91 -6.51
N LYS A 51 -7.34 4.03 -7.72
CA LYS A 51 -6.54 4.05 -8.94
C LYS A 51 -6.48 5.47 -9.52
N GLY A 52 -5.49 6.24 -9.07
CA GLY A 52 -5.34 7.60 -9.56
C GLY A 52 -6.66 8.25 -9.87
N LYS A 53 -7.68 7.97 -9.05
CA LYS A 53 -9.00 8.53 -9.25
C LYS A 53 -9.94 8.16 -8.10
N TRP A 54 -11.20 8.54 -8.22
CA TRP A 54 -12.19 8.25 -7.20
C TRP A 54 -12.60 6.78 -7.25
N LEU A 55 -12.10 6.06 -8.25
CA LEU A 55 -12.40 4.65 -8.40
C LEU A 55 -12.02 3.85 -7.16
N GLU A 56 -12.82 2.84 -6.84
CA GLU A 56 -12.55 2.01 -5.67
C GLU A 56 -12.32 0.56 -6.08
N LEU A 57 -11.06 0.17 -6.22
CA LEU A 57 -10.71 -1.19 -6.60
C LEU A 57 -11.40 -2.21 -5.71
N GLY A 58 -11.23 -3.48 -6.02
CA GLY A 58 -11.85 -4.54 -5.23
C GLY A 58 -12.45 -5.63 -6.09
N SER A 59 -12.23 -6.88 -5.71
CA SER A 59 -12.75 -8.03 -6.45
C SER A 59 -14.19 -8.32 -6.05
N LYS A 60 -15.12 -7.59 -6.64
CA LYS A 60 -16.55 -7.77 -6.35
C LYS A 60 -17.16 -8.82 -7.26
N SER A 61 -16.92 -8.68 -8.56
CA SER A 61 -17.45 -9.62 -9.54
C SER A 61 -16.32 -10.29 -10.32
N GLY A 62 -15.26 -10.66 -9.60
CA GLY A 62 -14.13 -11.31 -10.23
C GLY A 62 -13.15 -10.31 -10.84
N ALA A 63 -12.30 -9.73 -10.00
CA ALA A 63 -11.31 -8.76 -10.46
C ALA A 63 -9.90 -9.21 -10.10
N ARG A 64 -8.95 -8.91 -10.99
CA ARG A 64 -7.56 -9.28 -10.76
C ARG A 64 -6.97 -8.49 -9.60
N PHE A 65 -7.75 -7.55 -9.07
CA PHE A 65 -7.30 -6.71 -7.97
C PHE A 65 -7.60 -7.38 -6.63
N SER A 66 -6.57 -7.91 -5.98
CA SER A 66 -6.73 -8.58 -4.69
C SER A 66 -5.89 -7.89 -3.62
N PHE A 67 -6.46 -7.79 -2.41
CA PHE A 67 -5.77 -7.16 -1.30
C PHE A 67 -5.45 -8.19 -0.21
N LYS A 68 -4.25 -8.07 0.36
CA LYS A 68 -3.82 -8.98 1.42
C LYS A 68 -3.48 -8.22 2.69
N GLU A 69 -4.31 -8.36 3.71
CA GLU A 69 -4.10 -7.69 4.98
C GLU A 69 -4.10 -8.69 6.14
N SER A 70 -3.08 -8.60 6.99
CA SER A 70 -2.96 -9.50 8.13
C SER A 70 -2.65 -8.71 9.40
N HIS A 71 -3.64 -8.65 10.31
CA HIS A 71 -3.48 -7.93 11.56
C HIS A 71 -2.86 -8.83 12.63
N ASN A 72 -1.73 -8.39 13.17
CA ASN A 72 -1.04 -9.16 14.20
C ASN A 72 -1.37 -8.64 15.60
N SER A 73 -1.29 -9.52 16.58
CA SER A 73 -1.60 -9.15 17.96
C SER A 73 -0.35 -8.62 18.67
N ALA A 74 0.58 -9.52 18.96
CA ALA A 74 1.82 -9.14 19.63
C ALA A 74 2.48 -7.94 18.94
N SER A 75 2.69 -8.06 17.64
CA SER A 75 3.32 -6.99 16.86
C SER A 75 2.39 -5.78 16.79
N ASN A 76 1.12 -6.02 16.47
CA ASN A 76 0.14 -4.94 16.35
C ASN A 76 0.38 -4.13 15.08
N VAL A 77 0.70 -4.81 13.99
CA VAL A 77 0.94 -4.15 12.72
C VAL A 77 0.09 -4.75 11.61
N TYR A 78 -0.47 -3.89 10.76
CA TYR A 78 -1.32 -4.33 9.66
C TYR A 78 -0.54 -4.36 8.35
N THR A 79 -0.23 -5.56 7.88
CA THR A 79 0.52 -5.72 6.64
C THR A 79 -0.42 -5.82 5.44
N VAL A 80 -0.64 -4.69 4.78
CA VAL A 80 -1.51 -4.63 3.61
C VAL A 80 -0.71 -4.69 2.32
N GLU A 81 -1.12 -5.55 1.41
CA GLU A 81 -0.45 -5.70 0.12
C GLU A 81 -1.44 -5.72 -1.03
N LEU A 82 -1.06 -5.14 -2.15
CA LEU A 82 -1.93 -5.09 -3.33
C LEU A 82 -1.37 -5.97 -4.44
N HIS A 83 -2.21 -6.88 -4.94
CA HIS A 83 -1.81 -7.79 -6.01
C HIS A 83 -2.65 -7.56 -7.26
N ILE A 84 -2.00 -7.54 -8.42
CA ILE A 84 -2.69 -7.32 -9.68
C ILE A 84 -2.23 -8.33 -10.73
N GLY A 85 -3.18 -9.07 -11.29
CA GLY A 85 -2.85 -10.05 -12.31
C GLY A 85 -3.15 -9.56 -13.70
N LYS A 86 -2.39 -10.05 -14.68
CA LYS A 86 -2.57 -9.66 -16.07
C LYS A 86 -2.50 -8.14 -16.22
N VAL A 87 -1.47 -7.54 -15.64
CA VAL A 87 -1.28 -6.10 -15.71
C VAL A 87 -1.16 -5.63 -17.16
N VAL A 88 -1.65 -4.42 -17.43
CA VAL A 88 -1.60 -3.86 -18.77
C VAL A 88 -1.16 -2.40 -18.74
N LEU A 89 -0.76 -1.88 -19.90
CA LEU A 89 -0.32 -0.49 -20.00
C LEU A 89 -1.37 0.45 -19.43
N GLY A 90 -2.64 0.14 -19.68
CA GLY A 90 -3.73 0.97 -19.19
C GLY A 90 -3.83 0.96 -17.67
N ASP A 91 -3.10 0.04 -17.05
CA ASP A 91 -3.11 -0.07 -15.59
C ASP A 91 -1.97 0.73 -14.97
N ARG A 92 -0.89 0.86 -15.71
CA ARG A 92 0.28 1.61 -15.25
C ARG A 92 -0.07 3.07 -15.01
N GLY A 93 0.58 3.67 -14.02
CA GLY A 93 0.32 5.07 -13.71
C GLY A 93 0.66 5.42 -12.27
N TYR A 94 -0.36 5.78 -11.49
CA TYR A 94 -0.17 6.14 -10.09
C TYR A 94 -1.34 5.67 -9.24
N TYR A 95 -1.06 5.36 -7.99
CA TYR A 95 -2.10 4.90 -7.07
C TYR A 95 -2.02 5.65 -5.74
N ARG A 96 -3.01 5.41 -4.87
CA ARG A 96 -3.05 6.06 -3.57
C ARG A 96 -3.69 5.15 -2.53
N LEU A 97 -3.20 5.24 -1.29
CA LEU A 97 -3.73 4.42 -0.20
C LEU A 97 -4.24 5.29 0.93
N GLU A 98 -5.53 5.20 1.20
CA GLU A 98 -6.15 5.99 2.27
C GLU A 98 -6.20 5.19 3.56
N VAL A 99 -5.70 5.79 4.65
CA VAL A 99 -5.69 5.13 5.95
C VAL A 99 -6.04 6.12 7.06
N LYS A 100 -7.22 5.93 7.64
CA LYS A 100 -7.68 6.79 8.72
C LYS A 100 -8.49 6.01 9.75
N ALA A 101 -8.18 6.22 11.02
CA ALA A 101 -8.89 5.53 12.10
C ALA A 101 -9.91 6.44 12.75
N LYS A 102 -9.43 7.40 13.55
CA LYS A 102 -10.29 8.34 14.24
C LYS A 102 -9.88 9.78 13.94
N ASP A 103 -8.79 10.21 14.56
CA ASP A 103 -8.29 11.57 14.35
C ASP A 103 -7.02 11.56 13.52
N THR A 104 -6.37 10.40 13.43
CA THR A 104 -5.14 10.25 12.67
C THR A 104 -5.44 9.87 11.21
N CYS A 105 -4.88 10.62 10.29
CA CYS A 105 -5.09 10.36 8.86
C CYS A 105 -3.76 10.43 8.10
N ASP A 106 -3.33 9.28 7.60
CA ASP A 106 -2.07 9.20 6.85
C ASP A 106 -2.23 8.34 5.61
N SER A 107 -2.12 8.95 4.44
CA SER A 107 -2.25 8.24 3.18
C SER A 107 -0.99 8.36 2.35
N CYS A 108 -0.60 7.26 1.72
CA CYS A 108 0.60 7.23 0.88
C CYS A 108 0.25 7.08 -0.59
N GLY A 109 1.20 7.40 -1.47
CA GLY A 109 0.96 7.30 -2.89
C GLY A 109 2.14 6.69 -3.63
N PHE A 110 1.88 5.64 -4.39
CA PHE A 110 2.92 4.96 -5.14
C PHE A 110 2.63 5.00 -6.64
N ASN A 111 3.57 4.51 -7.44
CA ASN A 111 3.40 4.48 -8.89
C ASN A 111 3.89 3.16 -9.47
N ILE A 112 3.16 2.66 -10.46
CA ILE A 112 3.51 1.39 -11.10
C ILE A 112 3.82 1.60 -12.58
N ASP A 113 4.76 0.82 -13.09
CA ASP A 113 5.16 0.91 -14.49
C ASP A 113 4.98 -0.43 -15.20
N VAL A 114 4.25 -0.42 -16.30
CA VAL A 114 4.00 -1.63 -17.07
C VAL A 114 4.79 -1.63 -18.37
N GLU A 115 5.93 -2.32 -18.37
CA GLU A 115 6.78 -2.40 -19.55
C GLU A 115 6.18 -3.33 -20.60
N ALA A 116 6.01 -2.82 -21.81
CA ALA A 116 5.45 -3.60 -22.91
C ALA A 116 6.50 -4.50 -23.54
N PRO A 117 6.06 -5.66 -24.07
CA PRO A 117 6.95 -6.62 -24.72
C PRO A 117 7.50 -6.10 -26.04
N ARG A 118 8.71 -6.55 -26.38
CA ARG A 118 9.34 -6.14 -27.63
C ARG A 118 8.88 -7.01 -28.80
N GLY A 1 35.17 -4.53 22.92
CA GLY A 1 34.28 -4.10 23.97
C GLY A 1 33.12 -5.05 24.18
N SER A 2 32.19 -4.67 25.04
CA SER A 2 31.02 -5.50 25.34
C SER A 2 29.82 -5.06 24.52
N SER A 3 29.33 -5.95 23.67
CA SER A 3 28.17 -5.64 22.82
C SER A 3 26.96 -6.48 23.24
N GLY A 4 25.79 -6.12 22.71
CA GLY A 4 24.59 -6.84 23.04
C GLY A 4 23.33 -6.02 22.78
N SER A 5 22.61 -5.71 23.84
CA SER A 5 21.38 -4.92 23.72
C SER A 5 21.67 -3.52 23.22
N SER A 6 21.28 -3.24 21.99
CA SER A 6 21.51 -1.92 21.38
C SER A 6 20.48 -1.65 20.28
N GLY A 7 20.43 -0.39 19.84
CA GLY A 7 19.50 -0.02 18.79
C GLY A 7 18.31 0.75 19.32
N ALA A 8 18.42 2.07 19.32
CA ALA A 8 17.34 2.92 19.80
C ALA A 8 16.66 3.66 18.65
N GLU A 9 16.36 2.92 17.58
CA GLU A 9 15.71 3.51 16.42
C GLU A 9 14.29 3.95 16.75
N GLU A 10 13.94 5.17 16.33
CA GLU A 10 12.61 5.71 16.59
C GLU A 10 11.76 5.68 15.32
N PRO A 11 10.44 5.58 15.51
CA PRO A 11 9.49 5.54 14.38
C PRO A 11 9.38 6.88 13.67
N THR A 12 9.15 6.83 12.36
CA THR A 12 9.02 8.04 11.56
C THR A 12 7.58 8.51 11.49
N GLY A 13 6.71 7.65 10.94
CA GLY A 13 5.31 7.99 10.83
C GLY A 13 4.40 6.83 11.17
N VAL A 14 3.10 6.98 10.86
CA VAL A 14 2.13 5.93 11.14
C VAL A 14 2.29 4.76 10.17
N PHE A 15 2.87 5.04 9.00
CA PHE A 15 3.08 4.02 7.99
C PHE A 15 4.44 3.35 8.17
N LEU A 16 4.47 2.29 8.97
CA LEU A 16 5.71 1.57 9.23
C LEU A 16 6.43 1.24 7.93
N LYS A 17 5.66 0.98 6.88
CA LYS A 17 6.22 0.65 5.57
C LYS A 17 5.40 1.29 4.46
N LYS A 18 6.09 1.96 3.54
CA LYS A 18 5.43 2.61 2.41
C LYS A 18 5.63 1.82 1.12
N PRO A 19 4.62 1.82 0.25
CA PRO A 19 4.67 1.11 -1.03
C PRO A 19 5.64 1.76 -2.02
N ASP A 20 6.75 1.08 -2.28
CA ASP A 20 7.76 1.59 -3.20
C ASP A 20 7.37 1.29 -4.65
N SER A 21 7.77 2.17 -5.55
CA SER A 21 7.46 2.00 -6.98
C SER A 21 7.91 0.63 -7.46
N VAL A 22 7.04 -0.03 -8.25
CA VAL A 22 7.35 -1.35 -8.78
C VAL A 22 7.01 -1.43 -10.26
N SER A 23 8.03 -1.66 -11.09
CA SER A 23 7.84 -1.75 -12.53
C SER A 23 7.68 -3.20 -12.95
N VAL A 24 6.48 -3.54 -13.43
CA VAL A 24 6.20 -4.90 -13.88
C VAL A 24 6.02 -4.96 -15.39
N GLU A 25 5.99 -6.17 -15.94
CA GLU A 25 5.84 -6.36 -17.37
C GLU A 25 4.40 -6.75 -17.71
N THR A 26 3.88 -6.20 -18.80
CA THR A 26 2.52 -6.49 -19.23
C THR A 26 2.24 -7.99 -19.21
N GLY A 27 1.06 -8.36 -18.74
CA GLY A 27 0.70 -9.76 -18.68
C GLY A 27 1.18 -10.43 -17.41
N LYS A 28 1.96 -9.70 -16.62
CA LYS A 28 2.49 -10.22 -15.37
C LYS A 28 1.60 -9.82 -14.19
N ASP A 29 2.02 -10.19 -12.98
CA ASP A 29 1.27 -9.87 -11.78
C ASP A 29 2.05 -8.91 -10.89
N ALA A 30 1.46 -7.76 -10.60
CA ALA A 30 2.09 -6.76 -9.76
C ALA A 30 1.77 -6.99 -8.28
N VAL A 31 2.74 -6.69 -7.42
CA VAL A 31 2.56 -6.87 -5.98
C VAL A 31 3.14 -5.70 -5.21
N VAL A 32 2.34 -5.12 -4.31
CA VAL A 32 2.78 -3.99 -3.50
C VAL A 32 2.77 -4.34 -2.02
N VAL A 33 3.83 -3.97 -1.32
CA VAL A 33 3.94 -4.24 0.10
C VAL A 33 3.86 -2.95 0.92
N ALA A 34 3.08 -2.98 1.99
CA ALA A 34 2.93 -1.81 2.85
C ALA A 34 2.52 -2.22 4.26
N LYS A 35 2.94 -1.44 5.25
CA LYS A 35 2.61 -1.72 6.64
C LYS A 35 1.95 -0.51 7.30
N VAL A 36 1.21 -0.76 8.38
CA VAL A 36 0.53 0.30 9.10
C VAL A 36 0.63 0.10 10.61
N ASN A 37 1.15 1.12 11.31
CA ASN A 37 1.30 1.04 12.76
C ASN A 37 -0.06 1.20 13.45
N GLY A 38 -0.61 0.10 13.91
CA GLY A 38 -1.89 0.13 14.59
C GLY A 38 -1.82 0.86 15.92
N LYS A 39 -0.81 0.53 16.72
CA LYS A 39 -0.63 1.15 18.02
C LYS A 39 -0.82 2.67 17.92
N GLU A 40 -0.26 3.27 16.88
CA GLU A 40 -0.36 4.71 16.67
C GLU A 40 -1.81 5.11 16.39
N LEU A 41 -2.56 4.21 15.77
CA LEU A 41 -3.95 4.47 15.45
C LEU A 41 -4.86 4.13 16.63
N PRO A 42 -5.91 4.95 16.83
CA PRO A 42 -6.87 4.76 17.91
C PRO A 42 -7.76 3.53 17.70
N ASP A 43 -8.24 3.36 16.47
CA ASP A 43 -9.10 2.23 16.14
C ASP A 43 -8.66 1.59 14.82
N LYS A 44 -9.41 0.59 14.38
CA LYS A 44 -9.09 -0.11 13.14
C LYS A 44 -9.04 0.87 11.96
N PRO A 45 -7.90 0.90 11.26
CA PRO A 45 -7.70 1.78 10.12
C PRO A 45 -8.54 1.35 8.91
N THR A 46 -8.80 2.30 8.01
CA THR A 46 -9.59 2.03 6.82
C THR A 46 -8.70 1.72 5.62
N ILE A 47 -8.74 0.49 5.15
CA ILE A 47 -7.93 0.06 4.01
C ILE A 47 -8.70 0.24 2.70
N LYS A 48 -8.14 1.03 1.79
CA LYS A 48 -8.76 1.28 0.51
C LYS A 48 -7.72 1.64 -0.55
N TRP A 49 -7.78 0.97 -1.69
CA TRP A 49 -6.83 1.23 -2.78
C TRP A 49 -7.50 2.02 -3.91
N PHE A 50 -6.97 3.21 -4.19
CA PHE A 50 -7.51 4.05 -5.24
C PHE A 50 -6.57 4.10 -6.44
N LYS A 51 -7.12 4.44 -7.60
CA LYS A 51 -6.33 4.52 -8.83
C LYS A 51 -6.32 5.95 -9.37
N GLY A 52 -5.18 6.62 -9.25
CA GLY A 52 -5.06 7.98 -9.73
C GLY A 52 -6.33 8.78 -9.53
N LYS A 53 -7.19 8.79 -10.56
CA LYS A 53 -8.45 9.52 -10.49
C LYS A 53 -9.25 9.12 -9.26
N TRP A 54 -10.45 9.67 -9.13
CA TRP A 54 -11.31 9.37 -8.00
C TRP A 54 -12.04 8.05 -8.20
N LEU A 55 -11.31 7.04 -8.68
CA LEU A 55 -11.89 5.72 -8.91
C LEU A 55 -11.76 4.84 -7.67
N GLU A 56 -12.60 3.83 -7.59
CA GLU A 56 -12.58 2.91 -6.45
C GLU A 56 -12.33 1.47 -6.91
N LEU A 57 -11.31 0.84 -6.34
CA LEU A 57 -10.96 -0.53 -6.69
C LEU A 57 -11.57 -1.51 -5.70
N GLY A 58 -11.40 -2.81 -5.98
CA GLY A 58 -11.94 -3.83 -5.10
C GLY A 58 -13.36 -4.21 -5.46
N SER A 59 -13.69 -5.49 -5.28
CA SER A 59 -15.03 -5.98 -5.59
C SER A 59 -15.28 -7.34 -4.92
N LYS A 60 -16.51 -7.82 -5.03
CA LYS A 60 -16.87 -9.10 -4.43
C LYS A 60 -16.72 -10.23 -5.45
N SER A 61 -17.23 -10.01 -6.66
CA SER A 61 -17.14 -11.01 -7.71
C SER A 61 -15.80 -11.75 -7.67
N GLY A 62 -14.73 -10.98 -7.74
CA GLY A 62 -13.39 -11.58 -7.70
C GLY A 62 -12.54 -11.15 -8.88
N ALA A 63 -12.10 -9.90 -8.86
CA ALA A 63 -11.27 -9.36 -9.93
C ALA A 63 -9.79 -9.58 -9.63
N ARG A 64 -8.94 -9.37 -10.64
CA ARG A 64 -7.51 -9.54 -10.49
C ARG A 64 -6.98 -8.75 -9.29
N PHE A 65 -7.68 -7.66 -8.96
CA PHE A 65 -7.29 -6.82 -7.84
C PHE A 65 -7.61 -7.49 -6.51
N SER A 66 -6.58 -8.02 -5.86
CA SER A 66 -6.75 -8.69 -4.58
C SER A 66 -5.99 -7.97 -3.47
N PHE A 67 -6.60 -7.86 -2.31
CA PHE A 67 -5.99 -7.19 -1.18
C PHE A 67 -5.69 -8.19 -0.05
N LYS A 68 -4.47 -8.13 0.48
CA LYS A 68 -4.07 -9.03 1.56
C LYS A 68 -3.71 -8.24 2.81
N GLU A 69 -4.56 -8.33 3.83
CA GLU A 69 -4.32 -7.63 5.08
C GLU A 69 -4.16 -8.61 6.24
N SER A 70 -3.03 -8.51 6.93
CA SER A 70 -2.75 -9.40 8.06
C SER A 70 -2.31 -8.60 9.29
N HIS A 71 -3.14 -8.64 10.33
CA HIS A 71 -2.84 -7.92 11.56
C HIS A 71 -2.14 -8.83 12.56
N ASN A 72 -1.09 -8.30 13.19
CA ASN A 72 -0.33 -9.06 14.17
C ASN A 72 -0.78 -8.74 15.60
N SER A 73 -0.69 -9.72 16.48
CA SER A 73 -1.09 -9.53 17.87
C SER A 73 0.08 -9.02 18.72
N ALA A 74 1.29 -9.27 18.24
CA ALA A 74 2.49 -8.83 18.95
C ALA A 74 2.94 -7.46 18.46
N SER A 75 3.47 -7.41 17.24
CA SER A 75 3.94 -6.16 16.67
C SER A 75 2.79 -5.17 16.48
N ASN A 76 1.57 -5.70 16.44
CA ASN A 76 0.39 -4.87 16.27
C ASN A 76 0.49 -4.04 14.99
N VAL A 77 0.93 -4.68 13.92
CA VAL A 77 1.06 -4.00 12.63
C VAL A 77 0.22 -4.68 11.55
N TYR A 78 -0.46 -3.87 10.75
CA TYR A 78 -1.30 -4.39 9.69
C TYR A 78 -0.54 -4.47 8.37
N THR A 79 -0.23 -5.68 7.94
CA THR A 79 0.50 -5.89 6.69
C THR A 79 -0.45 -5.94 5.50
N VAL A 80 -0.57 -4.83 4.78
CA VAL A 80 -1.44 -4.75 3.62
C VAL A 80 -0.64 -4.87 2.33
N GLU A 81 -1.16 -5.63 1.38
CA GLU A 81 -0.49 -5.83 0.10
C GLU A 81 -1.52 -5.85 -1.04
N LEU A 82 -1.24 -5.08 -2.08
CA LEU A 82 -2.13 -5.02 -3.24
C LEU A 82 -1.57 -5.84 -4.40
N HIS A 83 -2.35 -6.82 -4.85
CA HIS A 83 -1.93 -7.68 -5.96
C HIS A 83 -2.76 -7.38 -7.20
N ILE A 84 -2.09 -7.30 -8.35
CA ILE A 84 -2.76 -7.03 -9.61
C ILE A 84 -2.34 -8.02 -10.68
N GLY A 85 -3.29 -8.83 -11.14
CA GLY A 85 -2.98 -9.82 -12.17
C GLY A 85 -3.34 -9.33 -13.57
N LYS A 86 -2.56 -9.74 -14.55
CA LYS A 86 -2.80 -9.34 -15.94
C LYS A 86 -2.63 -7.83 -16.10
N VAL A 87 -1.59 -7.29 -15.47
CA VAL A 87 -1.31 -5.86 -15.56
C VAL A 87 -1.25 -5.40 -17.01
N VAL A 88 -1.80 -4.22 -17.29
CA VAL A 88 -1.81 -3.66 -18.63
C VAL A 88 -1.23 -2.25 -18.64
N LEU A 89 -0.84 -1.79 -19.82
CA LEU A 89 -0.26 -0.46 -19.97
C LEU A 89 -1.13 0.59 -19.27
N GLY A 90 -2.44 0.34 -19.25
CA GLY A 90 -3.35 1.27 -18.61
C GLY A 90 -3.19 1.30 -17.11
N ASP A 91 -2.78 0.17 -16.54
CA ASP A 91 -2.59 0.06 -15.10
C ASP A 91 -1.41 0.92 -14.65
N ARG A 92 -0.46 1.14 -15.54
CA ARG A 92 0.72 1.94 -15.23
C ARG A 92 0.35 3.40 -15.06
N GLY A 93 0.88 4.03 -14.01
CA GLY A 93 0.59 5.43 -13.76
C GLY A 93 0.88 5.83 -12.33
N TYR A 94 -0.17 6.07 -11.55
CA TYR A 94 -0.01 6.46 -10.15
C TYR A 94 -1.12 5.87 -9.29
N TYR A 95 -0.80 5.63 -8.02
CA TYR A 95 -1.77 5.06 -7.09
C TYR A 95 -1.68 5.73 -5.73
N ARG A 96 -2.61 5.40 -4.85
CA ARG A 96 -2.64 5.98 -3.51
C ARG A 96 -3.40 5.07 -2.55
N LEU A 97 -2.95 5.06 -1.29
CA LEU A 97 -3.58 4.23 -0.27
C LEU A 97 -4.10 5.09 0.89
N GLU A 98 -5.41 5.05 1.09
CA GLU A 98 -6.04 5.83 2.16
C GLU A 98 -6.13 5.01 3.44
N VAL A 99 -5.80 5.63 4.56
CA VAL A 99 -5.85 4.96 5.86
C VAL A 99 -6.23 5.94 6.97
N LYS A 100 -7.40 5.72 7.56
CA LYS A 100 -7.88 6.57 8.64
C LYS A 100 -8.64 5.77 9.69
N ALA A 101 -8.31 5.97 10.96
CA ALA A 101 -8.96 5.25 12.04
C ALA A 101 -10.08 6.10 12.65
N LYS A 102 -9.69 7.18 13.34
CA LYS A 102 -10.66 8.07 13.96
C LYS A 102 -10.35 9.53 13.63
N ASP A 103 -9.26 10.04 14.17
CA ASP A 103 -8.86 11.42 13.91
C ASP A 103 -7.43 11.48 13.39
N THR A 104 -6.94 10.36 12.86
CA THR A 104 -5.59 10.29 12.32
C THR A 104 -5.59 9.80 10.88
N CYS A 105 -5.84 10.70 9.95
CA CYS A 105 -5.87 10.36 8.53
C CYS A 105 -4.48 10.37 7.94
N ASP A 106 -4.10 9.26 7.30
CA ASP A 106 -2.79 9.14 6.68
C ASP A 106 -2.85 8.29 5.42
N SER A 107 -2.41 8.87 4.30
CA SER A 107 -2.42 8.16 3.02
C SER A 107 -1.07 8.27 2.32
N CYS A 108 -0.76 7.30 1.48
CA CYS A 108 0.50 7.29 0.74
C CYS A 108 0.25 7.21 -0.76
N GLY A 109 1.24 7.66 -1.54
CA GLY A 109 1.10 7.63 -2.98
C GLY A 109 2.31 7.01 -3.66
N PHE A 110 2.06 6.06 -4.55
CA PHE A 110 3.14 5.38 -5.27
C PHE A 110 2.90 5.43 -6.77
N ASN A 111 3.81 4.81 -7.52
CA ASN A 111 3.69 4.78 -8.98
C ASN A 111 4.14 3.43 -9.54
N ILE A 112 3.33 2.87 -10.42
CA ILE A 112 3.65 1.57 -11.02
C ILE A 112 3.96 1.73 -12.51
N ASP A 113 4.85 0.88 -13.00
CA ASP A 113 5.24 0.92 -14.41
C ASP A 113 5.00 -0.43 -15.07
N VAL A 114 4.26 -0.42 -16.18
CA VAL A 114 3.95 -1.63 -16.92
C VAL A 114 4.65 -1.66 -18.26
N GLU A 115 5.85 -2.22 -18.29
CA GLU A 115 6.63 -2.31 -19.52
C GLU A 115 5.94 -3.21 -20.54
N ALA A 116 6.01 -2.81 -21.80
CA ALA A 116 5.39 -3.58 -22.88
C ALA A 116 6.34 -4.65 -23.41
N PRO A 117 5.77 -5.72 -23.98
CA PRO A 117 6.55 -6.82 -24.54
C PRO A 117 7.30 -6.43 -25.81
N ARG A 118 8.47 -7.03 -26.02
CA ARG A 118 9.27 -6.74 -27.20
C ARG A 118 8.83 -7.59 -28.38
N GLY A 1 23.95 -2.27 2.73
CA GLY A 1 23.87 -3.58 2.10
C GLY A 1 23.73 -4.71 3.10
N SER A 2 24.84 -5.06 3.75
CA SER A 2 24.85 -6.13 4.73
C SER A 2 25.46 -5.66 6.05
N SER A 3 26.67 -5.12 5.98
CA SER A 3 27.37 -4.63 7.16
C SER A 3 26.70 -3.37 7.70
N GLY A 4 26.39 -3.39 9.01
CA GLY A 4 25.74 -2.25 9.62
C GLY A 4 26.74 -1.19 10.06
N SER A 5 26.34 0.08 9.92
CA SER A 5 27.21 1.19 10.30
C SER A 5 26.43 2.24 11.10
N SER A 6 27.14 2.94 11.99
CA SER A 6 26.52 3.97 12.81
C SER A 6 25.40 4.68 12.05
N GLY A 7 24.30 4.93 12.74
CA GLY A 7 23.17 5.62 12.11
C GLY A 7 21.92 5.58 12.97
N ALA A 8 21.64 6.69 13.63
CA ALA A 8 20.46 6.78 14.50
C ALA A 8 19.18 6.48 13.71
N GLU A 9 18.10 6.18 14.44
CA GLU A 9 16.83 5.87 13.80
C GLU A 9 15.70 6.68 14.44
N GLU A 10 14.90 7.32 13.59
CA GLU A 10 13.79 8.14 14.07
C GLU A 10 12.47 7.66 13.46
N PRO A 11 11.36 7.92 14.18
CA PRO A 11 10.02 7.53 13.73
C PRO A 11 9.55 8.33 12.53
N THR A 12 8.91 7.66 11.58
CA THR A 12 8.41 8.32 10.38
C THR A 12 6.96 8.77 10.56
N GLY A 13 6.07 7.81 10.77
CA GLY A 13 4.67 8.14 10.95
C GLY A 13 3.80 6.91 11.17
N VAL A 14 2.52 7.02 10.87
CA VAL A 14 1.59 5.91 11.04
C VAL A 14 1.90 4.78 10.06
N PHE A 15 2.60 5.12 8.98
CA PHE A 15 2.96 4.13 7.97
C PHE A 15 4.35 3.58 8.23
N LEU A 16 4.41 2.42 8.86
CA LEU A 16 5.69 1.78 9.17
C LEU A 16 6.49 1.54 7.91
N LYS A 17 5.80 1.28 6.81
CA LYS A 17 6.46 1.04 5.53
C LYS A 17 5.57 1.49 4.37
N LYS A 18 6.14 2.25 3.45
CA LYS A 18 5.41 2.75 2.28
C LYS A 18 5.67 1.86 1.07
N PRO A 19 4.68 1.81 0.16
CA PRO A 19 4.78 1.00 -1.06
C PRO A 19 5.78 1.58 -2.05
N ASP A 20 6.89 0.87 -2.24
CA ASP A 20 7.93 1.32 -3.16
C ASP A 20 7.55 1.01 -4.60
N SER A 21 7.79 1.96 -5.50
CA SER A 21 7.46 1.80 -6.91
C SER A 21 7.92 0.44 -7.41
N VAL A 22 6.99 -0.34 -7.96
CA VAL A 22 7.30 -1.66 -8.49
C VAL A 22 7.18 -1.70 -10.01
N SER A 23 8.17 -2.29 -10.65
CA SER A 23 8.18 -2.38 -12.11
C SER A 23 7.69 -3.76 -12.57
N VAL A 24 6.66 -3.75 -13.42
CA VAL A 24 6.10 -4.99 -13.93
C VAL A 24 5.97 -4.95 -15.45
N GLU A 25 5.78 -6.11 -16.06
CA GLU A 25 5.64 -6.21 -17.51
C GLU A 25 4.19 -6.51 -17.89
N THR A 26 3.76 -5.94 -19.01
CA THR A 26 2.39 -6.15 -19.49
C THR A 26 2.04 -7.63 -19.52
N GLY A 27 0.85 -7.96 -19.02
CA GLY A 27 0.41 -9.34 -19.00
C GLY A 27 0.83 -10.06 -17.74
N LYS A 28 1.63 -9.39 -16.91
CA LYS A 28 2.10 -9.97 -15.66
C LYS A 28 1.22 -9.54 -14.49
N ASP A 29 1.57 -9.99 -13.29
CA ASP A 29 0.81 -9.64 -12.10
C ASP A 29 1.61 -8.70 -11.20
N ALA A 30 1.01 -7.57 -10.85
CA ALA A 30 1.66 -6.58 -10.00
C ALA A 30 1.49 -6.93 -8.53
N VAL A 31 2.41 -6.46 -7.70
CA VAL A 31 2.35 -6.72 -6.26
C VAL A 31 2.96 -5.56 -5.48
N VAL A 32 2.21 -5.06 -4.50
CA VAL A 32 2.66 -3.95 -3.67
C VAL A 32 2.56 -4.30 -2.19
N VAL A 33 3.53 -3.84 -1.41
CA VAL A 33 3.54 -4.10 0.03
C VAL A 33 3.51 -2.80 0.82
N ALA A 34 2.61 -2.73 1.80
CA ALA A 34 2.47 -1.53 2.62
C ALA A 34 2.07 -1.91 4.05
N LYS A 35 2.80 -1.37 5.03
CA LYS A 35 2.51 -1.65 6.43
C LYS A 35 1.85 -0.44 7.09
N VAL A 36 1.08 -0.70 8.15
CA VAL A 36 0.38 0.35 8.87
C VAL A 36 0.44 0.12 10.37
N ASN A 37 1.01 1.08 11.10
CA ASN A 37 1.13 0.97 12.55
C ASN A 37 -0.23 1.20 13.22
N GLY A 38 -0.79 0.14 13.79
CA GLY A 38 -2.08 0.24 14.46
C GLY A 38 -1.97 0.92 15.81
N LYS A 39 -0.85 0.71 16.48
CA LYS A 39 -0.64 1.31 17.80
C LYS A 39 -0.75 2.83 17.73
N GLU A 40 -0.18 3.42 16.69
CA GLU A 40 -0.22 4.87 16.50
C GLU A 40 -1.65 5.35 16.30
N LEU A 41 -2.50 4.47 15.79
CA LEU A 41 -3.90 4.79 15.55
C LEU A 41 -4.76 4.40 16.74
N PRO A 42 -5.82 5.19 16.99
CA PRO A 42 -6.76 4.93 18.09
C PRO A 42 -7.61 3.69 17.87
N ASP A 43 -8.19 3.59 16.68
CA ASP A 43 -9.03 2.46 16.33
C ASP A 43 -8.59 1.83 15.02
N LYS A 44 -9.23 0.72 14.65
CA LYS A 44 -8.89 0.03 13.41
C LYS A 44 -9.00 0.95 12.21
N PRO A 45 -7.88 1.15 11.50
CA PRO A 45 -7.83 2.02 10.32
C PRO A 45 -8.60 1.43 9.13
N THR A 46 -8.86 2.26 8.13
CA THR A 46 -9.59 1.83 6.95
C THR A 46 -8.68 1.82 5.73
N ILE A 47 -8.41 0.63 5.21
CA ILE A 47 -7.56 0.49 4.03
C ILE A 47 -8.36 0.62 2.74
N LYS A 48 -7.94 1.53 1.87
CA LYS A 48 -8.61 1.76 0.61
C LYS A 48 -7.61 2.02 -0.51
N TRP A 49 -7.77 1.31 -1.62
CA TRP A 49 -6.87 1.47 -2.76
C TRP A 49 -7.55 2.27 -3.87
N PHE A 50 -6.85 3.27 -4.39
CA PHE A 50 -7.38 4.11 -5.46
C PHE A 50 -6.36 4.28 -6.57
N LYS A 51 -6.83 4.21 -7.81
CA LYS A 51 -5.95 4.35 -8.97
C LYS A 51 -6.19 5.70 -9.66
N GLY A 52 -5.29 6.65 -9.42
CA GLY A 52 -5.42 7.96 -10.02
C GLY A 52 -6.85 8.47 -10.00
N LYS A 53 -7.58 8.19 -11.06
CA LYS A 53 -8.98 8.63 -11.16
C LYS A 53 -9.79 8.13 -9.98
N TRP A 54 -11.07 8.49 -9.95
CA TRP A 54 -11.96 8.08 -8.88
C TRP A 54 -12.37 6.63 -9.05
N LEU A 55 -11.39 5.76 -9.29
CA LEU A 55 -11.67 4.34 -9.47
C LEU A 55 -11.51 3.58 -8.16
N GLU A 56 -12.09 2.38 -8.10
CA GLU A 56 -12.02 1.56 -6.90
C GLU A 56 -11.41 0.19 -7.22
N LEU A 57 -10.14 0.02 -6.87
CA LEU A 57 -9.43 -1.22 -7.12
C LEU A 57 -9.92 -2.32 -6.17
N GLY A 58 -10.34 -1.92 -4.97
CA GLY A 58 -10.82 -2.88 -4.00
C GLY A 58 -11.57 -4.03 -4.64
N SER A 59 -11.55 -5.19 -4.00
CA SER A 59 -12.21 -6.37 -4.51
C SER A 59 -13.73 -6.23 -4.39
N LYS A 60 -14.29 -5.29 -5.14
CA LYS A 60 -15.73 -5.06 -5.13
C LYS A 60 -16.31 -5.10 -6.54
N SER A 61 -15.49 -4.74 -7.52
CA SER A 61 -15.92 -4.72 -8.92
C SER A 61 -14.88 -5.42 -9.80
N GLY A 62 -14.00 -6.18 -9.19
CA GLY A 62 -12.97 -6.89 -9.93
C GLY A 62 -12.18 -7.85 -9.06
N ALA A 63 -11.96 -9.06 -9.57
CA ALA A 63 -11.22 -10.07 -8.84
C ALA A 63 -9.71 -9.83 -8.93
N ARG A 64 -9.26 -9.43 -10.11
CA ARG A 64 -7.84 -9.16 -10.34
C ARG A 64 -7.24 -8.42 -9.14
N PHE A 65 -8.00 -7.48 -8.58
CA PHE A 65 -7.54 -6.71 -7.44
C PHE A 65 -7.59 -7.55 -6.17
N SER A 66 -6.44 -8.07 -5.76
CA SER A 66 -6.36 -8.89 -4.55
C SER A 66 -5.68 -8.12 -3.41
N PHE A 67 -6.21 -8.28 -2.21
CA PHE A 67 -5.67 -7.59 -1.04
C PHE A 67 -5.56 -8.56 0.14
N LYS A 68 -4.35 -8.69 0.68
CA LYS A 68 -4.10 -9.57 1.81
C LYS A 68 -3.78 -8.76 3.07
N GLU A 69 -4.63 -8.90 4.07
CA GLU A 69 -4.43 -8.18 5.33
C GLU A 69 -3.76 -9.08 6.36
N SER A 70 -2.77 -8.52 7.06
CA SER A 70 -2.04 -9.27 8.08
C SER A 70 -1.89 -8.44 9.36
N HIS A 71 -2.65 -8.80 10.38
CA HIS A 71 -2.59 -8.09 11.66
C HIS A 71 -1.73 -8.86 12.67
N ASN A 72 -0.63 -8.24 13.09
CA ASN A 72 0.27 -8.87 14.05
C ASN A 72 -0.19 -8.61 15.48
N SER A 73 0.23 -9.47 16.40
CA SER A 73 -0.15 -9.33 17.80
C SER A 73 0.90 -8.54 18.56
N ALA A 74 2.16 -8.96 18.45
CA ALA A 74 3.26 -8.28 19.13
C ALA A 74 3.60 -6.96 18.46
N SER A 75 3.83 -7.02 17.14
CA SER A 75 4.16 -5.82 16.38
C SER A 75 2.96 -4.90 16.26
N ASN A 76 1.76 -5.49 16.27
CA ASN A 76 0.52 -4.72 16.16
C ASN A 76 0.54 -3.85 14.90
N VAL A 77 0.96 -4.44 13.78
CA VAL A 77 1.02 -3.72 12.52
C VAL A 77 0.19 -4.43 11.45
N TYR A 78 -0.46 -3.64 10.60
CA TYR A 78 -1.29 -4.19 9.54
C TYR A 78 -0.56 -4.16 8.21
N THR A 79 -0.15 -5.34 7.74
CA THR A 79 0.56 -5.46 6.47
C THR A 79 -0.39 -5.80 5.33
N VAL A 80 -0.72 -4.79 4.53
CA VAL A 80 -1.63 -4.99 3.40
C VAL A 80 -0.86 -5.05 2.08
N GLU A 81 -1.17 -6.05 1.27
CA GLU A 81 -0.51 -6.22 -0.03
C GLU A 81 -1.51 -6.18 -1.16
N LEU A 82 -1.23 -5.35 -2.17
CA LEU A 82 -2.11 -5.21 -3.31
C LEU A 82 -1.57 -5.99 -4.51
N HIS A 83 -2.24 -7.09 -4.86
CA HIS A 83 -1.82 -7.91 -5.99
C HIS A 83 -2.78 -7.74 -7.16
N ILE A 84 -2.23 -7.34 -8.30
CA ILE A 84 -3.04 -7.14 -9.51
C ILE A 84 -2.64 -8.12 -10.60
N GLY A 85 -3.63 -8.67 -11.30
CA GLY A 85 -3.37 -9.61 -12.36
C GLY A 85 -3.67 -9.03 -13.73
N LYS A 86 -2.90 -9.48 -14.73
CA LYS A 86 -3.09 -9.00 -16.10
C LYS A 86 -2.86 -7.49 -16.18
N VAL A 87 -1.74 -7.04 -15.64
CA VAL A 87 -1.40 -5.62 -15.65
C VAL A 87 -1.28 -5.11 -17.08
N VAL A 88 -1.85 -3.93 -17.32
CA VAL A 88 -1.81 -3.32 -18.66
C VAL A 88 -1.27 -1.91 -18.59
N LEU A 89 -0.89 -1.37 -19.75
CA LEU A 89 -0.36 -0.01 -19.83
C LEU A 89 -1.34 1.00 -19.24
N GLY A 90 -2.61 0.62 -19.19
CA GLY A 90 -3.63 1.51 -18.65
C GLY A 90 -3.61 1.56 -17.14
N ASP A 91 -2.88 0.63 -16.53
CA ASP A 91 -2.77 0.57 -15.07
C ASP A 91 -1.60 1.42 -14.58
N ARG A 92 -0.47 1.31 -15.26
CA ARG A 92 0.73 2.05 -14.88
C ARG A 92 0.39 3.52 -14.64
N GLY A 93 1.11 4.14 -13.70
CA GLY A 93 0.87 5.54 -13.39
C GLY A 93 1.15 5.86 -11.94
N TYR A 94 0.11 6.21 -11.19
CA TYR A 94 0.25 6.55 -9.79
C TYR A 94 -0.93 6.01 -8.98
N TYR A 95 -0.67 5.66 -7.72
CA TYR A 95 -1.70 5.14 -6.84
C TYR A 95 -1.70 5.86 -5.50
N ARG A 96 -2.75 5.64 -4.72
CA ARG A 96 -2.87 6.27 -3.40
C ARG A 96 -3.57 5.35 -2.42
N LEU A 97 -3.05 5.27 -1.20
CA LEU A 97 -3.62 4.42 -0.17
C LEU A 97 -4.19 5.25 0.97
N GLU A 98 -5.49 5.16 1.18
CA GLU A 98 -6.16 5.91 2.24
C GLU A 98 -6.24 5.09 3.52
N VAL A 99 -5.90 5.72 4.64
CA VAL A 99 -5.93 5.05 5.93
C VAL A 99 -6.46 5.98 7.02
N LYS A 100 -7.67 5.69 7.50
CA LYS A 100 -8.28 6.50 8.54
C LYS A 100 -8.90 5.62 9.62
N ALA A 101 -8.84 6.08 10.86
CA ALA A 101 -9.41 5.33 11.99
C ALA A 101 -10.49 6.13 12.70
N LYS A 102 -10.06 7.12 13.48
CA LYS A 102 -10.99 7.96 14.22
C LYS A 102 -10.75 9.44 13.91
N ASP A 103 -9.67 9.98 14.45
CA ASP A 103 -9.33 11.39 14.24
C ASP A 103 -8.08 11.51 13.37
N THR A 104 -7.33 10.42 13.27
CA THR A 104 -6.10 10.41 12.48
C THR A 104 -6.38 9.98 11.03
N CYS A 105 -5.83 10.74 10.09
CA CYS A 105 -6.02 10.44 8.67
C CYS A 105 -4.71 10.61 7.90
N ASP A 106 -4.24 9.52 7.30
CA ASP A 106 -3.01 9.54 6.54
C ASP A 106 -3.11 8.64 5.31
N SER A 107 -2.42 9.03 4.24
CA SER A 107 -2.44 8.26 2.99
C SER A 107 -1.10 8.37 2.27
N CYS A 108 -0.70 7.28 1.63
CA CYS A 108 0.57 7.25 0.90
C CYS A 108 0.32 7.18 -0.60
N GLY A 109 1.35 7.51 -1.38
CA GLY A 109 1.22 7.48 -2.83
C GLY A 109 2.45 6.89 -3.50
N PHE A 110 2.23 5.87 -4.34
CA PHE A 110 3.32 5.23 -5.04
C PHE A 110 3.14 5.35 -6.55
N ASN A 111 4.04 4.70 -7.31
CA ASN A 111 3.97 4.75 -8.76
C ASN A 111 4.32 3.38 -9.36
N ILE A 112 3.50 2.92 -10.29
CA ILE A 112 3.73 1.63 -10.94
C ILE A 112 4.10 1.81 -12.41
N ASP A 113 4.94 0.92 -12.91
CA ASP A 113 5.38 0.98 -14.30
C ASP A 113 5.11 -0.33 -15.01
N VAL A 114 4.48 -0.25 -16.18
CA VAL A 114 4.16 -1.44 -16.97
C VAL A 114 4.91 -1.44 -18.29
N GLU A 115 5.99 -2.21 -18.36
CA GLU A 115 6.79 -2.31 -19.57
C GLU A 115 6.09 -3.15 -20.63
N ALA A 116 6.26 -2.78 -21.89
CA ALA A 116 5.65 -3.51 -22.99
C ALA A 116 6.62 -4.51 -23.60
N PRO A 117 6.06 -5.56 -24.23
CA PRO A 117 6.87 -6.61 -24.86
C PRO A 117 7.58 -6.12 -26.11
N ARG A 118 8.70 -6.76 -26.45
CA ARG A 118 9.46 -6.39 -27.62
C ARG A 118 9.03 -7.19 -28.84
N GLY A 1 16.43 3.56 7.50
CA GLY A 1 17.07 3.91 6.25
C GLY A 1 18.35 3.12 6.00
N SER A 2 19.45 3.83 5.82
CA SER A 2 20.73 3.19 5.57
C SER A 2 21.61 3.21 6.83
N SER A 3 21.83 2.04 7.40
CA SER A 3 22.64 1.92 8.61
C SER A 3 23.83 2.86 8.56
N GLY A 4 24.05 3.58 9.66
CA GLY A 4 25.16 4.51 9.71
C GLY A 4 24.74 5.94 9.40
N SER A 5 24.10 6.59 10.36
CA SER A 5 23.63 7.97 10.18
C SER A 5 24.38 8.93 11.10
N SER A 6 24.26 10.22 10.82
CA SER A 6 24.93 11.23 11.64
C SER A 6 24.09 12.51 11.70
N GLY A 7 23.64 12.86 12.89
CA GLY A 7 22.84 14.06 13.06
C GLY A 7 21.81 13.91 14.16
N ALA A 8 20.59 13.53 13.79
CA ALA A 8 19.51 13.36 14.76
C ALA A 8 18.49 12.34 14.27
N GLU A 9 17.49 12.08 15.10
CA GLU A 9 16.45 11.12 14.74
C GLU A 9 15.14 11.84 14.41
N GLU A 10 14.57 11.50 13.25
CA GLU A 10 13.32 12.12 12.82
C GLU A 10 12.18 11.11 12.86
N PRO A 11 10.96 11.61 13.13
CA PRO A 11 9.75 10.77 13.21
C PRO A 11 9.34 10.22 11.85
N THR A 12 9.08 8.91 11.80
CA THR A 12 8.68 8.26 10.56
C THR A 12 7.21 8.51 10.26
N GLY A 13 6.34 8.16 11.21
CA GLY A 13 4.92 8.35 11.04
C GLY A 13 4.12 7.08 11.29
N VAL A 14 2.83 7.14 11.02
CA VAL A 14 1.95 6.00 11.23
C VAL A 14 2.27 4.88 10.23
N PHE A 15 2.72 5.27 9.05
CA PHE A 15 3.06 4.31 8.01
C PHE A 15 4.44 3.71 8.24
N LEU A 16 4.49 2.54 8.86
CA LEU A 16 5.75 1.86 9.14
C LEU A 16 6.44 1.44 7.85
N LYS A 17 5.64 1.10 6.84
CA LYS A 17 6.18 0.67 5.56
C LYS A 17 5.40 1.30 4.40
N LYS A 18 6.12 1.91 3.47
CA LYS A 18 5.50 2.55 2.32
C LYS A 18 5.63 1.68 1.07
N PRO A 19 4.59 1.68 0.23
CA PRO A 19 4.57 0.90 -1.01
C PRO A 19 5.53 1.46 -2.06
N ASP A 20 6.68 0.81 -2.19
CA ASP A 20 7.68 1.24 -3.16
C ASP A 20 7.25 0.91 -4.58
N SER A 21 7.54 1.82 -5.51
CA SER A 21 7.16 1.63 -6.91
C SER A 21 7.75 0.34 -7.46
N VAL A 22 6.88 -0.52 -7.99
CA VAL A 22 7.32 -1.80 -8.56
C VAL A 22 7.14 -1.82 -10.06
N SER A 23 8.26 -1.95 -10.79
CA SER A 23 8.23 -1.99 -12.24
C SER A 23 7.90 -3.39 -12.74
N VAL A 24 6.92 -3.47 -13.64
CA VAL A 24 6.51 -4.75 -14.21
C VAL A 24 6.26 -4.63 -15.71
N GLU A 25 6.12 -5.77 -16.37
CA GLU A 25 5.88 -5.81 -17.81
C GLU A 25 4.42 -6.13 -18.11
N THR A 26 3.94 -5.65 -19.26
CA THR A 26 2.55 -5.90 -19.66
C THR A 26 2.24 -7.39 -19.65
N GLY A 27 1.12 -7.76 -19.03
CA GLY A 27 0.72 -9.15 -18.96
C GLY A 27 1.24 -9.84 -17.72
N LYS A 28 2.11 -9.15 -16.98
CA LYS A 28 2.68 -9.72 -15.76
C LYS A 28 1.80 -9.42 -14.55
N ASP A 29 2.27 -9.79 -13.37
CA ASP A 29 1.51 -9.55 -12.14
C ASP A 29 2.25 -8.56 -11.24
N ALA A 30 1.57 -7.49 -10.86
CA ALA A 30 2.16 -6.47 -9.99
C ALA A 30 1.92 -6.80 -8.52
N VAL A 31 2.86 -6.40 -7.67
CA VAL A 31 2.75 -6.64 -6.24
C VAL A 31 3.19 -5.43 -5.44
N VAL A 32 2.35 -5.00 -4.49
CA VAL A 32 2.66 -3.85 -3.65
C VAL A 32 2.42 -4.17 -2.17
N VAL A 33 3.50 -4.14 -1.40
CA VAL A 33 3.42 -4.42 0.03
C VAL A 33 3.49 -3.13 0.85
N ALA A 34 2.83 -3.14 2.00
CA ALA A 34 2.82 -1.97 2.87
C ALA A 34 2.44 -2.36 4.30
N LYS A 35 2.71 -1.47 5.25
CA LYS A 35 2.40 -1.71 6.65
C LYS A 35 1.82 -0.46 7.31
N VAL A 36 1.04 -0.66 8.35
CA VAL A 36 0.42 0.46 9.08
C VAL A 36 0.54 0.26 10.58
N ASN A 37 1.13 1.25 11.26
CA ASN A 37 1.30 1.18 12.70
C ASN A 37 -0.04 1.37 13.42
N GLY A 38 -0.52 0.31 14.06
CA GLY A 38 -1.78 0.38 14.77
C GLY A 38 -1.68 1.16 16.06
N LYS A 39 -0.60 0.94 16.80
CA LYS A 39 -0.38 1.63 18.07
C LYS A 39 -0.64 3.13 17.91
N GLU A 40 0.04 3.74 16.94
CA GLU A 40 -0.12 5.17 16.69
C GLU A 40 -1.58 5.52 16.46
N LEU A 41 -2.34 4.58 15.91
CA LEU A 41 -3.76 4.79 15.65
C LEU A 41 -4.61 4.42 16.86
N PRO A 42 -5.67 5.20 17.10
CA PRO A 42 -6.58 4.97 18.23
C PRO A 42 -7.43 3.71 18.04
N ASP A 43 -7.85 3.47 16.81
CA ASP A 43 -8.68 2.31 16.49
C ASP A 43 -8.25 1.69 15.16
N LYS A 44 -8.99 0.68 14.72
CA LYS A 44 -8.70 0.01 13.46
C LYS A 44 -8.77 0.98 12.29
N PRO A 45 -7.64 1.14 11.58
CA PRO A 45 -7.55 2.04 10.42
C PRO A 45 -8.36 1.52 9.23
N THR A 46 -8.66 2.42 8.30
CA THR A 46 -9.41 2.07 7.11
C THR A 46 -8.52 2.00 5.87
N ILE A 47 -8.34 0.79 5.34
CA ILE A 47 -7.51 0.61 4.16
C ILE A 47 -8.31 0.80 2.89
N LYS A 48 -7.76 1.57 1.95
CA LYS A 48 -8.43 1.84 0.68
C LYS A 48 -7.41 2.01 -0.44
N TRP A 49 -7.71 1.46 -1.61
CA TRP A 49 -6.82 1.55 -2.75
C TRP A 49 -7.47 2.35 -3.88
N PHE A 50 -6.82 3.43 -4.29
CA PHE A 50 -7.33 4.27 -5.36
C PHE A 50 -6.40 4.27 -6.55
N LYS A 51 -6.94 4.53 -7.74
CA LYS A 51 -6.16 4.55 -8.96
C LYS A 51 -6.24 5.93 -9.63
N GLY A 52 -5.27 6.79 -9.32
CA GLY A 52 -5.24 8.12 -9.90
C GLY A 52 -6.58 8.83 -9.78
N LYS A 53 -7.45 8.63 -10.77
CA LYS A 53 -8.76 9.26 -10.76
C LYS A 53 -9.52 8.92 -9.47
N TRP A 54 -10.77 9.35 -9.41
CA TRP A 54 -11.61 9.09 -8.24
C TRP A 54 -12.05 7.63 -8.20
N LEU A 55 -11.55 6.84 -9.14
CA LEU A 55 -11.88 5.42 -9.20
C LEU A 55 -11.64 4.74 -7.86
N GLU A 56 -12.41 3.70 -7.58
CA GLU A 56 -12.27 2.96 -6.33
C GLU A 56 -12.13 1.46 -6.60
N LEU A 57 -10.97 0.91 -6.25
CA LEU A 57 -10.71 -0.51 -6.45
C LEU A 57 -11.34 -1.34 -5.34
N GLY A 58 -11.10 -2.65 -5.37
CA GLY A 58 -11.65 -3.53 -4.36
C GLY A 58 -11.67 -4.98 -4.81
N SER A 59 -12.29 -5.84 -4.01
CA SER A 59 -12.38 -7.26 -4.33
C SER A 59 -13.82 -7.74 -4.25
N LYS A 60 -14.21 -8.59 -5.20
CA LYS A 60 -15.56 -9.13 -5.24
C LYS A 60 -15.54 -10.66 -5.14
N SER A 61 -14.47 -11.18 -4.55
CA SER A 61 -14.33 -12.63 -4.40
C SER A 61 -14.07 -13.29 -5.74
N GLY A 62 -13.44 -12.55 -6.66
CA GLY A 62 -13.14 -13.09 -7.97
C GLY A 62 -12.70 -12.02 -8.95
N ALA A 63 -11.55 -11.40 -8.66
CA ALA A 63 -11.02 -10.35 -9.52
C ALA A 63 -9.49 -10.31 -9.46
N ARG A 64 -8.87 -9.89 -10.56
CA ARG A 64 -7.41 -9.82 -10.62
C ARG A 64 -6.84 -9.10 -9.40
N PHE A 65 -7.62 -8.15 -8.87
CA PHE A 65 -7.19 -7.39 -7.70
C PHE A 65 -7.36 -8.21 -6.42
N SER A 66 -6.25 -8.48 -5.75
CA SER A 66 -6.28 -9.26 -4.52
C SER A 66 -5.64 -8.47 -3.37
N PHE A 67 -6.38 -8.35 -2.28
CA PHE A 67 -5.89 -7.62 -1.10
C PHE A 67 -5.69 -8.57 0.08
N LYS A 68 -4.47 -8.62 0.59
CA LYS A 68 -4.15 -9.49 1.72
C LYS A 68 -3.69 -8.66 2.92
N GLU A 69 -4.54 -8.58 3.94
CA GLU A 69 -4.22 -7.83 5.15
C GLU A 69 -3.91 -8.77 6.30
N SER A 70 -2.73 -8.58 6.90
CA SER A 70 -2.30 -9.41 8.02
C SER A 70 -2.30 -8.61 9.31
N HIS A 71 -3.25 -8.92 10.19
CA HIS A 71 -3.37 -8.23 11.47
C HIS A 71 -2.52 -8.93 12.54
N ASN A 72 -1.47 -8.26 12.99
CA ASN A 72 -0.59 -8.81 14.01
C ASN A 72 -0.97 -8.30 15.40
N SER A 73 -0.61 -9.07 16.42
CA SER A 73 -0.91 -8.68 17.80
C SER A 73 0.33 -8.15 18.50
N ALA A 74 1.37 -8.97 18.56
CA ALA A 74 2.62 -8.58 19.20
C ALA A 74 3.09 -7.22 18.69
N SER A 75 3.54 -7.19 17.43
CA SER A 75 4.02 -5.96 16.82
C SER A 75 2.88 -4.96 16.63
N ASN A 76 1.66 -5.47 16.61
CA ASN A 76 0.48 -4.63 16.43
C ASN A 76 0.61 -3.78 15.18
N VAL A 77 0.94 -4.43 14.06
CA VAL A 77 1.09 -3.72 12.79
C VAL A 77 0.28 -4.41 11.68
N TYR A 78 -0.44 -3.61 10.91
CA TYR A 78 -1.25 -4.14 9.82
C TYR A 78 -0.48 -4.13 8.51
N THR A 79 -0.34 -5.31 7.90
CA THR A 79 0.38 -5.44 6.65
C THR A 79 -0.58 -5.70 5.49
N VAL A 80 -0.76 -4.71 4.63
CA VAL A 80 -1.65 -4.84 3.48
C VAL A 80 -0.86 -5.02 2.19
N GLU A 81 -1.34 -5.90 1.33
CA GLU A 81 -0.68 -6.16 0.05
C GLU A 81 -1.67 -6.08 -1.10
N LEU A 82 -1.25 -5.43 -2.18
CA LEU A 82 -2.11 -5.27 -3.36
C LEU A 82 -1.48 -5.94 -4.57
N HIS A 83 -2.07 -7.06 -5.00
CA HIS A 83 -1.57 -7.79 -6.16
C HIS A 83 -2.49 -7.61 -7.35
N ILE A 84 -1.89 -7.41 -8.53
CA ILE A 84 -2.66 -7.22 -9.75
C ILE A 84 -2.16 -8.14 -10.86
N GLY A 85 -2.99 -9.11 -11.23
CA GLY A 85 -2.61 -10.04 -12.29
C GLY A 85 -3.02 -9.56 -13.66
N LYS A 86 -2.23 -9.91 -14.67
CA LYS A 86 -2.50 -9.51 -16.04
C LYS A 86 -2.49 -7.99 -16.17
N VAL A 87 -1.39 -7.37 -15.74
CA VAL A 87 -1.26 -5.92 -15.81
C VAL A 87 -1.28 -5.43 -17.26
N VAL A 88 -1.63 -4.17 -17.44
CA VAL A 88 -1.68 -3.58 -18.78
C VAL A 88 -1.23 -2.11 -18.75
N LEU A 89 -0.99 -1.56 -19.94
CA LEU A 89 -0.56 -0.18 -20.05
C LEU A 89 -1.55 0.76 -19.37
N GLY A 90 -2.83 0.39 -19.40
CA GLY A 90 -3.85 1.20 -18.78
C GLY A 90 -3.80 1.15 -17.27
N ASP A 91 -2.99 0.24 -16.74
CA ASP A 91 -2.85 0.08 -15.29
C ASP A 91 -1.69 0.92 -14.76
N ARG A 92 -0.61 0.96 -15.53
CA ARG A 92 0.58 1.73 -15.13
C ARG A 92 0.22 3.19 -14.89
N GLY A 93 0.88 3.79 -13.90
CA GLY A 93 0.62 5.17 -13.58
C GLY A 93 0.94 5.50 -12.13
N TYR A 94 -0.10 5.79 -11.35
CA TYR A 94 0.06 6.12 -9.94
C TYR A 94 -1.19 5.79 -9.14
N TYR A 95 -1.01 5.39 -7.89
CA TYR A 95 -2.12 5.04 -7.03
C TYR A 95 -2.07 5.83 -5.72
N ARG A 96 -3.05 5.60 -4.85
CA ARG A 96 -3.12 6.29 -3.57
C ARG A 96 -3.78 5.42 -2.52
N LEU A 97 -3.15 5.34 -1.35
CA LEU A 97 -3.68 4.54 -0.25
C LEU A 97 -4.13 5.43 0.91
N GLU A 98 -5.43 5.41 1.19
CA GLU A 98 -5.98 6.22 2.27
C GLU A 98 -6.06 5.41 3.56
N VAL A 99 -5.73 6.06 4.67
CA VAL A 99 -5.75 5.41 5.98
C VAL A 99 -6.33 6.33 7.05
N LYS A 100 -7.41 5.89 7.68
CA LYS A 100 -8.06 6.66 8.72
C LYS A 100 -8.67 5.76 9.78
N ALA A 101 -8.76 6.27 11.01
CA ALA A 101 -9.32 5.50 12.12
C ALA A 101 -10.36 6.32 12.88
N LYS A 102 -9.89 7.28 13.65
CA LYS A 102 -10.77 8.14 14.45
C LYS A 102 -10.47 9.61 14.18
N ASP A 103 -9.37 10.10 14.75
CA ASP A 103 -8.98 11.49 14.57
C ASP A 103 -7.70 11.59 13.73
N THR A 104 -7.11 10.44 13.44
CA THR A 104 -5.89 10.41 12.63
C THR A 104 -6.20 10.03 11.19
N CYS A 105 -5.68 10.84 10.26
CA CYS A 105 -5.90 10.59 8.84
C CYS A 105 -4.59 10.65 8.07
N ASP A 106 -4.12 9.50 7.63
CA ASP A 106 -2.87 9.42 6.87
C ASP A 106 -3.07 8.68 5.55
N SER A 107 -2.23 8.99 4.57
CA SER A 107 -2.32 8.37 3.26
C SER A 107 -0.95 8.26 2.61
N CYS A 108 -0.81 7.33 1.67
CA CYS A 108 0.46 7.12 0.98
C CYS A 108 0.22 6.52 -0.41
N GLY A 109 0.69 7.22 -1.43
CA GLY A 109 0.52 6.75 -2.79
C GLY A 109 1.80 6.19 -3.37
N PHE A 110 1.67 5.34 -4.39
CA PHE A 110 2.83 4.74 -5.03
C PHE A 110 2.76 4.89 -6.55
N ASN A 111 3.71 4.29 -7.25
CA ASN A 111 3.75 4.36 -8.70
C ASN A 111 4.13 3.00 -9.31
N ILE A 112 3.42 2.62 -10.36
CA ILE A 112 3.67 1.35 -11.03
C ILE A 112 3.97 1.55 -12.51
N ASP A 113 4.76 0.66 -13.08
CA ASP A 113 5.12 0.74 -14.49
C ASP A 113 4.81 -0.56 -15.21
N VAL A 114 4.32 -0.46 -16.43
CA VAL A 114 3.98 -1.63 -17.23
C VAL A 114 4.69 -1.61 -18.58
N GLU A 115 5.87 -2.22 -18.63
CA GLU A 115 6.65 -2.27 -19.86
C GLU A 115 6.13 -3.35 -20.79
N ALA A 116 5.68 -2.94 -21.98
CA ALA A 116 5.16 -3.87 -22.96
C ALA A 116 6.27 -4.65 -23.64
N PRO A 117 5.91 -5.74 -24.32
CA PRO A 117 6.87 -6.60 -25.02
C PRO A 117 7.48 -5.92 -26.24
N ARG A 118 8.64 -6.38 -26.65
CA ARG A 118 9.33 -5.81 -27.82
C ARG A 118 8.43 -5.83 -29.04
N GLY A 1 25.76 18.54 -1.10
CA GLY A 1 24.78 18.71 -0.04
C GLY A 1 23.89 17.50 0.12
N SER A 2 23.65 17.09 1.37
CA SER A 2 22.81 15.94 1.65
C SER A 2 21.38 16.36 1.94
N SER A 3 20.49 15.38 2.05
CA SER A 3 19.08 15.65 2.31
C SER A 3 18.78 15.56 3.80
N GLY A 4 17.91 16.45 4.28
CA GLY A 4 17.56 16.45 5.69
C GLY A 4 18.24 17.56 6.46
N SER A 5 17.70 17.89 7.63
CA SER A 5 18.26 18.95 8.46
C SER A 5 17.86 18.76 9.91
N SER A 6 18.79 19.04 10.82
CA SER A 6 18.52 18.91 12.25
C SER A 6 17.56 19.99 12.74
N GLY A 7 16.92 19.74 13.87
CA GLY A 7 15.97 20.71 14.42
C GLY A 7 15.03 20.08 15.41
N ALA A 8 13.73 20.33 15.23
CA ALA A 8 12.71 19.78 16.13
C ALA A 8 12.74 18.25 16.12
N GLU A 9 11.81 17.65 16.84
CA GLU A 9 11.73 16.19 16.93
C GLU A 9 10.32 15.70 16.58
N GLU A 10 10.21 15.02 15.45
CA GLU A 10 8.92 14.51 15.00
C GLU A 10 8.99 12.99 14.78
N PRO A 11 7.88 12.30 15.11
CA PRO A 11 7.79 10.85 14.96
C PRO A 11 7.74 10.41 13.49
N THR A 12 8.37 9.29 13.20
CA THR A 12 8.40 8.76 11.83
C THR A 12 7.03 8.88 11.17
N GLY A 13 6.03 8.29 11.80
CA GLY A 13 4.68 8.34 11.25
C GLY A 13 3.92 7.04 11.47
N VAL A 14 2.67 7.02 11.01
CA VAL A 14 1.83 5.83 11.16
C VAL A 14 2.25 4.74 10.18
N PHE A 15 2.52 5.14 8.94
CA PHE A 15 2.92 4.21 7.90
C PHE A 15 4.34 3.70 8.14
N LEU A 16 4.45 2.50 8.69
CA LEU A 16 5.75 1.91 8.99
C LEU A 16 6.51 1.60 7.70
N LYS A 17 5.78 1.21 6.66
CA LYS A 17 6.38 0.90 5.37
C LYS A 17 5.55 1.47 4.23
N LYS A 18 6.21 2.16 3.30
CA LYS A 18 5.53 2.75 2.17
C LYS A 18 5.75 1.92 0.91
N PRO A 19 4.73 1.87 0.03
CA PRO A 19 4.81 1.12 -1.22
C PRO A 19 5.76 1.74 -2.23
N ASP A 20 6.92 1.12 -2.41
CA ASP A 20 7.92 1.62 -3.34
C ASP A 20 7.56 1.25 -4.77
N SER A 21 7.56 2.23 -5.66
CA SER A 21 7.24 2.01 -7.06
C SER A 21 7.78 0.66 -7.54
N VAL A 22 6.94 -0.10 -8.23
CA VAL A 22 7.34 -1.40 -8.75
C VAL A 22 7.15 -1.48 -10.26
N SER A 23 8.23 -1.75 -10.98
CA SER A 23 8.19 -1.85 -12.43
C SER A 23 7.82 -3.26 -12.87
N VAL A 24 6.65 -3.40 -13.47
CA VAL A 24 6.18 -4.70 -13.94
C VAL A 24 6.01 -4.71 -15.46
N GLU A 25 5.85 -5.91 -16.03
CA GLU A 25 5.67 -6.05 -17.46
C GLU A 25 4.26 -6.51 -17.80
N THR A 26 3.70 -5.94 -18.86
CA THR A 26 2.34 -6.29 -19.28
C THR A 26 2.15 -7.80 -19.33
N GLY A 27 1.01 -8.26 -18.81
CA GLY A 27 0.73 -9.68 -18.80
C GLY A 27 1.25 -10.36 -17.55
N LYS A 28 1.96 -9.61 -16.73
CA LYS A 28 2.51 -10.16 -15.48
C LYS A 28 1.62 -9.82 -14.29
N ASP A 29 2.08 -10.19 -13.10
CA ASP A 29 1.32 -9.93 -11.88
C ASP A 29 2.07 -8.95 -10.98
N ALA A 30 1.43 -7.82 -10.69
CA ALA A 30 2.02 -6.80 -9.84
C ALA A 30 1.78 -7.11 -8.36
N VAL A 31 2.73 -6.71 -7.52
CA VAL A 31 2.61 -6.95 -6.08
C VAL A 31 3.22 -5.79 -5.29
N VAL A 32 2.43 -5.21 -4.40
CA VAL A 32 2.89 -4.09 -3.58
C VAL A 32 2.90 -4.47 -2.11
N VAL A 33 3.88 -3.96 -1.37
CA VAL A 33 4.00 -4.24 0.05
C VAL A 33 3.95 -2.95 0.87
N ALA A 34 3.20 -2.98 1.97
CA ALA A 34 3.07 -1.83 2.84
C ALA A 34 2.53 -2.23 4.21
N LYS A 35 2.99 -1.54 5.24
CA LYS A 35 2.55 -1.82 6.61
C LYS A 35 1.90 -0.59 7.23
N VAL A 36 1.13 -0.81 8.29
CA VAL A 36 0.45 0.29 8.99
C VAL A 36 0.45 0.06 10.50
N ASN A 37 1.02 1.01 11.24
CA ASN A 37 1.09 0.92 12.69
C ASN A 37 -0.28 1.18 13.31
N GLY A 38 -0.87 0.14 13.89
CA GLY A 38 -2.17 0.26 14.51
C GLY A 38 -2.10 0.98 15.84
N LYS A 39 -1.25 0.50 16.74
CA LYS A 39 -1.09 1.12 18.05
C LYS A 39 -1.26 2.63 17.98
N GLU A 40 -0.30 3.30 17.35
CA GLU A 40 -0.34 4.75 17.20
C GLU A 40 -1.75 5.22 16.90
N LEU A 41 -2.42 4.52 15.99
CA LEU A 41 -3.79 4.87 15.61
C LEU A 41 -4.75 4.65 16.77
N PRO A 42 -5.75 5.53 16.89
CA PRO A 42 -6.76 5.45 17.94
C PRO A 42 -7.70 4.27 17.76
N ASP A 43 -8.24 4.13 16.55
CA ASP A 43 -9.14 3.04 16.24
C ASP A 43 -8.67 2.24 15.04
N LYS A 44 -9.47 1.27 14.60
CA LYS A 44 -9.12 0.44 13.46
C LYS A 44 -9.01 1.28 12.19
N PRO A 45 -7.83 1.27 11.57
CA PRO A 45 -7.57 2.03 10.34
C PRO A 45 -8.30 1.44 9.15
N THR A 46 -8.68 2.30 8.21
CA THR A 46 -9.39 1.87 7.01
C THR A 46 -8.49 1.95 5.79
N ILE A 47 -8.16 0.80 5.22
CA ILE A 47 -7.31 0.74 4.04
C ILE A 47 -8.13 0.69 2.77
N LYS A 48 -7.80 1.56 1.82
CA LYS A 48 -8.51 1.62 0.54
C LYS A 48 -7.56 1.93 -0.60
N TRP A 49 -7.54 1.07 -1.61
CA TRP A 49 -6.66 1.25 -2.76
C TRP A 49 -7.37 2.06 -3.85
N PHE A 50 -6.88 3.26 -4.10
CA PHE A 50 -7.45 4.13 -5.12
C PHE A 50 -6.54 4.22 -6.34
N LYS A 51 -7.15 4.49 -7.50
CA LYS A 51 -6.39 4.62 -8.74
C LYS A 51 -6.36 6.06 -9.22
N GLY A 52 -5.34 6.81 -8.80
CA GLY A 52 -5.22 8.19 -9.19
C GLY A 52 -6.52 8.95 -9.06
N LYS A 53 -7.31 8.96 -10.12
CA LYS A 53 -8.59 9.66 -10.12
C LYS A 53 -9.44 9.23 -8.92
N TRP A 54 -10.67 9.73 -8.86
CA TRP A 54 -11.58 9.40 -7.77
C TRP A 54 -12.24 8.05 -8.00
N LEU A 55 -11.44 7.08 -8.43
CA LEU A 55 -11.94 5.74 -8.69
C LEU A 55 -11.72 4.82 -7.49
N GLU A 56 -12.52 3.76 -7.40
CA GLU A 56 -12.40 2.81 -6.30
C GLU A 56 -12.19 1.39 -6.82
N LEU A 57 -11.04 0.82 -6.52
CA LEU A 57 -10.70 -0.54 -6.95
C LEU A 57 -11.56 -1.56 -6.22
N GLY A 58 -11.30 -1.73 -4.92
CA GLY A 58 -12.05 -2.69 -4.14
C GLY A 58 -11.93 -4.10 -4.66
N SER A 59 -12.85 -4.96 -4.24
CA SER A 59 -12.84 -6.35 -4.68
C SER A 59 -14.08 -6.68 -5.49
N LYS A 60 -13.97 -7.68 -6.35
CA LYS A 60 -15.09 -8.09 -7.20
C LYS A 60 -15.32 -9.59 -7.11
N SER A 61 -16.53 -10.03 -7.44
CA SER A 61 -16.87 -11.45 -7.40
C SER A 61 -15.77 -12.29 -8.04
N GLY A 62 -14.98 -11.66 -8.90
CA GLY A 62 -13.91 -12.38 -9.58
C GLY A 62 -12.95 -11.44 -10.28
N ALA A 63 -12.40 -10.49 -9.52
CA ALA A 63 -11.46 -9.52 -10.08
C ALA A 63 -10.01 -9.91 -9.76
N ARG A 64 -9.10 -9.58 -10.68
CA ARG A 64 -7.69 -9.90 -10.49
C ARG A 64 -7.11 -9.13 -9.31
N PHE A 65 -7.86 -8.14 -8.82
CA PHE A 65 -7.42 -7.33 -7.70
C PHE A 65 -7.61 -8.07 -6.39
N SER A 66 -6.49 -8.47 -5.77
CA SER A 66 -6.54 -9.19 -4.51
C SER A 66 -5.81 -8.40 -3.41
N PHE A 67 -6.44 -8.33 -2.23
CA PHE A 67 -5.86 -7.62 -1.10
C PHE A 67 -5.63 -8.55 0.08
N LYS A 68 -4.43 -8.51 0.64
CA LYS A 68 -4.09 -9.36 1.78
C LYS A 68 -3.72 -8.51 2.99
N GLU A 69 -4.61 -8.48 3.98
CA GLU A 69 -4.38 -7.71 5.19
C GLU A 69 -4.12 -8.63 6.38
N SER A 70 -2.93 -8.51 6.97
CA SER A 70 -2.56 -9.34 8.11
C SER A 70 -2.48 -8.50 9.39
N HIS A 71 -3.52 -8.61 10.22
CA HIS A 71 -3.56 -7.86 11.47
C HIS A 71 -2.99 -8.69 12.62
N ASN A 72 -1.96 -8.17 13.26
CA ASN A 72 -1.32 -8.85 14.38
C ASN A 72 -1.85 -8.34 15.72
N SER A 73 -1.78 -9.18 16.73
CA SER A 73 -2.25 -8.81 18.07
C SER A 73 -1.09 -8.40 18.97
N ALA A 74 0.13 -8.69 18.52
CA ALA A 74 1.32 -8.35 19.28
C ALA A 74 2.02 -7.13 18.69
N SER A 75 2.51 -7.27 17.46
CA SER A 75 3.20 -6.19 16.78
C SER A 75 2.23 -5.09 16.39
N ASN A 76 0.95 -5.30 16.67
CA ASN A 76 -0.08 -4.32 16.35
C ASN A 76 0.23 -3.62 15.03
N VAL A 77 0.49 -4.41 13.99
CA VAL A 77 0.80 -3.87 12.68
C VAL A 77 -0.06 -4.50 11.60
N TYR A 78 -0.60 -3.68 10.71
CA TYR A 78 -1.45 -4.16 9.63
C TYR A 78 -0.68 -4.22 8.31
N THR A 79 -0.27 -5.42 7.93
CA THR A 79 0.47 -5.61 6.68
C THR A 79 -0.47 -5.83 5.51
N VAL A 80 -0.48 -4.88 4.58
CA VAL A 80 -1.33 -4.98 3.40
C VAL A 80 -0.51 -5.21 2.13
N GLU A 81 -1.05 -5.99 1.21
CA GLU A 81 -0.37 -6.29 -0.05
C GLU A 81 -1.35 -6.31 -1.21
N LEU A 82 -1.07 -5.49 -2.22
CA LEU A 82 -1.92 -5.40 -3.40
C LEU A 82 -1.41 -6.32 -4.51
N HIS A 83 -2.26 -7.26 -4.92
CA HIS A 83 -1.89 -8.19 -5.98
C HIS A 83 -2.76 -7.98 -7.22
N ILE A 84 -2.12 -7.59 -8.32
CA ILE A 84 -2.83 -7.35 -9.57
C ILE A 84 -2.37 -8.31 -10.66
N GLY A 85 -3.33 -9.04 -11.24
CA GLY A 85 -3.00 -9.99 -12.29
C GLY A 85 -3.35 -9.47 -13.66
N LYS A 86 -2.62 -9.93 -14.67
CA LYS A 86 -2.86 -9.51 -16.05
C LYS A 86 -2.77 -7.99 -16.18
N VAL A 87 -1.77 -7.41 -15.53
CA VAL A 87 -1.58 -5.96 -15.58
C VAL A 87 -1.54 -5.45 -17.01
N VAL A 88 -2.16 -4.30 -17.24
CA VAL A 88 -2.20 -3.70 -18.58
C VAL A 88 -1.62 -2.30 -18.56
N LEU A 89 -1.23 -1.81 -19.73
CA LEU A 89 -0.66 -0.47 -19.86
C LEU A 89 -1.54 0.56 -19.16
N GLY A 90 -2.85 0.34 -19.20
CA GLY A 90 -3.78 1.25 -18.56
C GLY A 90 -3.62 1.30 -17.06
N ASP A 91 -3.12 0.21 -16.48
CA ASP A 91 -2.91 0.14 -15.04
C ASP A 91 -1.75 1.04 -14.62
N ARG A 92 -0.73 1.12 -15.46
CA ARG A 92 0.44 1.94 -15.17
C ARG A 92 0.05 3.41 -15.00
N GLY A 93 0.65 4.07 -14.02
CA GLY A 93 0.36 5.46 -13.77
C GLY A 93 0.68 5.88 -12.35
N TYR A 94 -0.33 5.86 -11.48
CA TYR A 94 -0.14 6.25 -10.09
C TYR A 94 -1.33 5.81 -9.25
N TYR A 95 -1.05 5.42 -8.00
CA TYR A 95 -2.10 4.98 -7.09
C TYR A 95 -2.06 5.77 -5.79
N ARG A 96 -2.99 5.46 -4.89
CA ARG A 96 -3.06 6.15 -3.60
C ARG A 96 -3.65 5.23 -2.53
N LEU A 97 -3.14 5.35 -1.31
CA LEU A 97 -3.63 4.53 -0.20
C LEU A 97 -4.15 5.41 0.93
N GLU A 98 -5.42 5.25 1.25
CA GLU A 98 -6.04 6.03 2.32
C GLU A 98 -6.09 5.23 3.62
N VAL A 99 -5.81 5.90 4.73
CA VAL A 99 -5.82 5.26 6.04
C VAL A 99 -6.44 6.16 7.09
N LYS A 100 -7.55 5.72 7.67
CA LYS A 100 -8.25 6.49 8.69
C LYS A 100 -8.92 5.56 9.70
N ALA A 101 -8.73 5.86 10.99
CA ALA A 101 -9.31 5.05 12.05
C ALA A 101 -10.37 5.84 12.82
N LYS A 102 -9.91 6.76 13.67
CA LYS A 102 -10.81 7.58 14.46
C LYS A 102 -10.70 9.05 14.08
N ASP A 103 -9.55 9.65 14.42
CA ASP A 103 -9.31 11.05 14.10
C ASP A 103 -8.07 11.21 13.22
N THR A 104 -7.25 10.16 13.18
CA THR A 104 -6.03 10.17 12.39
C THR A 104 -6.32 9.90 10.92
N CYS A 105 -5.72 10.68 10.03
CA CYS A 105 -5.91 10.52 8.60
C CYS A 105 -4.58 10.59 7.86
N ASP A 106 -4.10 9.43 7.41
CA ASP A 106 -2.84 9.36 6.69
C ASP A 106 -3.00 8.58 5.38
N SER A 107 -2.22 8.97 4.38
CA SER A 107 -2.28 8.32 3.07
C SER A 107 -0.92 8.33 2.39
N CYS A 108 -0.68 7.35 1.53
CA CYS A 108 0.58 7.25 0.81
C CYS A 108 0.35 7.30 -0.70
N GLY A 109 1.40 7.67 -1.43
CA GLY A 109 1.29 7.75 -2.88
C GLY A 109 2.47 7.11 -3.59
N PHE A 110 2.19 6.12 -4.42
CA PHE A 110 3.22 5.41 -5.16
C PHE A 110 2.95 5.46 -6.66
N ASN A 111 3.88 4.92 -7.44
CA ASN A 111 3.75 4.90 -8.90
C ASN A 111 4.10 3.52 -9.45
N ILE A 112 3.34 3.09 -10.45
CA ILE A 112 3.57 1.79 -11.08
C ILE A 112 3.85 1.94 -12.57
N ASP A 113 4.70 1.06 -13.09
CA ASP A 113 5.06 1.09 -14.51
C ASP A 113 4.83 -0.27 -15.15
N VAL A 114 4.22 -0.28 -16.33
CA VAL A 114 3.96 -1.51 -17.05
C VAL A 114 4.67 -1.53 -18.40
N GLU A 115 5.77 -2.27 -18.47
CA GLU A 115 6.54 -2.37 -19.70
C GLU A 115 5.83 -3.24 -20.73
N ALA A 116 5.80 -2.77 -21.97
CA ALA A 116 5.14 -3.51 -23.04
C ALA A 116 6.14 -4.36 -23.82
N PRO A 117 5.65 -5.45 -24.43
CA PRO A 117 6.48 -6.36 -25.21
C PRO A 117 6.99 -5.74 -26.50
N ARG A 118 8.18 -6.15 -26.92
CA ARG A 118 8.79 -5.63 -28.14
C ARG A 118 7.77 -5.59 -29.27
N GLY A 1 15.62 23.12 39.06
CA GLY A 1 15.56 21.67 39.16
C GLY A 1 16.60 20.99 38.29
N SER A 2 16.72 19.67 38.45
CA SER A 2 17.69 18.90 37.68
C SER A 2 17.00 18.02 36.66
N SER A 3 17.29 18.25 35.38
CA SER A 3 16.69 17.47 34.31
C SER A 3 17.65 16.40 33.81
N GLY A 4 17.32 15.14 34.09
CA GLY A 4 18.16 14.03 33.67
C GLY A 4 18.61 14.16 32.23
N SER A 5 19.49 13.26 31.81
CA SER A 5 20.00 13.28 30.44
C SER A 5 19.66 11.98 29.71
N SER A 6 18.73 12.06 28.78
CA SER A 6 18.31 10.90 28.01
C SER A 6 17.93 11.28 26.59
N GLY A 7 18.74 10.85 25.62
CA GLY A 7 18.48 11.16 24.23
C GLY A 7 17.03 10.91 23.85
N ALA A 8 16.26 11.98 23.74
CA ALA A 8 14.85 11.88 23.38
C ALA A 8 14.64 12.19 21.90
N GLU A 9 14.00 11.26 21.20
CA GLU A 9 13.74 11.44 19.77
C GLU A 9 12.34 10.95 19.41
N GLU A 10 11.75 11.56 18.39
CA GLU A 10 10.42 11.18 17.94
C GLU A 10 10.47 9.98 17.01
N PRO A 11 9.38 9.19 16.99
CA PRO A 11 9.28 7.99 16.15
C PRO A 11 9.17 8.34 14.67
N THR A 12 8.96 7.32 13.84
CA THR A 12 8.85 7.51 12.40
C THR A 12 7.50 8.12 12.04
N GLY A 13 6.43 7.33 12.19
CA GLY A 13 5.10 7.81 11.88
C GLY A 13 4.05 6.71 11.97
N VAL A 14 2.97 6.86 11.22
CA VAL A 14 1.90 5.87 11.21
C VAL A 14 2.15 4.79 10.18
N PHE A 15 2.93 5.12 9.16
CA PHE A 15 3.25 4.17 8.11
C PHE A 15 4.65 3.59 8.29
N LEU A 16 4.72 2.45 8.98
CA LEU A 16 6.00 1.80 9.24
C LEU A 16 6.77 1.58 7.95
N LYS A 17 6.05 1.27 6.87
CA LYS A 17 6.66 1.04 5.57
C LYS A 17 5.73 1.50 4.44
N LYS A 18 6.29 2.23 3.49
CA LYS A 18 5.52 2.72 2.35
C LYS A 18 5.81 1.91 1.09
N PRO A 19 4.81 1.82 0.21
CA PRO A 19 4.94 1.07 -1.06
C PRO A 19 5.89 1.75 -2.03
N ASP A 20 6.94 1.03 -2.43
CA ASP A 20 7.93 1.56 -3.36
C ASP A 20 7.55 1.23 -4.80
N SER A 21 7.58 2.23 -5.67
CA SER A 21 7.24 2.04 -7.08
C SER A 21 7.84 0.75 -7.61
N VAL A 22 6.99 -0.12 -8.14
CA VAL A 22 7.42 -1.40 -8.70
C VAL A 22 7.25 -1.43 -10.21
N SER A 23 8.27 -1.93 -10.90
CA SER A 23 8.24 -2.01 -12.36
C SER A 23 7.92 -3.43 -12.81
N VAL A 24 6.77 -3.59 -13.46
CA VAL A 24 6.35 -4.90 -13.95
C VAL A 24 6.15 -4.88 -15.47
N GLU A 25 6.06 -6.07 -16.06
CA GLU A 25 5.87 -6.19 -17.49
C GLU A 25 4.40 -6.42 -17.84
N THR A 26 3.98 -5.92 -19.00
CA THR A 26 2.60 -6.06 -19.44
C THR A 26 2.20 -7.54 -19.52
N GLY A 27 1.09 -7.88 -18.87
CA GLY A 27 0.62 -9.24 -18.88
C GLY A 27 1.11 -10.03 -17.69
N LYS A 28 1.67 -9.34 -16.70
CA LYS A 28 2.19 -9.99 -15.50
C LYS A 28 1.37 -9.59 -14.27
N ASP A 29 1.79 -10.07 -13.12
CA ASP A 29 1.10 -9.77 -11.86
C ASP A 29 1.90 -8.79 -11.01
N ALA A 30 1.31 -7.65 -10.71
CA ALA A 30 1.97 -6.64 -9.90
C ALA A 30 1.74 -6.88 -8.42
N VAL A 31 2.71 -6.50 -7.59
CA VAL A 31 2.62 -6.68 -6.15
C VAL A 31 3.16 -5.47 -5.41
N VAL A 32 2.50 -5.10 -4.32
CA VAL A 32 2.93 -3.96 -3.52
C VAL A 32 2.86 -4.27 -2.02
N VAL A 33 3.92 -3.92 -1.31
CA VAL A 33 3.99 -4.17 0.13
C VAL A 33 3.92 -2.87 0.91
N ALA A 34 3.07 -2.84 1.94
CA ALA A 34 2.90 -1.66 2.77
C ALA A 34 2.46 -2.04 4.18
N LYS A 35 3.11 -1.44 5.18
CA LYS A 35 2.77 -1.71 6.57
C LYS A 35 2.09 -0.51 7.21
N VAL A 36 1.31 -0.77 8.26
CA VAL A 36 0.59 0.29 8.96
C VAL A 36 0.62 0.07 10.47
N ASN A 37 1.17 1.03 11.19
CA ASN A 37 1.27 0.94 12.64
C ASN A 37 -0.11 1.13 13.29
N GLY A 38 -0.63 0.07 13.88
CA GLY A 38 -1.93 0.13 14.53
C GLY A 38 -1.90 0.96 15.81
N LYS A 39 -0.95 0.63 16.69
CA LYS A 39 -0.82 1.34 17.96
C LYS A 39 -1.10 2.83 17.78
N GLU A 40 -0.33 3.47 16.90
CA GLU A 40 -0.49 4.89 16.65
C GLU A 40 -1.96 5.24 16.40
N LEU A 41 -2.63 4.38 15.64
CA LEU A 41 -4.04 4.59 15.32
C LEU A 41 -4.92 4.29 16.53
N PRO A 42 -5.96 5.12 16.73
CA PRO A 42 -6.89 4.96 17.85
C PRO A 42 -7.79 3.73 17.68
N ASP A 43 -8.27 3.51 16.47
CA ASP A 43 -9.12 2.36 16.18
C ASP A 43 -8.77 1.74 14.85
N LYS A 44 -9.45 0.66 14.50
CA LYS A 44 -9.20 -0.04 13.24
C LYS A 44 -9.19 0.94 12.07
N PRO A 45 -8.04 0.99 11.36
CA PRO A 45 -7.87 1.88 10.21
C PRO A 45 -8.72 1.44 9.02
N THR A 46 -8.77 2.30 8.00
CA THR A 46 -9.55 2.01 6.80
C THR A 46 -8.64 1.68 5.62
N ILE A 47 -8.69 0.43 5.18
CA ILE A 47 -7.87 -0.01 4.06
C ILE A 47 -8.61 0.17 2.74
N LYS A 48 -8.11 1.09 1.91
CA LYS A 48 -8.71 1.36 0.62
C LYS A 48 -7.66 1.79 -0.40
N TRP A 49 -7.76 1.27 -1.62
CA TRP A 49 -6.82 1.61 -2.67
C TRP A 49 -7.47 2.47 -3.74
N PHE A 50 -6.66 3.23 -4.46
CA PHE A 50 -7.15 4.12 -5.51
C PHE A 50 -6.10 4.34 -6.59
N LYS A 51 -6.55 4.77 -7.76
CA LYS A 51 -5.64 5.02 -8.88
C LYS A 51 -5.73 6.47 -9.34
N GLY A 52 -4.69 7.24 -9.06
CA GLY A 52 -4.67 8.64 -9.45
C GLY A 52 -6.03 9.29 -9.33
N LYS A 53 -6.80 9.26 -10.42
CA LYS A 53 -8.13 9.85 -10.43
C LYS A 53 -8.95 9.38 -9.24
N TRP A 54 -10.20 9.83 -9.17
CA TRP A 54 -11.09 9.45 -8.08
C TRP A 54 -11.72 8.08 -8.35
N LEU A 55 -11.05 7.27 -9.15
CA LEU A 55 -11.56 5.94 -9.49
C LEU A 55 -11.64 5.06 -8.24
N GLU A 56 -12.04 3.81 -8.43
CA GLU A 56 -12.15 2.87 -7.32
C GLU A 56 -11.88 1.44 -7.79
N LEU A 57 -10.84 0.82 -7.23
CA LEU A 57 -10.48 -0.54 -7.58
C LEU A 57 -11.37 -1.55 -6.89
N GLY A 58 -11.28 -1.59 -5.55
CA GLY A 58 -12.10 -2.52 -4.78
C GLY A 58 -13.45 -2.74 -5.41
N SER A 59 -13.70 -3.97 -5.86
CA SER A 59 -14.98 -4.30 -6.48
C SER A 59 -15.21 -5.82 -6.46
N LYS A 60 -16.47 -6.21 -6.56
CA LYS A 60 -16.83 -7.63 -6.56
C LYS A 60 -16.78 -8.21 -7.97
N SER A 61 -16.84 -7.34 -8.97
CA SER A 61 -16.80 -7.77 -10.36
C SER A 61 -15.40 -8.18 -10.76
N GLY A 62 -14.40 -7.39 -10.35
CA GLY A 62 -13.03 -7.70 -10.68
C GLY A 62 -12.37 -8.61 -9.66
N ALA A 63 -11.57 -9.55 -10.14
CA ALA A 63 -10.88 -10.49 -9.26
C ALA A 63 -9.40 -10.16 -9.17
N ARG A 64 -8.79 -9.85 -10.31
CA ARG A 64 -7.37 -9.51 -10.35
C ARG A 64 -6.96 -8.70 -9.12
N PHE A 65 -7.79 -7.73 -8.77
CA PHE A 65 -7.52 -6.88 -7.62
C PHE A 65 -7.68 -7.65 -6.31
N SER A 66 -6.56 -8.09 -5.74
CA SER A 66 -6.58 -8.86 -4.50
C SER A 66 -6.06 -8.00 -3.34
N PHE A 67 -6.63 -8.22 -2.16
CA PHE A 67 -6.22 -7.48 -0.97
C PHE A 67 -5.98 -8.42 0.20
N LYS A 68 -4.76 -8.41 0.73
CA LYS A 68 -4.39 -9.25 1.85
C LYS A 68 -3.94 -8.42 3.05
N GLU A 69 -4.73 -8.43 4.11
CA GLU A 69 -4.41 -7.67 5.31
C GLU A 69 -4.23 -8.60 6.51
N SER A 70 -3.04 -8.56 7.11
CA SER A 70 -2.74 -9.40 8.26
C SER A 70 -2.24 -8.56 9.43
N HIS A 71 -2.90 -8.69 10.57
CA HIS A 71 -2.53 -7.94 11.77
C HIS A 71 -1.78 -8.83 12.75
N ASN A 72 -0.71 -8.29 13.32
CA ASN A 72 0.10 -9.04 14.29
C ASN A 72 -0.37 -8.78 15.71
N SER A 73 -0.16 -9.76 16.59
CA SER A 73 -0.56 -9.63 17.99
C SER A 73 0.53 -8.95 18.81
N ALA A 74 1.78 -9.21 18.45
CA ALA A 74 2.91 -8.64 19.16
C ALA A 74 3.29 -7.28 18.55
N SER A 75 3.76 -7.31 17.30
CA SER A 75 4.16 -6.09 16.62
C SER A 75 3.01 -5.11 16.52
N ASN A 76 1.81 -5.64 16.29
CA ASN A 76 0.61 -4.80 16.18
C ASN A 76 0.66 -3.97 14.91
N VAL A 77 1.02 -4.59 13.79
CA VAL A 77 1.10 -3.90 12.51
C VAL A 77 0.23 -4.59 11.46
N TYR A 78 -0.49 -3.79 10.69
CA TYR A 78 -1.37 -4.32 9.65
C TYR A 78 -0.65 -4.37 8.31
N THR A 79 -0.22 -5.56 7.91
CA THR A 79 0.48 -5.75 6.65
C THR A 79 -0.50 -5.87 5.49
N VAL A 80 -0.60 -4.82 4.69
CA VAL A 80 -1.50 -4.80 3.54
C VAL A 80 -0.72 -4.94 2.24
N GLU A 81 -1.30 -5.68 1.29
CA GLU A 81 -0.67 -5.89 -0.01
C GLU A 81 -1.66 -5.70 -1.14
N LEU A 82 -1.18 -5.17 -2.26
CA LEU A 82 -2.04 -4.94 -3.42
C LEU A 82 -1.52 -5.70 -4.63
N HIS A 83 -2.21 -6.78 -4.99
CA HIS A 83 -1.83 -7.59 -6.14
C HIS A 83 -2.74 -7.33 -7.32
N ILE A 84 -2.14 -7.05 -8.49
CA ILE A 84 -2.91 -6.78 -9.69
C ILE A 84 -2.49 -7.71 -10.83
N GLY A 85 -3.38 -8.62 -11.22
CA GLY A 85 -3.07 -9.54 -12.30
C GLY A 85 -3.45 -8.99 -13.65
N LYS A 86 -2.79 -9.50 -14.70
CA LYS A 86 -3.06 -9.05 -16.07
C LYS A 86 -2.87 -7.55 -16.19
N VAL A 87 -1.73 -7.05 -15.71
CA VAL A 87 -1.43 -5.63 -15.77
C VAL A 87 -1.24 -5.17 -17.21
N VAL A 88 -1.81 -4.01 -17.53
CA VAL A 88 -1.70 -3.45 -18.88
C VAL A 88 -1.20 -2.02 -18.84
N LEU A 89 -0.82 -1.50 -20.00
CA LEU A 89 -0.32 -0.14 -20.10
C LEU A 89 -1.32 0.86 -19.51
N GLY A 90 -2.59 0.50 -19.55
CA GLY A 90 -3.62 1.36 -19.00
C GLY A 90 -3.56 1.46 -17.49
N ASP A 91 -2.99 0.45 -16.86
CA ASP A 91 -2.87 0.41 -15.41
C ASP A 91 -1.74 1.31 -14.93
N ARG A 92 -0.54 1.06 -15.45
CA ARG A 92 0.63 1.84 -15.08
C ARG A 92 0.26 3.31 -14.85
N GLY A 93 0.94 3.94 -13.90
CA GLY A 93 0.66 5.34 -13.60
C GLY A 93 0.97 5.69 -12.16
N TYR A 94 -0.09 5.97 -11.39
CA TYR A 94 0.07 6.33 -9.99
C TYR A 94 -1.13 5.86 -9.16
N TYR A 95 -0.90 5.62 -7.89
CA TYR A 95 -1.95 5.15 -6.98
C TYR A 95 -1.85 5.83 -5.63
N ARG A 96 -2.78 5.52 -4.74
CA ARG A 96 -2.80 6.09 -3.40
C ARG A 96 -3.55 5.20 -2.43
N LEU A 97 -3.03 5.07 -1.22
CA LEU A 97 -3.65 4.25 -0.19
C LEU A 97 -4.26 5.10 0.92
N GLU A 98 -5.56 4.96 1.12
CA GLU A 98 -6.26 5.73 2.15
C GLU A 98 -6.29 4.96 3.47
N VAL A 99 -5.91 5.63 4.55
CA VAL A 99 -5.91 5.00 5.87
C VAL A 99 -6.35 5.98 6.95
N LYS A 100 -7.54 5.76 7.49
CA LYS A 100 -8.09 6.62 8.53
C LYS A 100 -8.87 5.81 9.56
N ALA A 101 -8.41 5.84 10.80
CA ALA A 101 -9.08 5.11 11.87
C ALA A 101 -10.27 5.89 12.41
N LYS A 102 -9.99 6.97 13.14
CA LYS A 102 -11.04 7.81 13.71
C LYS A 102 -10.84 9.26 13.32
N ASP A 103 -9.76 9.87 13.81
CA ASP A 103 -9.46 11.27 13.51
C ASP A 103 -8.17 11.38 12.70
N THR A 104 -7.28 10.41 12.89
CA THR A 104 -6.00 10.41 12.18
C THR A 104 -6.19 10.01 10.71
N CYS A 105 -5.78 10.90 9.81
CA CYS A 105 -5.90 10.63 8.38
C CYS A 105 -4.54 10.61 7.71
N ASP A 106 -4.12 9.44 7.25
CA ASP A 106 -2.83 9.28 6.59
C ASP A 106 -2.96 8.40 5.34
N SER A 107 -2.40 8.87 4.23
CA SER A 107 -2.46 8.13 2.98
C SER A 107 -1.13 8.21 2.24
N CYS A 108 -0.75 7.12 1.59
CA CYS A 108 0.51 7.07 0.84
C CYS A 108 0.25 7.07 -0.66
N GLY A 109 1.27 7.43 -1.43
CA GLY A 109 1.12 7.47 -2.87
C GLY A 109 2.29 6.83 -3.59
N PHE A 110 2.01 5.78 -4.35
CA PHE A 110 3.06 5.07 -5.10
C PHE A 110 2.81 5.16 -6.59
N ASN A 111 3.70 4.54 -7.37
CA ASN A 111 3.58 4.55 -8.82
C ASN A 111 4.04 3.22 -9.42
N ILE A 112 3.24 2.68 -10.33
CA ILE A 112 3.57 1.41 -10.97
C ILE A 112 3.90 1.61 -12.44
N ASP A 113 4.69 0.69 -13.00
CA ASP A 113 5.08 0.77 -14.40
C ASP A 113 4.81 -0.56 -15.11
N VAL A 114 4.28 -0.48 -16.33
CA VAL A 114 3.99 -1.68 -17.11
C VAL A 114 4.76 -1.68 -18.42
N GLU A 115 5.93 -2.30 -18.41
CA GLU A 115 6.76 -2.37 -19.61
C GLU A 115 6.07 -3.19 -20.71
N ALA A 116 5.94 -2.58 -21.88
CA ALA A 116 5.29 -3.25 -23.00
C ALA A 116 6.15 -4.41 -23.51
N PRO A 117 5.49 -5.40 -24.13
CA PRO A 117 6.17 -6.58 -24.68
C PRO A 117 7.03 -6.25 -25.89
N ARG A 118 7.68 -7.27 -26.44
CA ARG A 118 8.54 -7.09 -27.60
C ARG A 118 7.74 -7.23 -28.90
N GLY A 1 34.34 12.45 14.74
CA GLY A 1 33.02 12.61 14.13
C GLY A 1 32.02 11.61 14.65
N SER A 2 31.91 10.47 13.97
CA SER A 2 30.97 9.42 14.36
C SER A 2 31.65 8.06 14.35
N SER A 3 31.68 7.40 15.51
CA SER A 3 32.30 6.09 15.63
C SER A 3 31.28 5.05 16.09
N GLY A 4 30.49 4.56 15.15
CA GLY A 4 29.48 3.56 15.47
C GLY A 4 28.46 4.07 16.47
N SER A 5 28.00 5.29 16.27
CA SER A 5 27.01 5.90 17.17
C SER A 5 25.78 5.02 17.28
N SER A 6 25.15 5.04 18.46
CA SER A 6 23.96 4.25 18.71
C SER A 6 22.72 5.14 18.78
N GLY A 7 21.57 4.58 18.43
CA GLY A 7 20.34 5.33 18.47
C GLY A 7 19.15 4.55 17.92
N ALA A 8 18.41 3.90 18.81
CA ALA A 8 17.25 3.11 18.41
C ALA A 8 15.99 3.57 19.13
N GLU A 9 15.10 4.24 18.41
CA GLU A 9 13.86 4.74 18.99
C GLU A 9 12.66 4.26 18.18
N GLU A 10 11.47 4.47 18.73
CA GLU A 10 10.24 4.06 18.07
C GLU A 10 9.85 5.05 16.97
N PRO A 11 9.28 4.53 15.87
CA PRO A 11 8.85 5.35 14.74
C PRO A 11 7.66 6.23 15.08
N THR A 12 7.78 7.52 14.80
CA THR A 12 6.69 8.46 15.08
C THR A 12 5.57 8.32 14.06
N GLY A 13 5.93 8.18 12.79
CA GLY A 13 4.95 8.03 11.74
C GLY A 13 4.06 6.83 11.95
N VAL A 14 2.93 6.79 11.23
CA VAL A 14 1.98 5.69 11.34
C VAL A 14 2.30 4.59 10.33
N PHE A 15 2.65 4.99 9.12
CA PHE A 15 2.96 4.05 8.06
C PHE A 15 4.34 3.43 8.28
N LEU A 16 4.38 2.32 9.03
CA LEU A 16 5.63 1.64 9.32
C LEU A 16 6.42 1.37 8.03
N LYS A 17 5.69 1.17 6.93
CA LYS A 17 6.32 0.90 5.64
C LYS A 17 5.44 1.40 4.51
N LYS A 18 6.03 2.18 3.60
CA LYS A 18 5.30 2.72 2.46
C LYS A 18 5.60 1.91 1.21
N PRO A 19 4.60 1.85 0.30
CA PRO A 19 4.72 1.11 -0.95
C PRO A 19 5.69 1.77 -1.93
N ASP A 20 6.77 1.08 -2.23
CA ASP A 20 7.79 1.61 -3.15
C ASP A 20 7.39 1.32 -4.60
N SER A 21 7.75 2.23 -5.50
CA SER A 21 7.44 2.08 -6.92
C SER A 21 7.94 0.73 -7.44
N VAL A 22 7.03 -0.04 -8.01
CA VAL A 22 7.36 -1.36 -8.55
C VAL A 22 7.13 -1.41 -10.06
N SER A 23 8.13 -1.87 -10.80
CA SER A 23 8.03 -1.97 -12.24
C SER A 23 7.67 -3.38 -12.67
N VAL A 24 6.70 -3.49 -13.58
CA VAL A 24 6.26 -4.80 -14.07
C VAL A 24 6.05 -4.77 -15.59
N GLU A 25 5.94 -5.96 -16.18
CA GLU A 25 5.75 -6.07 -17.62
C GLU A 25 4.34 -6.58 -17.94
N THR A 26 3.77 -6.06 -19.02
CA THR A 26 2.43 -6.46 -19.43
C THR A 26 2.28 -7.98 -19.44
N GLY A 27 1.19 -8.47 -18.87
CA GLY A 27 0.96 -9.90 -18.83
C GLY A 27 1.51 -10.54 -17.57
N LYS A 28 2.06 -9.73 -16.68
CA LYS A 28 2.62 -10.21 -15.43
C LYS A 28 1.72 -9.86 -14.25
N ASP A 29 2.18 -10.18 -13.05
CA ASP A 29 1.42 -9.88 -11.83
C ASP A 29 2.15 -8.87 -10.96
N ALA A 30 1.48 -7.77 -10.65
CA ALA A 30 2.06 -6.72 -9.82
C ALA A 30 1.86 -7.02 -8.34
N VAL A 31 2.82 -6.61 -7.52
CA VAL A 31 2.75 -6.82 -6.08
C VAL A 31 3.24 -5.61 -5.32
N VAL A 32 2.50 -5.21 -4.28
CA VAL A 32 2.87 -4.07 -3.46
C VAL A 32 2.84 -4.42 -1.98
N VAL A 33 3.75 -3.82 -1.22
CA VAL A 33 3.82 -4.06 0.22
C VAL A 33 3.68 -2.77 1.01
N ALA A 34 2.90 -2.83 2.08
CA ALA A 34 2.67 -1.65 2.93
C ALA A 34 2.22 -2.06 4.32
N LYS A 35 2.86 -1.49 5.33
CA LYS A 35 2.53 -1.79 6.72
C LYS A 35 1.91 -0.58 7.40
N VAL A 36 1.08 -0.83 8.41
CA VAL A 36 0.42 0.23 9.15
C VAL A 36 0.53 0.01 10.66
N ASN A 37 1.03 1.00 11.37
CA ASN A 37 1.19 0.91 12.82
C ASN A 37 -0.16 1.07 13.52
N GLY A 38 -0.65 0.00 14.11
CA GLY A 38 -1.92 0.03 14.80
C GLY A 38 -1.83 0.76 16.14
N LYS A 39 -0.76 0.48 16.88
CA LYS A 39 -0.56 1.12 18.18
C LYS A 39 -0.73 2.63 18.08
N GLU A 40 0.14 3.26 17.31
CA GLU A 40 0.09 4.71 17.13
C GLU A 40 -1.34 5.17 16.83
N LEU A 41 -2.10 4.30 16.16
CA LEU A 41 -3.47 4.62 15.80
C LEU A 41 -4.42 4.36 16.97
N PRO A 42 -5.46 5.19 17.09
CA PRO A 42 -6.46 5.06 18.16
C PRO A 42 -7.34 3.83 17.99
N ASP A 43 -7.76 3.58 16.76
CA ASP A 43 -8.61 2.43 16.46
C ASP A 43 -8.26 1.83 15.11
N LYS A 44 -8.99 0.79 14.72
CA LYS A 44 -8.75 0.13 13.44
C LYS A 44 -8.84 1.11 12.28
N PRO A 45 -7.75 1.23 11.52
CA PRO A 45 -7.69 2.14 10.36
C PRO A 45 -8.57 1.68 9.21
N THR A 46 -8.51 2.40 8.10
CA THR A 46 -9.30 2.07 6.92
C THR A 46 -8.41 1.90 5.70
N ILE A 47 -8.33 0.67 5.18
CA ILE A 47 -7.52 0.37 4.01
C ILE A 47 -8.35 0.50 2.73
N LYS A 48 -7.97 1.44 1.88
CA LYS A 48 -8.66 1.65 0.61
C LYS A 48 -7.68 2.04 -0.50
N TRP A 49 -7.70 1.28 -1.58
CA TRP A 49 -6.82 1.54 -2.71
C TRP A 49 -7.56 2.27 -3.82
N PHE A 50 -7.00 3.38 -4.27
CA PHE A 50 -7.62 4.18 -5.34
C PHE A 50 -6.71 4.23 -6.56
N LYS A 51 -7.31 4.15 -7.75
CA LYS A 51 -6.56 4.20 -8.99
C LYS A 51 -6.71 5.55 -9.67
N GLY A 52 -5.64 6.33 -9.68
CA GLY A 52 -5.66 7.64 -10.30
C GLY A 52 -6.97 8.38 -10.04
N LYS A 53 -7.94 8.20 -10.93
CA LYS A 53 -9.23 8.85 -10.79
C LYS A 53 -9.83 8.59 -9.41
N TRP A 54 -11.06 9.03 -9.21
CA TRP A 54 -11.74 8.84 -7.93
C TRP A 54 -12.37 7.46 -7.85
N LEU A 55 -11.84 6.53 -8.64
CA LEU A 55 -12.35 5.16 -8.66
C LEU A 55 -12.14 4.48 -7.30
N GLU A 56 -12.69 3.28 -7.16
CA GLU A 56 -12.55 2.53 -5.91
C GLU A 56 -12.30 1.05 -6.19
N LEU A 57 -11.25 0.51 -5.59
CA LEU A 57 -10.90 -0.89 -5.76
C LEU A 57 -11.40 -1.74 -4.60
N GLY A 58 -11.34 -3.06 -4.75
CA GLY A 58 -11.78 -3.95 -3.71
C GLY A 58 -12.75 -5.01 -4.21
N SER A 59 -12.64 -6.21 -3.68
CA SER A 59 -13.50 -7.31 -4.09
C SER A 59 -13.38 -8.49 -3.13
N LYS A 60 -14.47 -9.24 -2.97
CA LYS A 60 -14.49 -10.39 -2.08
C LYS A 60 -14.63 -11.69 -2.88
N SER A 61 -15.47 -11.66 -3.90
CA SER A 61 -15.70 -12.83 -4.74
C SER A 61 -14.39 -13.32 -5.35
N GLY A 62 -13.64 -12.40 -5.94
CA GLY A 62 -12.37 -12.75 -6.56
C GLY A 62 -12.13 -11.99 -7.86
N ALA A 63 -10.98 -11.32 -7.93
CA ALA A 63 -10.63 -10.55 -9.11
C ALA A 63 -9.14 -10.23 -9.15
N ARG A 64 -8.63 -9.90 -10.32
CA ARG A 64 -7.22 -9.57 -10.48
C ARG A 64 -6.70 -8.79 -9.27
N PHE A 65 -7.54 -7.89 -8.75
CA PHE A 65 -7.16 -7.08 -7.61
C PHE A 65 -7.33 -7.86 -6.31
N SER A 66 -6.22 -8.44 -5.83
CA SER A 66 -6.24 -9.22 -4.60
C SER A 66 -5.55 -8.47 -3.47
N PHE A 67 -6.28 -8.25 -2.38
CA PHE A 67 -5.74 -7.55 -1.23
C PHE A 67 -5.49 -8.51 -0.06
N LYS A 68 -4.27 -8.50 0.45
CA LYS A 68 -3.91 -9.37 1.57
C LYS A 68 -3.59 -8.55 2.81
N GLU A 69 -4.46 -8.63 3.81
CA GLU A 69 -4.27 -7.90 5.05
C GLU A 69 -4.05 -8.86 6.22
N SER A 70 -2.88 -8.77 6.85
CA SER A 70 -2.55 -9.62 7.98
C SER A 70 -2.24 -8.80 9.22
N HIS A 71 -3.15 -8.84 10.19
CA HIS A 71 -2.98 -8.09 11.44
C HIS A 71 -2.21 -8.92 12.47
N ASN A 72 -1.15 -8.33 13.02
CA ASN A 72 -0.33 -9.01 14.02
C ASN A 72 -0.92 -8.84 15.41
N SER A 73 -0.61 -9.77 16.31
CA SER A 73 -1.10 -9.72 17.68
C SER A 73 -0.07 -9.07 18.60
N ALA A 74 1.18 -9.49 18.46
CA ALA A 74 2.26 -8.95 19.28
C ALA A 74 2.60 -7.52 18.88
N SER A 75 3.14 -7.35 17.68
CA SER A 75 3.50 -6.03 17.17
C SER A 75 2.26 -5.17 16.97
N ASN A 76 1.14 -5.81 16.66
CA ASN A 76 -0.11 -5.10 16.44
C ASN A 76 -0.03 -4.23 15.19
N VAL A 77 0.66 -4.74 14.17
CA VAL A 77 0.82 -4.00 12.92
C VAL A 77 0.04 -4.66 11.79
N TYR A 78 -0.56 -3.84 10.93
CA TYR A 78 -1.35 -4.35 9.81
C TYR A 78 -0.52 -4.35 8.53
N THR A 79 -0.42 -5.51 7.89
CA THR A 79 0.34 -5.66 6.66
C THR A 79 -0.58 -5.82 5.46
N VAL A 80 -0.68 -4.79 4.64
CA VAL A 80 -1.54 -4.82 3.45
C VAL A 80 -0.70 -4.87 2.18
N GLU A 81 -1.12 -5.71 1.24
CA GLU A 81 -0.42 -5.85 -0.03
C GLU A 81 -1.39 -5.90 -1.20
N LEU A 82 -1.13 -5.08 -2.21
CA LEU A 82 -1.99 -5.03 -3.39
C LEU A 82 -1.40 -5.85 -4.53
N HIS A 83 -2.15 -6.85 -4.98
CA HIS A 83 -1.69 -7.72 -6.07
C HIS A 83 -2.64 -7.60 -7.27
N ILE A 84 -2.06 -7.44 -8.46
CA ILE A 84 -2.84 -7.33 -9.68
C ILE A 84 -2.32 -8.27 -10.76
N GLY A 85 -3.21 -9.10 -11.30
CA GLY A 85 -2.82 -10.03 -12.34
C GLY A 85 -3.11 -9.51 -13.73
N LYS A 86 -2.37 -10.02 -14.71
CA LYS A 86 -2.55 -9.60 -16.10
C LYS A 86 -2.50 -8.07 -16.21
N VAL A 87 -1.54 -7.47 -15.52
CA VAL A 87 -1.37 -6.02 -15.55
C VAL A 87 -1.49 -5.48 -16.97
N VAL A 88 -2.10 -4.32 -17.12
CA VAL A 88 -2.28 -3.69 -18.42
C VAL A 88 -1.66 -2.30 -18.45
N LEU A 89 -1.36 -1.83 -19.65
CA LEU A 89 -0.76 -0.50 -19.81
C LEU A 89 -1.55 0.56 -19.04
N GLY A 90 -2.86 0.36 -18.96
CA GLY A 90 -3.71 1.31 -18.26
C GLY A 90 -3.47 1.28 -16.76
N ASP A 91 -2.98 0.15 -16.26
CA ASP A 91 -2.70 0.00 -14.83
C ASP A 91 -1.48 0.81 -14.43
N ARG A 92 -0.56 1.01 -15.38
CA ARG A 92 0.65 1.77 -15.11
C ARG A 92 0.34 3.23 -14.82
N GLY A 93 1.04 3.80 -13.85
CA GLY A 93 0.82 5.19 -13.49
C GLY A 93 1.13 5.47 -12.03
N TYR A 94 0.07 5.77 -11.27
CA TYR A 94 0.24 6.06 -9.85
C TYR A 94 -1.02 5.71 -9.07
N TYR A 95 -0.86 5.43 -7.78
CA TYR A 95 -1.99 5.06 -6.93
C TYR A 95 -1.96 5.85 -5.62
N ARG A 96 -3.03 5.73 -4.83
CA ARG A 96 -3.11 6.42 -3.56
C ARG A 96 -3.75 5.52 -2.49
N LEU A 97 -3.12 5.47 -1.32
CA LEU A 97 -3.62 4.64 -0.23
C LEU A 97 -4.17 5.51 0.89
N GLU A 98 -5.47 5.43 1.12
CA GLU A 98 -6.12 6.21 2.16
C GLU A 98 -6.20 5.41 3.47
N VAL A 99 -5.90 6.08 4.58
CA VAL A 99 -5.94 5.43 5.88
C VAL A 99 -6.44 6.39 6.95
N LYS A 100 -7.58 6.07 7.55
CA LYS A 100 -8.17 6.90 8.59
C LYS A 100 -8.82 6.04 9.67
N ALA A 101 -8.50 6.33 10.92
CA ALA A 101 -9.06 5.58 12.05
C ALA A 101 -10.11 6.40 12.78
N LYS A 102 -9.66 7.39 13.56
CA LYS A 102 -10.56 8.25 14.32
C LYS A 102 -10.25 9.72 14.04
N ASP A 103 -9.16 10.21 14.63
CA ASP A 103 -8.77 11.60 14.44
C ASP A 103 -7.52 11.70 13.58
N THR A 104 -6.79 10.59 13.48
CA THR A 104 -5.56 10.55 12.68
C THR A 104 -5.87 10.24 11.22
N CYS A 105 -5.23 10.97 10.32
CA CYS A 105 -5.43 10.78 8.88
C CYS A 105 -4.10 10.76 8.15
N ASP A 106 -3.79 9.64 7.51
CA ASP A 106 -2.55 9.50 6.76
C ASP A 106 -2.77 8.70 5.48
N SER A 107 -2.07 9.09 4.41
CA SER A 107 -2.20 8.42 3.12
C SER A 107 -0.89 8.49 2.35
N CYS A 108 -0.56 7.41 1.66
CA CYS A 108 0.66 7.35 0.87
C CYS A 108 0.39 6.79 -0.52
N GLY A 109 1.04 7.36 -1.53
CA GLY A 109 0.85 6.90 -2.89
C GLY A 109 2.12 6.32 -3.50
N PHE A 110 1.96 5.42 -4.45
CA PHE A 110 3.10 4.78 -5.11
C PHE A 110 3.02 4.95 -6.62
N ASN A 111 4.02 4.41 -7.32
CA ASN A 111 4.06 4.51 -8.77
C ASN A 111 4.34 3.13 -9.40
N ILE A 112 3.50 2.74 -10.34
CA ILE A 112 3.67 1.45 -11.02
C ILE A 112 3.93 1.64 -12.50
N ASP A 113 4.70 0.73 -13.08
CA ASP A 113 5.03 0.79 -14.51
C ASP A 113 4.72 -0.54 -15.19
N VAL A 114 4.19 -0.46 -16.41
CA VAL A 114 3.85 -1.65 -17.17
C VAL A 114 4.56 -1.66 -18.52
N GLU A 115 5.70 -2.34 -18.59
CA GLU A 115 6.47 -2.42 -19.82
C GLU A 115 5.71 -3.22 -20.89
N ALA A 116 5.63 -2.67 -22.10
CA ALA A 116 4.94 -3.32 -23.19
C ALA A 116 5.87 -4.28 -23.93
N PRO A 117 5.29 -5.34 -24.52
CA PRO A 117 6.04 -6.35 -25.26
C PRO A 117 6.60 -5.81 -26.56
N ARG A 118 7.60 -6.51 -27.12
CA ARG A 118 8.22 -6.10 -28.37
C ARG A 118 8.05 -7.18 -29.44
N GLY A 1 28.67 6.40 23.24
CA GLY A 1 29.15 7.72 23.61
C GLY A 1 29.47 8.58 22.40
N SER A 2 30.75 8.84 22.17
CA SER A 2 31.18 9.66 21.05
C SER A 2 31.41 8.80 19.81
N SER A 3 32.17 7.73 19.97
CA SER A 3 32.47 6.83 18.85
C SER A 3 32.34 5.38 19.28
N GLY A 4 31.56 4.60 18.53
CA GLY A 4 31.38 3.20 18.85
C GLY A 4 30.45 2.50 17.88
N SER A 5 29.16 2.83 17.96
CA SER A 5 28.17 2.22 17.08
C SER A 5 27.26 3.28 16.47
N SER A 6 27.06 3.20 15.15
CA SER A 6 26.23 4.16 14.44
C SER A 6 25.12 3.44 13.68
N GLY A 7 23.97 3.30 14.32
CA GLY A 7 22.84 2.64 13.68
C GLY A 7 21.64 2.55 14.60
N ALA A 8 20.50 3.08 14.15
CA ALA A 8 19.28 3.05 14.92
C ALA A 8 18.09 3.55 14.11
N GLU A 9 16.99 2.80 14.15
CA GLU A 9 15.79 3.16 13.40
C GLU A 9 14.86 4.02 14.27
N GLU A 10 14.31 5.07 13.67
CA GLU A 10 13.41 5.97 14.38
C GLU A 10 12.04 6.02 13.69
N PRO A 11 10.98 6.12 14.50
CA PRO A 11 9.61 6.19 13.98
C PRO A 11 9.31 7.50 13.27
N THR A 12 8.84 7.41 12.03
CA THR A 12 8.53 8.59 11.24
C THR A 12 7.04 8.91 11.31
N GLY A 13 6.22 7.89 11.16
CA GLY A 13 4.78 8.09 11.21
C GLY A 13 4.02 6.78 11.34
N VAL A 14 2.69 6.86 11.30
CA VAL A 14 1.84 5.68 11.43
C VAL A 14 2.23 4.62 10.39
N PHE A 15 2.53 5.07 9.18
CA PHE A 15 2.91 4.16 8.10
C PHE A 15 4.29 3.59 8.35
N LEU A 16 4.34 2.47 9.08
CA LEU A 16 5.61 1.82 9.39
C LEU A 16 6.41 1.57 8.11
N LYS A 17 5.73 1.09 7.08
CA LYS A 17 6.38 0.81 5.80
C LYS A 17 5.58 1.39 4.64
N LYS A 18 6.26 2.10 3.75
CA LYS A 18 5.61 2.71 2.59
C LYS A 18 5.87 1.89 1.34
N PRO A 19 4.86 1.81 0.46
CA PRO A 19 4.95 1.07 -0.80
C PRO A 19 5.89 1.73 -1.79
N ASP A 20 6.90 0.97 -2.23
CA ASP A 20 7.87 1.49 -3.20
C ASP A 20 7.47 1.12 -4.62
N SER A 21 7.62 2.07 -5.54
CA SER A 21 7.27 1.83 -6.93
C SER A 21 7.77 0.47 -7.40
N VAL A 22 7.00 -0.16 -8.28
CA VAL A 22 7.36 -1.47 -8.81
C VAL A 22 7.05 -1.56 -10.31
N SER A 23 8.08 -1.84 -11.09
CA SER A 23 7.92 -1.96 -12.54
C SER A 23 7.70 -3.41 -12.95
N VAL A 24 6.54 -3.70 -13.52
CA VAL A 24 6.21 -5.05 -13.95
C VAL A 24 5.99 -5.10 -15.46
N GLU A 25 5.91 -6.32 -16.01
CA GLU A 25 5.71 -6.50 -17.44
C GLU A 25 4.23 -6.74 -17.74
N THR A 26 3.74 -6.07 -18.77
CA THR A 26 2.34 -6.22 -19.18
C THR A 26 1.92 -7.68 -19.22
N GLY A 27 0.77 -7.98 -18.63
CA GLY A 27 0.28 -9.35 -18.60
C GLY A 27 0.67 -10.08 -17.34
N LYS A 28 1.60 -9.51 -16.58
CA LYS A 28 2.06 -10.12 -15.34
C LYS A 28 1.22 -9.64 -14.16
N ASP A 29 1.60 -10.05 -12.96
CA ASP A 29 0.88 -9.67 -11.75
C ASP A 29 1.73 -8.74 -10.88
N ALA A 30 1.22 -7.54 -10.63
CA ALA A 30 1.95 -6.57 -9.81
C ALA A 30 1.69 -6.82 -8.33
N VAL A 31 2.64 -6.40 -7.50
CA VAL A 31 2.53 -6.57 -6.05
C VAL A 31 3.13 -5.39 -5.30
N VAL A 32 2.43 -4.92 -4.29
CA VAL A 32 2.89 -3.79 -3.49
C VAL A 32 2.86 -4.12 -2.00
N VAL A 33 3.88 -3.66 -1.28
CA VAL A 33 3.96 -3.90 0.15
C VAL A 33 3.75 -2.62 0.95
N ALA A 34 2.95 -2.71 2.01
CA ALA A 34 2.66 -1.56 2.85
C ALA A 34 2.17 -1.99 4.22
N LYS A 35 2.85 -1.51 5.26
CA LYS A 35 2.48 -1.84 6.64
C LYS A 35 1.84 -0.65 7.34
N VAL A 36 1.01 -0.94 8.34
CA VAL A 36 0.33 0.12 9.09
C VAL A 36 0.44 -0.13 10.59
N ASN A 37 0.91 0.88 11.32
CA ASN A 37 1.07 0.77 12.77
C ASN A 37 -0.30 0.78 13.46
N GLY A 38 -0.61 -0.32 14.14
CA GLY A 38 -1.88 -0.41 14.83
C GLY A 38 -1.89 0.36 16.14
N LYS A 39 -0.87 0.16 16.95
CA LYS A 39 -0.76 0.84 18.24
C LYS A 39 -0.98 2.34 18.08
N GLU A 40 -0.10 2.99 17.32
CA GLU A 40 -0.20 4.43 17.09
C GLU A 40 -1.65 4.82 16.82
N LEU A 41 -2.31 4.07 15.94
CA LEU A 41 -3.70 4.35 15.59
C LEU A 41 -4.62 4.16 16.80
N PRO A 42 -5.69 4.96 16.86
CA PRO A 42 -6.67 4.89 17.95
C PRO A 42 -7.50 3.61 17.90
N ASP A 43 -8.06 3.33 16.73
CA ASP A 43 -8.88 2.14 16.56
C ASP A 43 -8.60 1.48 15.21
N LYS A 44 -9.34 0.41 14.91
CA LYS A 44 -9.16 -0.31 13.65
C LYS A 44 -9.22 0.64 12.47
N PRO A 45 -8.09 0.77 11.75
CA PRO A 45 -7.98 1.65 10.58
C PRO A 45 -8.79 1.14 9.40
N THR A 46 -8.83 1.93 8.33
CA THR A 46 -9.57 1.55 7.13
C THR A 46 -8.70 1.68 5.88
N ILE A 47 -8.39 0.54 5.27
CA ILE A 47 -7.55 0.52 4.08
C ILE A 47 -8.41 0.65 2.82
N LYS A 48 -7.98 1.51 1.90
CA LYS A 48 -8.69 1.73 0.65
C LYS A 48 -7.73 2.09 -0.48
N TRP A 49 -7.76 1.31 -1.55
CA TRP A 49 -6.89 1.56 -2.70
C TRP A 49 -7.65 2.27 -3.81
N PHE A 50 -7.07 3.35 -4.31
CA PHE A 50 -7.70 4.13 -5.38
C PHE A 50 -6.82 4.14 -6.63
N LYS A 51 -7.43 4.38 -7.78
CA LYS A 51 -6.72 4.42 -9.04
C LYS A 51 -6.82 5.80 -9.70
N GLY A 52 -5.69 6.49 -9.77
CA GLY A 52 -5.68 7.82 -10.37
C GLY A 52 -6.98 8.57 -10.13
N LYS A 53 -7.85 8.60 -11.13
CA LYS A 53 -9.12 9.29 -11.03
C LYS A 53 -9.83 8.95 -9.72
N TRP A 54 -10.94 9.62 -9.45
CA TRP A 54 -11.71 9.37 -8.24
C TRP A 54 -12.49 8.06 -8.33
N LEU A 55 -11.79 7.00 -8.73
CA LEU A 55 -12.41 5.68 -8.87
C LEU A 55 -12.27 4.89 -7.56
N GLU A 56 -12.90 3.72 -7.52
CA GLU A 56 -12.86 2.86 -6.35
C GLU A 56 -12.59 1.42 -6.74
N LEU A 57 -11.56 0.82 -6.14
CA LEU A 57 -11.20 -0.56 -6.44
C LEU A 57 -11.79 -1.51 -5.40
N GLY A 58 -11.56 -2.81 -5.58
CA GLY A 58 -12.09 -3.79 -4.66
C GLY A 58 -13.44 -3.41 -4.10
N SER A 59 -14.50 -3.72 -4.85
CA SER A 59 -15.85 -3.40 -4.43
C SER A 59 -16.60 -4.65 -4.01
N LYS A 60 -15.92 -5.53 -3.29
CA LYS A 60 -16.52 -6.77 -2.82
C LYS A 60 -17.22 -7.50 -3.95
N SER A 61 -16.58 -7.52 -5.12
CA SER A 61 -17.14 -8.19 -6.28
C SER A 61 -16.29 -9.39 -6.69
N GLY A 62 -14.98 -9.16 -6.82
CA GLY A 62 -14.09 -10.24 -7.21
C GLY A 62 -13.29 -9.91 -8.45
N ALA A 63 -12.57 -8.79 -8.42
CA ALA A 63 -11.76 -8.36 -9.56
C ALA A 63 -10.28 -8.64 -9.31
N ARG A 64 -9.52 -8.76 -10.40
CA ARG A 64 -8.09 -9.03 -10.30
C ARG A 64 -7.49 -8.34 -9.08
N PHE A 65 -7.93 -7.11 -8.82
CA PHE A 65 -7.44 -6.35 -7.69
C PHE A 65 -7.60 -7.13 -6.39
N SER A 66 -6.49 -7.64 -5.87
CA SER A 66 -6.51 -8.42 -4.64
C SER A 66 -5.94 -7.60 -3.48
N PHE A 67 -6.25 -8.04 -2.25
CA PHE A 67 -5.78 -7.34 -1.06
C PHE A 67 -5.38 -8.35 0.02
N LYS A 68 -4.13 -8.30 0.44
CA LYS A 68 -3.64 -9.20 1.48
C LYS A 68 -3.31 -8.44 2.76
N GLU A 69 -4.10 -8.66 3.80
CA GLU A 69 -3.89 -7.99 5.08
C GLU A 69 -3.64 -9.01 6.19
N SER A 70 -2.53 -8.82 6.90
CA SER A 70 -2.18 -9.71 8.00
C SER A 70 -2.02 -8.95 9.30
N HIS A 71 -2.85 -9.29 10.29
CA HIS A 71 -2.80 -8.64 11.59
C HIS A 71 -1.99 -9.46 12.58
N ASN A 72 -0.95 -8.85 13.15
CA ASN A 72 -0.10 -9.52 14.11
C ASN A 72 -0.58 -9.28 15.54
N SER A 73 -0.40 -10.27 16.39
CA SER A 73 -0.82 -10.16 17.80
C SER A 73 0.28 -9.54 18.64
N ALA A 74 1.50 -10.00 18.45
CA ALA A 74 2.64 -9.48 19.20
C ALA A 74 3.12 -8.14 18.62
N SER A 75 3.27 -8.10 17.31
CA SER A 75 3.72 -6.88 16.64
C SER A 75 2.63 -5.82 16.65
N ASN A 76 1.41 -6.24 16.38
CA ASN A 76 0.26 -5.33 16.36
C ASN A 76 0.34 -4.39 15.16
N VAL A 77 0.70 -4.95 14.00
CA VAL A 77 0.82 -4.17 12.78
C VAL A 77 0.00 -4.78 11.66
N TYR A 78 -0.67 -3.93 10.88
CA TYR A 78 -1.50 -4.39 9.76
C TYR A 78 -0.73 -4.31 8.45
N THR A 79 -0.21 -5.44 8.00
CA THR A 79 0.54 -5.49 6.74
C THR A 79 -0.39 -5.71 5.56
N VAL A 80 -0.56 -4.66 4.76
CA VAL A 80 -1.42 -4.73 3.58
C VAL A 80 -0.60 -4.78 2.29
N GLU A 81 -1.04 -5.59 1.34
CA GLU A 81 -0.33 -5.72 0.07
C GLU A 81 -1.33 -5.74 -1.10
N LEU A 82 -1.16 -4.81 -2.02
CA LEU A 82 -2.03 -4.72 -3.19
C LEU A 82 -1.46 -5.49 -4.37
N HIS A 83 -2.21 -6.49 -4.84
CA HIS A 83 -1.77 -7.31 -5.96
C HIS A 83 -2.70 -7.12 -7.16
N ILE A 84 -2.11 -6.84 -8.32
CA ILE A 84 -2.88 -6.63 -9.54
C ILE A 84 -2.54 -7.69 -10.58
N GLY A 85 -3.46 -8.61 -10.82
CA GLY A 85 -3.23 -9.66 -11.80
C GLY A 85 -3.56 -9.21 -13.21
N LYS A 86 -2.78 -9.68 -14.17
CA LYS A 86 -3.01 -9.32 -15.57
C LYS A 86 -2.87 -7.82 -15.78
N VAL A 87 -1.76 -7.26 -15.29
CA VAL A 87 -1.50 -5.83 -15.43
C VAL A 87 -1.52 -5.41 -16.89
N VAL A 88 -1.90 -4.16 -17.14
CA VAL A 88 -1.95 -3.62 -18.50
C VAL A 88 -1.41 -2.20 -18.56
N LEU A 89 -1.08 -1.74 -19.76
CA LEU A 89 -0.54 -0.40 -19.95
C LEU A 89 -1.42 0.64 -19.27
N GLY A 90 -2.73 0.40 -19.29
CA GLY A 90 -3.66 1.33 -18.66
C GLY A 90 -3.45 1.44 -17.17
N ASP A 91 -2.86 0.40 -16.57
CA ASP A 91 -2.61 0.39 -15.13
C ASP A 91 -1.40 1.26 -14.79
N ARG A 92 -0.26 0.96 -15.41
CA ARG A 92 0.96 1.72 -15.18
C ARG A 92 0.66 3.19 -14.95
N GLY A 93 1.33 3.79 -13.98
CA GLY A 93 1.10 5.20 -13.68
C GLY A 93 1.34 5.54 -12.22
N TYR A 94 0.25 5.78 -11.50
CA TYR A 94 0.35 6.12 -10.08
C TYR A 94 -0.92 5.72 -9.34
N TYR A 95 -0.82 5.57 -8.02
CA TYR A 95 -1.96 5.19 -7.21
C TYR A 95 -1.94 5.94 -5.87
N ARG A 96 -2.97 5.71 -5.06
CA ARG A 96 -3.07 6.35 -3.75
C ARG A 96 -3.66 5.40 -2.73
N LEU A 97 -3.17 5.50 -1.50
CA LEU A 97 -3.65 4.65 -0.41
C LEU A 97 -4.19 5.48 0.75
N GLU A 98 -5.51 5.47 0.91
CA GLU A 98 -6.15 6.23 1.98
C GLU A 98 -6.33 5.36 3.23
N VAL A 99 -6.01 5.94 4.38
CA VAL A 99 -6.13 5.21 5.65
C VAL A 99 -6.67 6.13 6.74
N LYS A 100 -7.73 5.68 7.41
CA LYS A 100 -8.35 6.46 8.48
C LYS A 100 -9.00 5.53 9.51
N ALA A 101 -8.65 5.72 10.78
CA ALA A 101 -9.20 4.91 11.85
C ALA A 101 -10.30 5.67 12.59
N LYS A 102 -9.91 6.64 13.41
CA LYS A 102 -10.86 7.43 14.18
C LYS A 102 -10.65 8.93 13.93
N ASP A 103 -9.50 9.44 14.35
CA ASP A 103 -9.18 10.84 14.18
C ASP A 103 -7.94 11.01 13.29
N THR A 104 -7.05 10.03 13.35
CA THR A 104 -5.82 10.07 12.55
C THR A 104 -6.11 9.84 11.07
N CYS A 105 -5.42 10.57 10.22
CA CYS A 105 -5.61 10.46 8.78
C CYS A 105 -4.27 10.48 8.05
N ASP A 106 -3.91 9.35 7.44
CA ASP A 106 -2.65 9.25 6.71
C ASP A 106 -2.84 8.49 5.40
N SER A 107 -2.15 8.94 4.36
CA SER A 107 -2.25 8.30 3.06
C SER A 107 -0.91 8.30 2.34
N CYS A 108 -0.63 7.23 1.61
CA CYS A 108 0.62 7.12 0.87
C CYS A 108 0.38 7.02 -0.63
N GLY A 109 1.40 7.32 -1.42
CA GLY A 109 1.27 7.25 -2.86
C GLY A 109 2.44 6.54 -3.52
N PHE A 110 2.14 5.56 -4.36
CA PHE A 110 3.18 4.81 -5.05
C PHE A 110 3.02 4.93 -6.57
N ASN A 111 3.97 4.35 -7.31
CA ASN A 111 3.94 4.39 -8.76
C ASN A 111 4.30 3.04 -9.36
N ILE A 112 3.44 2.53 -10.22
CA ILE A 112 3.66 1.24 -10.86
C ILE A 112 3.93 1.41 -12.34
N ASP A 113 4.74 0.51 -12.90
CA ASP A 113 5.08 0.56 -14.32
C ASP A 113 4.70 -0.75 -15.01
N VAL A 114 4.33 -0.64 -16.29
CA VAL A 114 3.95 -1.82 -17.06
C VAL A 114 4.70 -1.87 -18.38
N GLU A 115 5.81 -2.59 -18.41
CA GLU A 115 6.62 -2.72 -19.61
C GLU A 115 6.05 -3.79 -20.54
N ALA A 116 5.75 -3.41 -21.78
CA ALA A 116 5.20 -4.34 -22.75
C ALA A 116 6.02 -5.62 -22.81
N PRO A 117 5.42 -6.68 -23.37
CA PRO A 117 6.07 -7.99 -23.50
C PRO A 117 7.20 -7.97 -24.53
N ARG A 118 7.95 -9.07 -24.60
CA ARG A 118 9.06 -9.18 -25.53
C ARG A 118 8.58 -9.73 -26.87
N GLY A 1 11.11 30.09 24.85
CA GLY A 1 12.18 29.86 25.82
C GLY A 1 11.92 28.66 26.70
N SER A 2 12.57 28.63 27.85
CA SER A 2 12.42 27.52 28.78
C SER A 2 12.50 26.18 28.05
N SER A 3 13.44 26.08 27.12
CA SER A 3 13.62 24.86 26.35
C SER A 3 15.08 24.65 25.98
N GLY A 4 15.41 23.45 25.50
CA GLY A 4 16.77 23.15 25.12
C GLY A 4 17.02 21.66 24.96
N SER A 5 17.20 21.23 23.70
CA SER A 5 17.44 19.83 23.41
C SER A 5 18.82 19.62 22.80
N SER A 6 19.44 18.49 23.12
CA SER A 6 20.77 18.18 22.59
C SER A 6 20.68 17.18 21.45
N GLY A 7 20.47 17.70 20.24
CA GLY A 7 20.37 16.85 19.07
C GLY A 7 19.22 17.23 18.16
N ALA A 8 18.23 16.35 18.05
CA ALA A 8 17.07 16.60 17.20
C ALA A 8 15.97 15.58 17.47
N GLU A 9 14.73 15.96 17.16
CA GLU A 9 13.58 15.08 17.38
C GLU A 9 12.84 14.85 16.07
N GLU A 10 12.36 13.62 15.89
CA GLU A 10 11.63 13.27 14.67
C GLU A 10 10.64 12.14 14.96
N PRO A 11 9.39 12.32 14.50
CA PRO A 11 8.32 11.33 14.69
C PRO A 11 8.54 10.07 13.85
N THR A 12 8.12 8.94 14.38
CA THR A 12 8.27 7.67 13.69
C THR A 12 7.24 7.52 12.58
N GLY A 13 6.03 8.03 12.82
CA GLY A 13 4.97 7.95 11.83
C GLY A 13 4.15 6.68 11.98
N VAL A 14 3.02 6.64 11.28
CA VAL A 14 2.14 5.48 11.33
C VAL A 14 2.52 4.45 10.28
N PHE A 15 2.68 4.91 9.03
CA PHE A 15 3.05 4.02 7.94
C PHE A 15 4.45 3.46 8.14
N LEU A 16 4.53 2.34 8.84
CA LEU A 16 5.82 1.69 9.10
C LEU A 16 6.53 1.34 7.80
N LYS A 17 5.76 0.92 6.81
CA LYS A 17 6.31 0.55 5.51
C LYS A 17 5.57 1.25 4.39
N LYS A 18 6.31 1.90 3.50
CA LYS A 18 5.72 2.61 2.37
C LYS A 18 5.82 1.78 1.10
N PRO A 19 4.76 1.82 0.28
CA PRO A 19 4.70 1.07 -0.98
C PRO A 19 5.65 1.63 -2.04
N ASP A 20 6.81 1.00 -2.17
CA ASP A 20 7.81 1.44 -3.15
C ASP A 20 7.36 1.10 -4.57
N SER A 21 7.62 2.02 -5.49
CA SER A 21 7.25 1.83 -6.89
C SER A 21 7.80 0.51 -7.42
N VAL A 22 6.95 -0.24 -8.11
CA VAL A 22 7.35 -1.53 -8.67
C VAL A 22 7.19 -1.54 -10.19
N SER A 23 8.26 -1.90 -10.88
CA SER A 23 8.23 -1.95 -12.34
C SER A 23 7.88 -3.35 -12.84
N VAL A 24 6.85 -3.42 -13.68
CA VAL A 24 6.41 -4.69 -14.24
C VAL A 24 6.16 -4.59 -15.73
N GLU A 25 5.98 -5.74 -16.38
CA GLU A 25 5.73 -5.77 -17.82
C GLU A 25 4.30 -6.24 -18.11
N THR A 26 3.70 -5.64 -19.13
CA THR A 26 2.33 -5.99 -19.52
C THR A 26 2.13 -7.50 -19.49
N GLY A 27 0.95 -7.91 -19.04
CA GLY A 27 0.63 -9.33 -18.97
C GLY A 27 1.17 -9.98 -17.72
N LYS A 28 1.98 -9.25 -16.97
CA LYS A 28 2.57 -9.76 -15.73
C LYS A 28 1.69 -9.44 -14.54
N ASP A 29 2.16 -9.78 -13.34
CA ASP A 29 1.41 -9.52 -12.13
C ASP A 29 2.23 -8.66 -11.16
N ALA A 30 1.68 -7.50 -10.80
CA ALA A 30 2.36 -6.59 -9.88
C ALA A 30 1.98 -6.89 -8.43
N VAL A 31 2.86 -6.51 -7.51
CA VAL A 31 2.61 -6.73 -6.08
C VAL A 31 3.23 -5.62 -5.24
N VAL A 32 2.42 -4.98 -4.42
CA VAL A 32 2.88 -3.90 -3.56
C VAL A 32 2.70 -4.26 -2.09
N VAL A 33 3.75 -4.05 -1.30
CA VAL A 33 3.70 -4.34 0.13
C VAL A 33 3.79 -3.07 0.96
N ALA A 34 2.97 -2.98 1.99
CA ALA A 34 2.96 -1.81 2.87
C ALA A 34 2.59 -2.19 4.30
N LYS A 35 2.98 -1.36 5.25
CA LYS A 35 2.69 -1.61 6.66
C LYS A 35 1.96 -0.42 7.28
N VAL A 36 1.21 -0.69 8.35
CA VAL A 36 0.46 0.36 9.04
C VAL A 36 0.51 0.16 10.55
N ASN A 37 1.07 1.14 11.25
CA ASN A 37 1.18 1.08 12.71
C ASN A 37 -0.18 1.25 13.36
N GLY A 38 -0.64 0.21 14.05
CA GLY A 38 -1.93 0.25 14.72
C GLY A 38 -1.87 1.04 16.02
N LYS A 39 -0.76 0.89 16.74
CA LYS A 39 -0.59 1.58 18.01
C LYS A 39 -0.86 3.08 17.86
N GLU A 40 0.01 3.76 17.10
CA GLU A 40 -0.14 5.19 16.88
C GLU A 40 -1.60 5.57 16.66
N LEU A 41 -2.30 4.74 15.89
CA LEU A 41 -3.70 4.98 15.59
C LEU A 41 -4.58 4.63 16.79
N PRO A 42 -5.67 5.39 16.97
CA PRO A 42 -6.61 5.19 18.08
C PRO A 42 -7.43 3.91 17.90
N ASP A 43 -7.82 3.62 16.67
CA ASP A 43 -8.61 2.43 16.38
C ASP A 43 -8.24 1.87 15.01
N LYS A 44 -8.89 0.78 14.64
CA LYS A 44 -8.64 0.13 13.35
C LYS A 44 -8.80 1.13 12.20
N PRO A 45 -7.73 1.31 11.42
CA PRO A 45 -7.73 2.22 10.28
C PRO A 45 -8.61 1.72 9.14
N THR A 46 -8.69 2.52 8.06
CA THR A 46 -9.49 2.16 6.91
C THR A 46 -8.60 1.86 5.70
N ILE A 47 -8.59 0.60 5.28
CA ILE A 47 -7.79 0.19 4.12
C ILE A 47 -8.57 0.34 2.83
N LYS A 48 -8.05 1.16 1.92
CA LYS A 48 -8.70 1.39 0.63
C LYS A 48 -7.67 1.69 -0.45
N TRP A 49 -7.77 0.98 -1.57
CA TRP A 49 -6.85 1.17 -2.68
C TRP A 49 -7.51 1.94 -3.82
N PHE A 50 -6.98 3.12 -4.12
CA PHE A 50 -7.52 3.97 -5.17
C PHE A 50 -6.59 3.97 -6.38
N LYS A 51 -7.18 4.00 -7.58
CA LYS A 51 -6.41 4.02 -8.81
C LYS A 51 -6.25 5.43 -9.34
N GLY A 52 -5.06 5.98 -9.22
CA GLY A 52 -4.80 7.33 -9.69
C GLY A 52 -5.99 8.24 -9.52
N LYS A 53 -6.80 8.35 -10.57
CA LYS A 53 -8.00 9.20 -10.53
C LYS A 53 -8.85 8.88 -9.31
N TRP A 54 -10.02 9.51 -9.23
CA TRP A 54 -10.92 9.29 -8.11
C TRP A 54 -11.65 7.96 -8.26
N LEU A 55 -10.89 6.91 -8.54
CA LEU A 55 -11.47 5.57 -8.71
C LEU A 55 -11.12 4.69 -7.52
N GLU A 56 -12.10 3.92 -7.06
CA GLU A 56 -11.91 3.01 -5.93
C GLU A 56 -11.81 1.57 -6.39
N LEU A 57 -11.11 0.75 -5.61
CA LEU A 57 -10.93 -0.66 -5.94
C LEU A 57 -11.59 -1.55 -4.89
N GLY A 58 -11.64 -2.85 -5.17
CA GLY A 58 -12.26 -3.78 -4.25
C GLY A 58 -13.74 -3.97 -4.49
N SER A 59 -14.44 -2.86 -4.70
CA SER A 59 -15.88 -2.91 -4.94
C SER A 59 -16.18 -3.58 -6.27
N LYS A 60 -16.12 -4.91 -6.28
CA LYS A 60 -16.39 -5.67 -7.50
C LYS A 60 -16.41 -7.17 -7.20
N SER A 61 -17.25 -7.90 -7.92
CA SER A 61 -17.36 -9.34 -7.73
C SER A 61 -16.08 -10.05 -8.15
N GLY A 62 -15.69 -9.86 -9.41
CA GLY A 62 -14.48 -10.49 -9.91
C GLY A 62 -13.53 -9.50 -10.54
N ALA A 63 -12.30 -9.47 -10.04
CA ALA A 63 -11.28 -8.56 -10.56
C ALA A 63 -9.89 -8.98 -10.14
N ARG A 64 -8.92 -8.78 -11.02
CA ARG A 64 -7.54 -9.15 -10.74
C ARG A 64 -7.02 -8.43 -9.49
N PHE A 65 -7.76 -7.41 -9.06
CA PHE A 65 -7.38 -6.64 -7.88
C PHE A 65 -7.62 -7.44 -6.60
N SER A 66 -6.53 -7.82 -5.95
CA SER A 66 -6.61 -8.60 -4.72
C SER A 66 -6.00 -7.83 -3.54
N PHE A 67 -6.41 -8.21 -2.33
CA PHE A 67 -5.91 -7.55 -1.13
C PHE A 67 -5.82 -8.54 0.03
N LYS A 68 -4.71 -8.47 0.77
CA LYS A 68 -4.50 -9.35 1.91
C LYS A 68 -3.97 -8.58 3.11
N GLU A 69 -4.81 -8.44 4.14
CA GLU A 69 -4.42 -7.72 5.34
C GLU A 69 -4.12 -8.69 6.48
N SER A 70 -3.07 -8.41 7.24
CA SER A 70 -2.67 -9.26 8.35
C SER A 70 -2.44 -8.42 9.61
N HIS A 71 -3.22 -8.70 10.65
CA HIS A 71 -3.10 -7.98 11.91
C HIS A 71 -2.35 -8.81 12.95
N ASN A 72 -1.24 -8.26 13.45
CA ASN A 72 -0.43 -8.95 14.44
C ASN A 72 -0.82 -8.53 15.86
N SER A 73 -0.84 -9.49 16.77
CA SER A 73 -1.20 -9.21 18.16
C SER A 73 -0.02 -8.61 18.91
N ALA A 74 1.17 -9.16 18.67
CA ALA A 74 2.38 -8.68 19.33
C ALA A 74 2.93 -7.44 18.62
N SER A 75 3.24 -7.57 17.33
CA SER A 75 3.77 -6.47 16.56
C SER A 75 2.80 -5.30 16.54
N ASN A 76 1.51 -5.61 16.43
CA ASN A 76 0.48 -4.58 16.41
C ASN A 76 0.54 -3.78 15.09
N VAL A 77 0.90 -4.46 14.02
CA VAL A 77 0.99 -3.82 12.71
C VAL A 77 0.10 -4.54 11.69
N TYR A 78 -0.43 -3.76 10.74
CA TYR A 78 -1.29 -4.31 9.70
C TYR A 78 -0.56 -4.42 8.37
N THR A 79 -0.32 -5.65 7.94
CA THR A 79 0.37 -5.88 6.68
C THR A 79 -0.61 -5.94 5.51
N VAL A 80 -0.67 -4.85 4.74
CA VAL A 80 -1.56 -4.77 3.59
C VAL A 80 -0.77 -4.76 2.28
N GLU A 81 -1.16 -5.64 1.36
CA GLU A 81 -0.49 -5.72 0.07
C GLU A 81 -1.48 -5.53 -1.06
N LEU A 82 -0.95 -5.33 -2.28
CA LEU A 82 -1.79 -5.13 -3.45
C LEU A 82 -1.30 -5.96 -4.63
N HIS A 83 -2.07 -6.97 -4.99
CA HIS A 83 -1.71 -7.84 -6.11
C HIS A 83 -2.55 -7.51 -7.35
N ILE A 84 -1.87 -7.24 -8.46
CA ILE A 84 -2.55 -6.92 -9.71
C ILE A 84 -2.14 -7.87 -10.83
N GLY A 85 -3.03 -8.80 -11.16
CA GLY A 85 -2.73 -9.76 -12.21
C GLY A 85 -3.11 -9.25 -13.59
N LYS A 86 -2.38 -9.70 -14.60
CA LYS A 86 -2.64 -9.28 -15.97
C LYS A 86 -2.59 -7.76 -16.09
N VAL A 87 -1.50 -7.17 -15.63
CA VAL A 87 -1.33 -5.72 -15.68
C VAL A 87 -1.30 -5.23 -17.12
N VAL A 88 -1.78 -4.01 -17.33
CA VAL A 88 -1.81 -3.42 -18.67
C VAL A 88 -1.26 -2.00 -18.65
N LEU A 89 -1.05 -1.44 -19.84
CA LEU A 89 -0.54 -0.08 -19.96
C LEU A 89 -1.39 0.91 -19.16
N GLY A 90 -2.69 0.64 -19.11
CA GLY A 90 -3.60 1.51 -18.38
C GLY A 90 -3.36 1.46 -16.89
N ASP A 91 -2.76 0.38 -16.41
CA ASP A 91 -2.48 0.22 -14.99
C ASP A 91 -1.27 1.06 -14.58
N ARG A 92 -0.31 1.21 -15.49
CA ARG A 92 0.89 1.98 -15.22
C ARG A 92 0.53 3.43 -14.88
N GLY A 93 1.18 3.97 -13.86
CA GLY A 93 0.92 5.34 -13.45
C GLY A 93 1.21 5.57 -11.98
N TYR A 94 0.18 5.97 -11.23
CA TYR A 94 0.32 6.22 -9.80
C TYR A 94 -0.95 5.85 -9.05
N TYR A 95 -0.79 5.47 -7.79
CA TYR A 95 -1.92 5.08 -6.96
C TYR A 95 -1.88 5.81 -5.61
N ARG A 96 -3.00 5.77 -4.89
CA ARG A 96 -3.10 6.42 -3.60
C ARG A 96 -3.71 5.48 -2.56
N LEU A 97 -3.06 5.39 -1.41
CA LEU A 97 -3.53 4.52 -0.32
C LEU A 97 -4.09 5.34 0.83
N GLU A 98 -5.39 5.25 1.06
CA GLU A 98 -6.04 5.98 2.14
C GLU A 98 -6.08 5.15 3.42
N VAL A 99 -5.79 5.79 4.54
CA VAL A 99 -5.79 5.11 5.83
C VAL A 99 -6.23 6.05 6.95
N LYS A 100 -7.42 5.79 7.51
CA LYS A 100 -7.94 6.60 8.59
C LYS A 100 -8.68 5.75 9.60
N ALA A 101 -8.78 6.25 10.84
CA ALA A 101 -9.46 5.53 11.90
C ALA A 101 -10.47 6.43 12.62
N LYS A 102 -9.96 7.33 13.45
CA LYS A 102 -10.80 8.25 14.20
C LYS A 102 -10.40 9.70 13.94
N ASP A 103 -9.29 10.13 14.52
CA ASP A 103 -8.79 11.48 14.35
C ASP A 103 -7.52 11.49 13.49
N THR A 104 -6.92 10.31 13.33
CA THR A 104 -5.69 10.20 12.53
C THR A 104 -6.01 9.79 11.10
N CYS A 105 -5.55 10.60 10.15
CA CYS A 105 -5.78 10.33 8.74
C CYS A 105 -4.49 10.45 7.94
N ASP A 106 -3.98 9.31 7.49
CA ASP A 106 -2.75 9.28 6.70
C ASP A 106 -2.92 8.46 5.43
N SER A 107 -2.25 8.88 4.37
CA SER A 107 -2.33 8.20 3.08
C SER A 107 -0.98 8.19 2.38
N CYS A 108 -0.69 7.11 1.66
CA CYS A 108 0.56 6.99 0.93
C CYS A 108 0.32 6.61 -0.52
N GLY A 109 1.03 7.26 -1.43
CA GLY A 109 0.87 6.98 -2.84
C GLY A 109 2.11 6.36 -3.46
N PHE A 110 1.90 5.40 -4.36
CA PHE A 110 3.02 4.72 -5.01
C PHE A 110 2.93 4.90 -6.53
N ASN A 111 3.88 4.28 -7.24
CA ASN A 111 3.92 4.36 -8.69
C ASN A 111 4.23 3.00 -9.30
N ILE A 112 3.53 2.67 -10.39
CA ILE A 112 3.74 1.40 -11.07
C ILE A 112 3.99 1.61 -12.57
N ASP A 113 4.80 0.73 -13.15
CA ASP A 113 5.12 0.82 -14.57
C ASP A 113 4.79 -0.50 -15.28
N VAL A 114 4.24 -0.39 -16.49
CA VAL A 114 3.88 -1.57 -17.27
C VAL A 114 4.59 -1.56 -18.62
N GLU A 115 5.72 -2.24 -18.70
CA GLU A 115 6.49 -2.32 -19.94
C GLU A 115 5.96 -3.43 -20.84
N ALA A 116 5.73 -3.09 -22.11
CA ALA A 116 5.21 -4.06 -23.07
C ALA A 116 6.26 -5.13 -23.37
N PRO A 117 5.78 -6.35 -23.68
CA PRO A 117 6.65 -7.49 -23.99
C PRO A 117 7.37 -7.32 -25.33
N ARG A 118 8.46 -8.06 -25.50
CA ARG A 118 9.24 -7.99 -26.73
C ARG A 118 8.62 -8.87 -27.82
N GLY A 1 24.19 4.13 13.24
CA GLY A 1 23.69 2.90 13.83
C GLY A 1 24.78 1.87 14.03
N SER A 2 24.76 1.21 15.19
CA SER A 2 25.76 0.19 15.51
C SER A 2 25.12 -1.20 15.55
N SER A 3 24.97 -1.82 14.39
CA SER A 3 24.37 -3.15 14.31
C SER A 3 23.27 -3.32 15.34
N GLY A 4 22.45 -2.27 15.50
CA GLY A 4 21.36 -2.32 16.46
C GLY A 4 21.17 -1.00 17.18
N SER A 5 19.92 -0.65 17.42
CA SER A 5 19.59 0.60 18.11
C SER A 5 18.73 0.34 19.35
N SER A 6 18.92 1.17 20.37
CA SER A 6 18.16 1.02 21.62
C SER A 6 18.19 2.32 22.41
N GLY A 7 17.24 2.46 23.33
CA GLY A 7 17.17 3.66 24.16
C GLY A 7 16.12 4.63 23.68
N ALA A 8 16.39 5.92 23.83
CA ALA A 8 15.46 6.95 23.41
C ALA A 8 15.57 7.22 21.90
N GLU A 9 14.44 7.46 21.26
CA GLU A 9 14.41 7.74 19.83
C GLU A 9 13.03 8.20 19.38
N GLU A 10 12.94 9.46 18.98
CA GLU A 10 11.67 10.02 18.53
C GLU A 10 11.06 9.17 17.42
N PRO A 11 9.72 9.22 17.31
CA PRO A 11 8.99 8.45 16.29
C PRO A 11 9.22 9.01 14.88
N THR A 12 8.59 8.37 13.90
CA THR A 12 8.72 8.79 12.52
C THR A 12 7.35 9.01 11.87
N GLY A 13 6.43 8.08 12.10
CA GLY A 13 5.10 8.20 11.54
C GLY A 13 4.30 6.92 11.69
N VAL A 14 3.04 6.96 11.27
CA VAL A 14 2.16 5.80 11.36
C VAL A 14 2.57 4.73 10.34
N PHE A 15 2.81 5.16 9.10
CA PHE A 15 3.20 4.24 8.04
C PHE A 15 4.61 3.70 8.28
N LEU A 16 4.68 2.56 8.96
CA LEU A 16 5.96 1.93 9.26
C LEU A 16 6.74 1.65 7.98
N LYS A 17 6.02 1.34 6.91
CA LYS A 17 6.64 1.06 5.63
C LYS A 17 5.75 1.51 4.48
N LYS A 18 6.33 2.28 3.55
CA LYS A 18 5.60 2.78 2.41
C LYS A 18 5.82 1.89 1.19
N PRO A 19 4.78 1.76 0.35
CA PRO A 19 4.84 0.95 -0.88
C PRO A 19 5.76 1.55 -1.92
N ASP A 20 6.95 0.99 -2.08
CA ASP A 20 7.91 1.47 -3.06
C ASP A 20 7.48 1.10 -4.47
N SER A 21 7.64 2.04 -5.40
CA SER A 21 7.26 1.80 -6.79
C SER A 21 7.82 0.48 -7.29
N VAL A 22 7.08 -0.18 -8.18
CA VAL A 22 7.50 -1.46 -8.74
C VAL A 22 7.21 -1.53 -10.23
N SER A 23 8.26 -1.69 -11.03
CA SER A 23 8.12 -1.78 -12.48
C SER A 23 7.84 -3.22 -12.92
N VAL A 24 6.73 -3.41 -13.61
CA VAL A 24 6.35 -4.73 -14.09
C VAL A 24 6.15 -4.73 -15.60
N GLU A 25 6.04 -5.93 -16.18
CA GLU A 25 5.85 -6.06 -17.62
C GLU A 25 4.40 -6.44 -17.95
N THR A 26 3.85 -5.80 -18.97
CA THR A 26 2.47 -6.07 -19.38
C THR A 26 2.20 -7.57 -19.42
N GLY A 27 1.08 -7.97 -18.83
CA GLY A 27 0.71 -9.37 -18.81
C GLY A 27 1.18 -10.07 -17.55
N LYS A 28 2.07 -9.42 -16.81
CA LYS A 28 2.60 -9.99 -15.57
C LYS A 28 1.73 -9.62 -14.39
N ASP A 29 2.17 -10.02 -13.19
CA ASP A 29 1.43 -9.72 -11.97
C ASP A 29 2.21 -8.75 -11.08
N ALA A 30 1.59 -7.62 -10.76
CA ALA A 30 2.24 -6.62 -9.92
C ALA A 30 1.99 -6.91 -8.44
N VAL A 31 2.88 -6.39 -7.58
CA VAL A 31 2.76 -6.61 -6.15
C VAL A 31 3.29 -5.39 -5.38
N VAL A 32 2.57 -5.02 -4.32
CA VAL A 32 2.96 -3.88 -3.50
C VAL A 32 2.88 -4.22 -2.02
N VAL A 33 3.89 -3.79 -1.27
CA VAL A 33 3.95 -4.05 0.16
C VAL A 33 3.79 -2.76 0.96
N ALA A 34 3.02 -2.83 2.05
CA ALA A 34 2.79 -1.66 2.90
C ALA A 34 2.35 -2.09 4.29
N LYS A 35 2.93 -1.46 5.30
CA LYS A 35 2.60 -1.76 6.69
C LYS A 35 1.97 -0.56 7.38
N VAL A 36 1.16 -0.81 8.41
CA VAL A 36 0.51 0.26 9.16
C VAL A 36 0.58 0.00 10.66
N ASN A 37 1.21 0.92 11.38
CA ASN A 37 1.35 0.79 12.83
C ASN A 37 0.01 1.02 13.52
N GLY A 38 -0.57 -0.05 14.06
CA GLY A 38 -1.84 0.06 14.75
C GLY A 38 -1.72 0.77 16.08
N LYS A 39 -0.58 0.61 16.74
CA LYS A 39 -0.34 1.24 18.03
C LYS A 39 -0.42 2.76 17.92
N GLU A 40 0.35 3.32 16.99
CA GLU A 40 0.37 4.76 16.79
C GLU A 40 -1.05 5.30 16.60
N LEU A 41 -1.87 4.54 15.90
CA LEU A 41 -3.26 4.94 15.65
C LEU A 41 -4.13 4.64 16.86
N PRO A 42 -5.08 5.55 17.15
CA PRO A 42 -6.00 5.41 18.27
C PRO A 42 -7.01 4.28 18.06
N ASP A 43 -7.56 4.21 16.85
CA ASP A 43 -8.54 3.19 16.52
C ASP A 43 -8.16 2.47 15.22
N LYS A 44 -8.94 1.46 14.87
CA LYS A 44 -8.69 0.70 13.65
C LYS A 44 -8.71 1.60 12.42
N PRO A 45 -7.59 1.63 11.68
CA PRO A 45 -7.45 2.44 10.47
C PRO A 45 -8.31 1.92 9.32
N THR A 46 -8.14 2.51 8.15
CA THR A 46 -8.90 2.11 6.97
C THR A 46 -7.99 1.90 5.76
N ILE A 47 -7.98 0.68 5.24
CA ILE A 47 -7.16 0.35 4.08
C ILE A 47 -7.99 0.32 2.81
N LYS A 48 -7.80 1.33 1.97
CA LYS A 48 -8.54 1.42 0.70
C LYS A 48 -7.61 1.82 -0.44
N TRP A 49 -7.57 1.00 -1.48
CA TRP A 49 -6.72 1.28 -2.63
C TRP A 49 -7.48 2.06 -3.70
N PHE A 50 -6.84 3.09 -4.25
CA PHE A 50 -7.46 3.92 -5.27
C PHE A 50 -6.56 4.01 -6.51
N LYS A 51 -7.20 4.15 -7.67
CA LYS A 51 -6.47 4.26 -8.94
C LYS A 51 -6.70 5.60 -9.59
N GLY A 52 -5.75 6.51 -9.43
CA GLY A 52 -5.87 7.84 -10.02
C GLY A 52 -7.24 8.44 -9.81
N LYS A 53 -8.15 8.18 -10.74
CA LYS A 53 -9.51 8.69 -10.66
C LYS A 53 -10.13 8.38 -9.30
N TRP A 54 -11.41 8.70 -9.15
CA TRP A 54 -12.12 8.45 -7.89
C TRP A 54 -12.61 7.02 -7.83
N LEU A 55 -11.78 6.10 -8.31
CA LEU A 55 -12.12 4.67 -8.30
C LEU A 55 -11.71 4.02 -6.99
N GLU A 56 -12.63 3.27 -6.39
CA GLU A 56 -12.37 2.60 -5.13
C GLU A 56 -12.23 1.09 -5.34
N LEU A 57 -11.05 0.56 -5.06
CA LEU A 57 -10.79 -0.86 -5.22
C LEU A 57 -11.07 -1.61 -3.92
N GLY A 58 -11.24 -2.93 -4.03
CA GLY A 58 -11.51 -3.75 -2.86
C GLY A 58 -12.91 -4.33 -2.87
N SER A 59 -13.09 -5.39 -3.66
CA SER A 59 -14.39 -6.05 -3.76
C SER A 59 -14.23 -7.52 -4.14
N LYS A 60 -15.24 -8.33 -3.82
CA LYS A 60 -15.22 -9.74 -4.13
C LYS A 60 -15.89 -10.03 -5.46
N SER A 61 -15.63 -9.17 -6.44
CA SER A 61 -16.22 -9.34 -7.77
C SER A 61 -15.64 -10.55 -8.48
N GLY A 62 -14.32 -10.72 -8.38
CA GLY A 62 -13.65 -11.84 -9.02
C GLY A 62 -12.70 -11.40 -10.12
N ALA A 63 -11.94 -10.35 -9.85
CA ALA A 63 -10.98 -9.83 -10.81
C ALA A 63 -9.55 -9.95 -10.29
N ARG A 64 -8.59 -10.01 -11.20
CA ARG A 64 -7.19 -10.12 -10.83
C ARG A 64 -6.88 -9.28 -9.60
N PHE A 65 -7.62 -8.17 -9.45
CA PHE A 65 -7.42 -7.28 -8.32
C PHE A 65 -7.55 -8.04 -7.00
N SER A 66 -6.43 -8.22 -6.31
CA SER A 66 -6.40 -8.92 -5.04
C SER A 66 -5.97 -8.00 -3.91
N PHE A 67 -6.31 -8.37 -2.68
CA PHE A 67 -5.97 -7.58 -1.51
C PHE A 67 -5.75 -8.47 -0.30
N LYS A 68 -4.55 -8.39 0.28
CA LYS A 68 -4.21 -9.19 1.45
C LYS A 68 -3.95 -8.30 2.66
N GLU A 69 -4.54 -8.65 3.79
CA GLU A 69 -4.37 -7.88 5.02
C GLU A 69 -4.23 -8.80 6.23
N SER A 70 -3.11 -8.68 6.94
CA SER A 70 -2.85 -9.50 8.11
C SER A 70 -2.67 -8.64 9.35
N HIS A 71 -3.44 -8.95 10.40
CA HIS A 71 -3.36 -8.20 11.64
C HIS A 71 -2.67 -9.02 12.73
N ASN A 72 -1.60 -8.47 13.29
CA ASN A 72 -0.84 -9.15 14.33
C ASN A 72 -1.44 -8.87 15.71
N SER A 73 -1.22 -9.78 16.65
CA SER A 73 -1.74 -9.64 18.00
C SER A 73 -0.72 -8.94 18.90
N ALA A 74 0.49 -9.48 18.96
CA ALA A 74 1.54 -8.91 19.77
C ALA A 74 2.19 -7.71 19.09
N SER A 75 2.59 -7.90 17.83
CA SER A 75 3.21 -6.83 17.05
C SER A 75 2.32 -5.60 17.00
N ASN A 76 1.03 -5.83 16.76
CA ASN A 76 0.06 -4.75 16.68
C ASN A 76 0.27 -3.93 15.40
N VAL A 77 0.66 -4.61 14.33
CA VAL A 77 0.90 -3.94 13.05
C VAL A 77 0.08 -4.58 11.94
N TYR A 78 -0.39 -3.76 11.00
CA TYR A 78 -1.19 -4.25 9.89
C TYR A 78 -0.36 -4.30 8.60
N THR A 79 -0.33 -5.47 7.97
CA THR A 79 0.41 -5.65 6.74
C THR A 79 -0.52 -5.83 5.55
N VAL A 80 -0.56 -4.82 4.68
CA VAL A 80 -1.41 -4.87 3.50
C VAL A 80 -0.58 -4.93 2.22
N GLU A 81 -1.09 -5.66 1.23
CA GLU A 81 -0.39 -5.80 -0.04
C GLU A 81 -1.38 -5.90 -1.19
N LEU A 82 -1.08 -5.20 -2.29
CA LEU A 82 -1.94 -5.20 -3.46
C LEU A 82 -1.33 -6.05 -4.57
N HIS A 83 -2.10 -7.04 -5.04
CA HIS A 83 -1.64 -7.92 -6.11
C HIS A 83 -2.53 -7.80 -7.34
N ILE A 84 -1.93 -7.43 -8.47
CA ILE A 84 -2.67 -7.27 -9.71
C ILE A 84 -2.12 -8.19 -10.79
N GLY A 85 -2.87 -9.25 -11.09
CA GLY A 85 -2.45 -10.19 -12.11
C GLY A 85 -2.90 -9.78 -13.51
N LYS A 86 -2.09 -10.10 -14.50
CA LYS A 86 -2.41 -9.77 -15.89
C LYS A 86 -2.40 -8.26 -16.10
N VAL A 87 -1.46 -7.57 -15.46
CA VAL A 87 -1.34 -6.13 -15.58
C VAL A 87 -1.38 -5.70 -17.04
N VAL A 88 -1.69 -4.43 -17.27
CA VAL A 88 -1.75 -3.88 -18.63
C VAL A 88 -1.38 -2.40 -18.64
N LEU A 89 -1.14 -1.87 -19.83
CA LEU A 89 -0.77 -0.47 -19.98
C LEU A 89 -1.80 0.43 -19.30
N GLY A 90 -3.07 0.07 -19.41
CA GLY A 90 -4.12 0.86 -18.80
C GLY A 90 -3.99 0.93 -17.28
N ASP A 91 -3.28 -0.05 -16.71
CA ASP A 91 -3.08 -0.10 -15.27
C ASP A 91 -1.94 0.82 -14.84
N ARG A 92 -0.80 0.69 -15.50
CA ARG A 92 0.36 1.51 -15.19
C ARG A 92 -0.04 2.94 -14.88
N GLY A 93 0.59 3.53 -13.87
CA GLY A 93 0.27 4.90 -13.49
C GLY A 93 0.67 5.21 -12.06
N TYR A 94 -0.31 5.51 -11.23
CA TYR A 94 -0.06 5.84 -9.83
C TYR A 94 -1.28 5.51 -8.97
N TYR A 95 -1.03 5.06 -7.75
CA TYR A 95 -2.11 4.71 -6.82
C TYR A 95 -2.03 5.56 -5.55
N ARG A 96 -3.03 5.42 -4.70
CA ARG A 96 -3.08 6.17 -3.45
C ARG A 96 -3.77 5.35 -2.35
N LEU A 97 -3.12 5.25 -1.20
CA LEU A 97 -3.67 4.50 -0.08
C LEU A 97 -4.28 5.45 0.95
N GLU A 98 -5.60 5.35 1.13
CA GLU A 98 -6.31 6.20 2.08
C GLU A 98 -6.41 5.51 3.44
N VAL A 99 -5.96 6.21 4.48
CA VAL A 99 -6.00 5.67 5.84
C VAL A 99 -6.41 6.73 6.85
N LYS A 100 -7.60 6.59 7.42
CA LYS A 100 -8.10 7.53 8.40
C LYS A 100 -8.47 6.82 9.70
N ALA A 101 -8.40 7.56 10.80
CA ALA A 101 -8.73 7.01 12.11
C ALA A 101 -9.39 8.05 13.01
N LYS A 102 -9.78 7.64 14.21
CA LYS A 102 -10.42 8.55 15.16
C LYS A 102 -9.80 9.94 15.09
N ASP A 103 -8.54 10.05 15.51
CA ASP A 103 -7.84 11.33 15.48
C ASP A 103 -6.53 11.21 14.72
N THR A 104 -6.46 10.26 13.80
CA THR A 104 -5.27 10.04 13.00
C THR A 104 -5.61 9.85 11.52
N CYS A 105 -5.26 10.82 10.70
CA CYS A 105 -5.53 10.75 9.27
C CYS A 105 -4.24 10.82 8.47
N ASP A 106 -3.97 9.77 7.68
CA ASP A 106 -2.77 9.71 6.87
C ASP A 106 -3.01 8.90 5.60
N SER A 107 -2.30 9.25 4.53
CA SER A 107 -2.45 8.56 3.26
C SER A 107 -1.13 8.56 2.49
N CYS A 108 -0.84 7.45 1.82
CA CYS A 108 0.39 7.32 1.05
C CYS A 108 0.12 6.63 -0.29
N GLY A 109 0.71 7.16 -1.35
CA GLY A 109 0.53 6.59 -2.67
C GLY A 109 1.82 6.07 -3.27
N PHE A 110 1.70 5.22 -4.28
CA PHE A 110 2.86 4.64 -4.94
C PHE A 110 2.79 4.82 -6.45
N ASN A 111 3.75 4.24 -7.16
CA ASN A 111 3.79 4.34 -8.61
C ASN A 111 4.17 3.01 -9.25
N ILE A 112 3.48 2.65 -10.32
CA ILE A 112 3.75 1.39 -11.02
C ILE A 112 3.90 1.61 -12.52
N ASP A 113 4.67 0.75 -13.17
CA ASP A 113 4.90 0.85 -14.60
C ASP A 113 4.69 -0.50 -15.27
N VAL A 114 4.04 -0.47 -16.44
CA VAL A 114 3.77 -1.69 -17.18
C VAL A 114 4.47 -1.67 -18.54
N GLU A 115 5.61 -2.34 -18.62
CA GLU A 115 6.38 -2.39 -19.86
C GLU A 115 5.95 -3.59 -20.71
N ALA A 116 5.61 -3.32 -21.97
CA ALA A 116 5.18 -4.37 -22.88
C ALA A 116 6.31 -5.37 -23.13
N PRO A 117 5.93 -6.58 -23.55
CA PRO A 117 6.90 -7.65 -23.84
C PRO A 117 7.73 -7.37 -25.08
N ARG A 118 8.79 -8.14 -25.27
CA ARG A 118 9.66 -7.97 -26.41
C ARG A 118 9.23 -8.86 -27.58
N GLY A 1 32.70 20.36 5.84
CA GLY A 1 31.36 19.82 5.99
C GLY A 1 30.69 20.28 7.27
N SER A 2 29.46 20.78 7.14
CA SER A 2 28.71 21.25 8.30
C SER A 2 27.48 20.39 8.54
N SER A 3 27.63 19.08 8.32
CA SER A 3 26.53 18.15 8.51
C SER A 3 27.05 16.77 8.90
N GLY A 4 26.32 16.09 9.78
CA GLY A 4 26.72 14.77 10.22
C GLY A 4 26.24 14.44 11.62
N SER A 5 26.46 15.37 12.55
CA SER A 5 26.03 15.17 13.94
C SER A 5 24.98 16.20 14.33
N SER A 6 23.72 15.81 14.30
CA SER A 6 22.63 16.69 14.66
C SER A 6 21.54 15.95 15.43
N GLY A 7 20.89 16.65 16.35
CA GLY A 7 19.84 16.04 17.16
C GLY A 7 18.56 15.85 16.38
N ALA A 8 18.61 15.03 15.33
CA ALA A 8 17.44 14.76 14.50
C ALA A 8 16.55 13.71 15.15
N GLU A 9 15.49 14.16 15.79
CA GLU A 9 14.55 13.25 16.45
C GLU A 9 13.11 13.55 16.02
N GLU A 10 12.65 12.85 14.99
CA GLU A 10 11.30 13.03 14.48
C GLU A 10 10.50 11.74 14.57
N PRO A 11 9.17 11.87 14.62
CA PRO A 11 8.26 10.72 14.71
C PRO A 11 8.23 9.90 13.43
N THR A 12 8.53 8.61 13.55
CA THR A 12 8.55 7.71 12.40
C THR A 12 7.26 7.84 11.59
N GLY A 13 6.13 7.92 12.30
CA GLY A 13 4.85 8.04 11.63
C GLY A 13 4.00 6.80 11.76
N VAL A 14 2.75 6.87 11.31
CA VAL A 14 1.84 5.74 11.38
C VAL A 14 2.22 4.65 10.37
N PHE A 15 2.53 5.07 9.15
CA PHE A 15 2.91 4.14 8.10
C PHE A 15 4.31 3.58 8.35
N LEU A 16 4.36 2.38 8.91
CA LEU A 16 5.64 1.73 9.21
C LEU A 16 6.45 1.50 7.93
N LYS A 17 5.77 1.05 6.88
CA LYS A 17 6.42 0.80 5.61
C LYS A 17 5.60 1.38 4.46
N LYS A 18 6.27 2.14 3.59
CA LYS A 18 5.61 2.75 2.44
C LYS A 18 5.83 1.93 1.18
N PRO A 19 4.80 1.86 0.34
CA PRO A 19 4.85 1.11 -0.92
C PRO A 19 5.77 1.75 -1.95
N ASP A 20 6.90 1.10 -2.21
CA ASP A 20 7.86 1.62 -3.18
C ASP A 20 7.45 1.27 -4.60
N SER A 21 7.80 2.14 -5.55
CA SER A 21 7.46 1.92 -6.95
C SER A 21 7.98 0.57 -7.43
N VAL A 22 7.18 -0.10 -8.27
CA VAL A 22 7.56 -1.39 -8.80
C VAL A 22 7.25 -1.49 -10.29
N SER A 23 8.29 -1.68 -11.10
CA SER A 23 8.13 -1.79 -12.55
C SER A 23 7.86 -3.23 -12.96
N VAL A 24 6.73 -3.45 -13.62
CA VAL A 24 6.35 -4.78 -14.08
C VAL A 24 6.09 -4.79 -15.58
N GLU A 25 6.00 -5.99 -16.15
CA GLU A 25 5.76 -6.15 -17.57
C GLU A 25 4.28 -6.43 -17.85
N THR A 26 3.75 -5.80 -18.90
CA THR A 26 2.35 -5.98 -19.27
C THR A 26 1.99 -7.46 -19.34
N GLY A 27 0.90 -7.82 -18.68
CA GLY A 27 0.46 -9.21 -18.69
C GLY A 27 0.89 -9.97 -17.44
N LYS A 28 1.80 -9.37 -16.69
CA LYS A 28 2.31 -9.98 -15.46
C LYS A 28 1.46 -9.59 -14.26
N ASP A 29 1.87 -10.01 -13.08
CA ASP A 29 1.15 -9.71 -11.85
C ASP A 29 1.93 -8.73 -10.99
N ALA A 30 1.32 -7.58 -10.72
CA ALA A 30 1.97 -6.55 -9.90
C ALA A 30 1.76 -6.83 -8.41
N VAL A 31 2.68 -6.32 -7.59
CA VAL A 31 2.61 -6.53 -6.15
C VAL A 31 3.14 -5.30 -5.40
N VAL A 32 2.45 -4.94 -4.32
CA VAL A 32 2.85 -3.79 -3.51
C VAL A 32 2.74 -4.10 -2.02
N VAL A 33 3.78 -3.76 -1.28
CA VAL A 33 3.79 -4.00 0.16
C VAL A 33 3.69 -2.70 0.94
N ALA A 34 2.93 -2.73 2.03
CA ALA A 34 2.74 -1.55 2.87
C ALA A 34 2.33 -1.93 4.28
N LYS A 35 3.03 -1.39 5.27
CA LYS A 35 2.73 -1.68 6.66
C LYS A 35 2.03 -0.49 7.32
N VAL A 36 1.26 -0.77 8.37
CA VAL A 36 0.53 0.26 9.09
C VAL A 36 0.62 0.05 10.60
N ASN A 37 1.15 1.05 11.29
CA ASN A 37 1.30 0.98 12.75
C ASN A 37 -0.06 1.12 13.43
N GLY A 38 -0.50 0.04 14.08
CA GLY A 38 -1.78 0.07 14.77
C GLY A 38 -1.73 0.85 16.07
N LYS A 39 -0.72 0.57 16.88
CA LYS A 39 -0.55 1.26 18.16
C LYS A 39 -0.81 2.75 18.01
N GLU A 40 0.00 3.42 17.19
CA GLU A 40 -0.15 4.85 16.97
C GLU A 40 -1.61 5.21 16.71
N LEU A 41 -2.28 4.40 15.90
CA LEU A 41 -3.69 4.64 15.57
C LEU A 41 -4.58 4.35 16.78
N PRO A 42 -5.62 5.19 16.95
CA PRO A 42 -6.57 5.05 18.06
C PRO A 42 -7.45 3.82 17.91
N ASP A 43 -7.87 3.55 16.67
CA ASP A 43 -8.73 2.40 16.39
C ASP A 43 -8.37 1.78 15.05
N LYS A 44 -9.12 0.75 14.66
CA LYS A 44 -8.88 0.07 13.39
C LYS A 44 -8.95 1.04 12.22
N PRO A 45 -7.83 1.16 11.49
CA PRO A 45 -7.74 2.06 10.34
C PRO A 45 -8.56 1.57 9.15
N THR A 46 -8.79 2.45 8.19
CA THR A 46 -9.58 2.12 7.01
C THR A 46 -8.67 1.83 5.81
N ILE A 47 -8.66 0.59 5.37
CA ILE A 47 -7.84 0.19 4.23
C ILE A 47 -8.61 0.32 2.92
N LYS A 48 -8.20 1.29 2.11
CA LYS A 48 -8.84 1.52 0.82
C LYS A 48 -7.82 1.87 -0.26
N TRP A 49 -7.83 1.13 -1.35
CA TRP A 49 -6.90 1.35 -2.45
C TRP A 49 -7.53 2.24 -3.52
N PHE A 50 -6.71 3.07 -4.16
CA PHE A 50 -7.19 3.97 -5.20
C PHE A 50 -6.15 4.10 -6.32
N LYS A 51 -6.62 4.51 -7.50
CA LYS A 51 -5.74 4.67 -8.65
C LYS A 51 -5.82 6.09 -9.20
N GLY A 52 -4.83 6.91 -8.85
CA GLY A 52 -4.81 8.28 -9.32
C GLY A 52 -6.16 8.95 -9.22
N LYS A 53 -6.92 8.91 -10.31
CA LYS A 53 -8.25 9.51 -10.35
C LYS A 53 -9.08 9.06 -9.16
N TRP A 54 -10.33 9.52 -9.11
CA TRP A 54 -11.23 9.17 -8.02
C TRP A 54 -11.86 7.80 -8.26
N LEU A 55 -11.06 6.86 -8.77
CA LEU A 55 -11.55 5.52 -9.06
C LEU A 55 -11.51 4.66 -7.80
N GLU A 56 -12.21 3.53 -7.85
CA GLU A 56 -12.25 2.61 -6.70
C GLU A 56 -12.01 1.17 -7.15
N LEU A 57 -10.90 0.59 -6.71
CA LEU A 57 -10.55 -0.77 -7.08
C LEU A 57 -11.32 -1.77 -6.21
N GLY A 58 -11.08 -3.06 -6.45
CA GLY A 58 -11.76 -4.10 -5.68
C GLY A 58 -13.20 -4.26 -6.09
N SER A 59 -13.45 -5.08 -7.11
CA SER A 59 -14.80 -5.31 -7.60
C SER A 59 -15.42 -6.53 -6.92
N LYS A 60 -14.75 -7.66 -7.02
CA LYS A 60 -15.23 -8.90 -6.42
C LYS A 60 -14.09 -9.64 -5.71
N SER A 61 -14.45 -10.49 -4.76
CA SER A 61 -13.46 -11.25 -4.01
C SER A 61 -12.57 -12.06 -4.95
N GLY A 62 -13.21 -12.80 -5.86
CA GLY A 62 -12.47 -13.61 -6.81
C GLY A 62 -12.15 -12.87 -8.09
N ALA A 63 -11.15 -11.98 -8.02
CA ALA A 63 -10.75 -11.19 -9.18
C ALA A 63 -9.25 -10.89 -9.15
N ARG A 64 -8.66 -10.69 -10.32
CA ARG A 64 -7.24 -10.39 -10.42
C ARG A 64 -6.77 -9.56 -9.23
N PHE A 65 -7.58 -8.58 -8.86
CA PHE A 65 -7.25 -7.70 -7.73
C PHE A 65 -7.44 -8.44 -6.40
N SER A 66 -6.34 -8.83 -5.78
CA SER A 66 -6.39 -9.54 -4.51
C SER A 66 -5.81 -8.68 -3.39
N PHE A 67 -6.62 -8.46 -2.36
CA PHE A 67 -6.20 -7.64 -1.22
C PHE A 67 -6.03 -8.51 0.03
N LYS A 68 -4.80 -8.56 0.55
CA LYS A 68 -4.51 -9.34 1.74
C LYS A 68 -4.19 -8.43 2.92
N GLU A 69 -4.78 -8.74 4.07
CA GLU A 69 -4.56 -7.95 5.28
C GLU A 69 -4.30 -8.86 6.48
N SER A 70 -3.17 -8.65 7.14
CA SER A 70 -2.79 -9.46 8.30
C SER A 70 -2.34 -8.56 9.45
N HIS A 71 -3.08 -8.59 10.55
CA HIS A 71 -2.76 -7.79 11.72
C HIS A 71 -2.10 -8.64 12.79
N ASN A 72 -1.04 -8.11 13.39
CA ASN A 72 -0.31 -8.83 14.44
C ASN A 72 -0.83 -8.44 15.82
N SER A 73 -0.92 -9.43 16.70
CA SER A 73 -1.40 -9.19 18.06
C SER A 73 -0.35 -8.47 18.90
N ALA A 74 0.85 -9.04 18.96
CA ALA A 74 1.94 -8.45 19.72
C ALA A 74 2.51 -7.23 19.01
N SER A 75 2.89 -7.42 17.75
CA SER A 75 3.46 -6.33 16.96
C SER A 75 2.45 -5.19 16.79
N ASN A 76 1.21 -5.55 16.48
CA ASN A 76 0.15 -4.55 16.30
C ASN A 76 0.34 -3.79 15.00
N VAL A 77 0.69 -4.52 13.94
CA VAL A 77 0.90 -3.90 12.63
C VAL A 77 0.06 -4.59 11.56
N TYR A 78 -0.47 -3.80 10.64
CA TYR A 78 -1.30 -4.34 9.56
C TYR A 78 -0.51 -4.41 8.26
N THR A 79 -0.24 -5.63 7.81
CA THR A 79 0.50 -5.85 6.58
C THR A 79 -0.44 -6.01 5.39
N VAL A 80 -0.67 -4.93 4.66
CA VAL A 80 -1.55 -4.96 3.50
C VAL A 80 -0.75 -5.02 2.20
N GLU A 81 -1.16 -5.91 1.30
CA GLU A 81 -0.48 -6.06 0.02
C GLU A 81 -1.47 -6.09 -1.13
N LEU A 82 -1.20 -5.33 -2.17
CA LEU A 82 -2.07 -5.26 -3.33
C LEU A 82 -1.47 -6.03 -4.51
N HIS A 83 -2.19 -7.05 -4.97
CA HIS A 83 -1.73 -7.86 -6.10
C HIS A 83 -2.65 -7.69 -7.30
N ILE A 84 -2.09 -7.26 -8.42
CA ILE A 84 -2.85 -7.05 -9.64
C ILE A 84 -2.44 -8.05 -10.72
N GLY A 85 -3.31 -9.02 -10.99
CA GLY A 85 -3.02 -10.02 -12.00
C GLY A 85 -3.38 -9.55 -13.40
N LYS A 86 -2.55 -9.93 -14.37
CA LYS A 86 -2.79 -9.53 -15.76
C LYS A 86 -2.73 -8.02 -15.92
N VAL A 87 -1.67 -7.41 -15.38
CA VAL A 87 -1.50 -5.97 -15.47
C VAL A 87 -1.49 -5.50 -16.93
N VAL A 88 -1.83 -4.23 -17.13
CA VAL A 88 -1.86 -3.67 -18.47
C VAL A 88 -1.46 -2.19 -18.46
N LEU A 89 -1.09 -1.67 -19.62
CA LEU A 89 -0.69 -0.27 -19.74
C LEU A 89 -1.69 0.65 -19.04
N GLY A 90 -2.96 0.30 -19.13
CA GLY A 90 -4.00 1.10 -18.51
C GLY A 90 -3.78 1.27 -17.02
N ASP A 91 -3.15 0.28 -16.40
CA ASP A 91 -2.88 0.33 -14.97
C ASP A 91 -1.70 1.25 -14.67
N ARG A 92 -0.59 1.02 -15.33
CA ARG A 92 0.61 1.83 -15.14
C ARG A 92 0.24 3.28 -14.87
N GLY A 93 0.92 3.90 -13.91
CA GLY A 93 0.65 5.28 -13.57
C GLY A 93 0.99 5.60 -12.12
N TYR A 94 -0.02 5.98 -11.34
CA TYR A 94 0.18 6.31 -9.95
C TYR A 94 -1.06 6.00 -9.12
N TYR A 95 -0.86 5.36 -7.98
CA TYR A 95 -1.97 4.99 -7.11
C TYR A 95 -1.88 5.74 -5.78
N ARG A 96 -2.87 5.53 -4.92
CA ARG A 96 -2.91 6.19 -3.62
C ARG A 96 -3.64 5.32 -2.60
N LEU A 97 -3.07 5.23 -1.39
CA LEU A 97 -3.68 4.44 -0.32
C LEU A 97 -4.18 5.33 0.80
N GLU A 98 -5.48 5.27 1.05
CA GLU A 98 -6.10 6.08 2.11
C GLU A 98 -6.22 5.28 3.40
N VAL A 99 -5.91 5.94 4.51
CA VAL A 99 -5.98 5.29 5.82
C VAL A 99 -6.47 6.26 6.89
N LYS A 100 -7.44 5.81 7.69
CA LYS A 100 -8.00 6.65 8.75
C LYS A 100 -8.75 5.79 9.77
N ALA A 101 -8.38 5.93 11.03
CA ALA A 101 -9.02 5.18 12.10
C ALA A 101 -10.16 5.97 12.73
N LYS A 102 -9.81 6.97 13.54
CA LYS A 102 -10.80 7.81 14.20
C LYS A 102 -10.60 9.27 13.85
N ASP A 103 -9.47 9.82 14.27
CA ASP A 103 -9.14 11.22 14.00
C ASP A 103 -7.90 11.34 13.12
N THR A 104 -6.98 10.39 13.28
CA THR A 104 -5.74 10.38 12.52
C THR A 104 -6.01 10.09 11.04
N CYS A 105 -5.28 10.77 10.17
CA CYS A 105 -5.45 10.59 8.72
C CYS A 105 -4.09 10.57 8.03
N ASP A 106 -3.78 9.44 7.38
CA ASP A 106 -2.53 9.30 6.67
C ASP A 106 -2.73 8.51 5.38
N SER A 107 -2.16 9.02 4.29
CA SER A 107 -2.28 8.37 2.99
C SER A 107 -0.95 8.42 2.23
N CYS A 108 -0.61 7.32 1.58
CA CYS A 108 0.64 7.24 0.81
C CYS A 108 0.35 7.11 -0.67
N GLY A 109 1.36 7.39 -1.49
CA GLY A 109 1.20 7.29 -2.94
C GLY A 109 2.41 6.67 -3.61
N PHE A 110 2.18 5.63 -4.39
CA PHE A 110 3.26 4.94 -5.10
C PHE A 110 3.08 5.07 -6.61
N ASN A 111 4.02 4.49 -7.36
CA ASN A 111 3.97 4.54 -8.82
C ASN A 111 4.36 3.20 -9.42
N ILE A 112 3.67 2.80 -10.48
CA ILE A 112 3.94 1.54 -11.14
C ILE A 112 4.08 1.73 -12.65
N ASP A 113 5.00 0.98 -13.25
CA ASP A 113 5.23 1.06 -14.69
C ASP A 113 5.04 -0.29 -15.36
N VAL A 114 4.18 -0.34 -16.38
CA VAL A 114 3.92 -1.57 -17.10
C VAL A 114 4.67 -1.62 -18.42
N GLU A 115 5.86 -2.21 -18.41
CA GLU A 115 6.67 -2.31 -19.61
C GLU A 115 6.04 -3.26 -20.62
N ALA A 116 5.74 -2.73 -21.81
CA ALA A 116 5.12 -3.53 -22.86
C ALA A 116 6.02 -4.69 -23.26
N PRO A 117 5.42 -5.74 -23.84
CA PRO A 117 6.16 -6.93 -24.28
C PRO A 117 7.05 -6.65 -25.49
N ARG A 118 7.76 -7.67 -25.95
CA ARG A 118 8.65 -7.54 -27.09
C ARG A 118 7.91 -6.93 -28.29
N GLY A 1 12.09 22.74 -9.82
CA GLY A 1 13.02 21.74 -9.32
C GLY A 1 12.38 20.37 -9.18
N SER A 2 12.66 19.69 -8.08
CA SER A 2 12.11 18.36 -7.84
C SER A 2 11.95 18.10 -6.34
N SER A 3 11.30 17.00 -6.00
CA SER A 3 11.07 16.63 -4.62
C SER A 3 11.33 15.15 -4.39
N GLY A 4 12.26 14.84 -3.48
CA GLY A 4 12.57 13.45 -3.19
C GLY A 4 13.70 13.32 -2.18
N SER A 5 13.54 12.40 -1.24
CA SER A 5 14.54 12.17 -0.21
C SER A 5 14.65 10.69 0.13
N SER A 6 15.83 10.12 -0.11
CA SER A 6 16.06 8.71 0.16
C SER A 6 17.46 8.49 0.71
N GLY A 7 17.58 7.64 1.72
CA GLY A 7 18.86 7.35 2.32
C GLY A 7 18.80 6.24 3.36
N ALA A 8 19.25 6.53 4.57
CA ALA A 8 19.23 5.55 5.65
C ALA A 8 18.45 6.07 6.86
N GLU A 9 17.38 6.80 6.59
CA GLU A 9 16.55 7.35 7.65
C GLU A 9 15.32 6.48 7.90
N GLU A 10 14.64 6.74 9.00
CA GLU A 10 13.44 5.98 9.35
C GLU A 10 12.25 6.91 9.61
N PRO A 11 11.15 6.66 8.89
CA PRO A 11 9.94 7.46 9.03
C PRO A 11 9.24 7.24 10.37
N THR A 12 9.14 8.30 11.16
CA THR A 12 8.49 8.22 12.47
C THR A 12 6.99 8.45 12.36
N GLY A 13 6.40 7.91 11.30
CA GLY A 13 4.97 8.06 11.09
C GLY A 13 4.19 6.80 11.43
N VAL A 14 2.91 6.79 11.10
CA VAL A 14 2.06 5.62 11.37
C VAL A 14 2.31 4.52 10.35
N PHE A 15 2.77 4.90 9.17
CA PHE A 15 3.05 3.93 8.11
C PHE A 15 4.41 3.26 8.34
N LEU A 16 4.39 2.12 9.02
CA LEU A 16 5.61 1.38 9.31
C LEU A 16 6.37 1.06 8.03
N LYS A 17 5.63 0.83 6.95
CA LYS A 17 6.23 0.52 5.66
C LYS A 17 5.39 1.11 4.52
N LYS A 18 6.05 1.84 3.63
CA LYS A 18 5.37 2.45 2.48
C LYS A 18 5.65 1.66 1.21
N PRO A 19 4.64 1.61 0.33
CA PRO A 19 4.75 0.89 -0.96
C PRO A 19 5.70 1.58 -1.93
N ASP A 20 6.77 0.88 -2.30
CA ASP A 20 7.75 1.42 -3.24
C ASP A 20 7.40 1.06 -4.67
N SER A 21 7.47 2.04 -5.56
CA SER A 21 7.16 1.81 -6.97
C SER A 21 7.68 0.46 -7.43
N VAL A 22 6.95 -0.16 -8.35
CA VAL A 22 7.32 -1.47 -8.88
C VAL A 22 7.11 -1.53 -10.38
N SER A 23 8.19 -1.77 -11.12
CA SER A 23 8.13 -1.85 -12.57
C SER A 23 7.82 -3.28 -13.02
N VAL A 24 6.64 -3.47 -13.61
CA VAL A 24 6.22 -4.77 -14.09
C VAL A 24 6.03 -4.78 -15.60
N GLU A 25 5.95 -5.97 -16.19
CA GLU A 25 5.78 -6.11 -17.62
C GLU A 25 4.32 -6.44 -17.96
N THR A 26 3.85 -5.90 -19.08
CA THR A 26 2.48 -6.13 -19.52
C THR A 26 2.15 -7.62 -19.56
N GLY A 27 1.02 -7.99 -18.97
CA GLY A 27 0.63 -9.39 -18.95
C GLY A 27 1.19 -10.14 -17.76
N LYS A 28 1.71 -9.40 -16.79
CA LYS A 28 2.28 -10.01 -15.60
C LYS A 28 1.45 -9.67 -14.36
N ASP A 29 1.92 -10.09 -13.20
CA ASP A 29 1.23 -9.84 -11.95
C ASP A 29 2.06 -8.95 -11.03
N ALA A 30 1.51 -7.80 -10.67
CA ALA A 30 2.20 -6.87 -9.79
C ALA A 30 1.89 -7.15 -8.33
N VAL A 31 2.84 -6.81 -7.45
CA VAL A 31 2.67 -7.03 -6.02
C VAL A 31 3.24 -5.88 -5.21
N VAL A 32 2.42 -5.33 -4.32
CA VAL A 32 2.85 -4.22 -3.47
C VAL A 32 2.80 -4.59 -2.00
N VAL A 33 3.69 -4.00 -1.21
CA VAL A 33 3.74 -4.26 0.22
C VAL A 33 3.69 -2.97 1.03
N ALA A 34 2.99 -3.01 2.16
CA ALA A 34 2.87 -1.84 3.01
C ALA A 34 2.37 -2.22 4.41
N LYS A 35 2.91 -1.57 5.42
CA LYS A 35 2.52 -1.84 6.80
C LYS A 35 1.79 -0.65 7.41
N VAL A 36 0.99 -0.90 8.44
CA VAL A 36 0.23 0.15 9.11
C VAL A 36 0.32 -0.01 10.62
N ASN A 37 0.87 1.00 11.30
CA ASN A 37 1.01 0.98 12.74
C ASN A 37 -0.35 1.17 13.41
N GLY A 38 -0.94 0.08 13.88
CA GLY A 38 -2.24 0.15 14.54
C GLY A 38 -2.15 0.85 15.88
N LYS A 39 -1.17 0.47 16.69
CA LYS A 39 -1.00 1.06 18.01
C LYS A 39 -1.25 2.57 17.97
N GLU A 40 -0.49 3.27 17.14
CA GLU A 40 -0.63 4.72 17.01
C GLU A 40 -2.09 5.09 16.75
N LEU A 41 -2.76 4.32 15.90
CA LEU A 41 -4.15 4.58 15.56
C LEU A 41 -5.06 4.30 16.76
N PRO A 42 -6.07 5.15 16.95
CA PRO A 42 -7.04 5.00 18.04
C PRO A 42 -7.95 3.80 17.87
N ASP A 43 -8.16 3.40 16.61
CA ASP A 43 -9.01 2.26 16.31
C ASP A 43 -8.64 1.65 14.96
N LYS A 44 -9.35 0.59 14.59
CA LYS A 44 -9.10 -0.09 13.32
C LYS A 44 -9.14 0.90 12.15
N PRO A 45 -8.01 1.04 11.46
CA PRO A 45 -7.89 1.95 10.31
C PRO A 45 -8.69 1.46 9.10
N THR A 46 -8.78 2.30 8.08
CA THR A 46 -9.52 1.96 6.87
C THR A 46 -8.59 1.91 5.67
N ILE A 47 -8.41 0.72 5.11
CA ILE A 47 -7.55 0.54 3.94
C ILE A 47 -8.36 0.60 2.65
N LYS A 48 -7.93 1.46 1.74
CA LYS A 48 -8.60 1.62 0.46
C LYS A 48 -7.61 1.94 -0.65
N TRP A 49 -7.60 1.11 -1.69
CA TRP A 49 -6.70 1.30 -2.82
C TRP A 49 -7.36 2.11 -3.92
N PHE A 50 -6.72 3.22 -4.30
CA PHE A 50 -7.26 4.08 -5.35
C PHE A 50 -6.40 4.01 -6.60
N LYS A 51 -7.01 4.24 -7.75
CA LYS A 51 -6.31 4.21 -9.02
C LYS A 51 -6.36 5.56 -9.71
N GLY A 52 -5.25 6.29 -9.66
CA GLY A 52 -5.19 7.60 -10.28
C GLY A 52 -6.50 8.36 -10.15
N LYS A 53 -7.36 8.23 -11.16
CA LYS A 53 -8.65 8.91 -11.15
C LYS A 53 -9.36 8.73 -9.81
N TRP A 54 -10.50 9.39 -9.65
CA TRP A 54 -11.27 9.30 -8.42
C TRP A 54 -12.02 7.96 -8.35
N LEU A 55 -11.31 6.87 -8.60
CA LEU A 55 -11.90 5.55 -8.57
C LEU A 55 -11.64 4.86 -7.23
N GLU A 56 -12.63 4.14 -6.74
CA GLU A 56 -12.50 3.43 -5.46
C GLU A 56 -12.51 1.92 -5.67
N LEU A 57 -11.32 1.32 -5.69
CA LEU A 57 -11.18 -0.11 -5.88
C LEU A 57 -11.76 -0.87 -4.70
N GLY A 58 -12.02 -2.16 -4.90
CA GLY A 58 -12.58 -2.99 -3.84
C GLY A 58 -13.86 -3.66 -4.25
N SER A 59 -13.75 -4.81 -4.91
CA SER A 59 -14.91 -5.56 -5.36
C SER A 59 -14.57 -7.02 -5.61
N LYS A 60 -15.18 -7.92 -4.85
CA LYS A 60 -14.93 -9.35 -4.98
C LYS A 60 -15.78 -9.95 -6.09
N SER A 61 -15.95 -9.18 -7.17
CA SER A 61 -16.74 -9.64 -8.31
C SER A 61 -15.86 -10.35 -9.33
N GLY A 62 -14.94 -11.18 -8.84
CA GLY A 62 -14.05 -11.92 -9.72
C GLY A 62 -13.11 -11.01 -10.49
N ALA A 63 -12.39 -10.15 -9.76
CA ALA A 63 -11.45 -9.23 -10.38
C ALA A 63 -10.03 -9.47 -9.89
N ARG A 64 -9.07 -9.33 -10.80
CA ARG A 64 -7.66 -9.55 -10.46
C ARG A 64 -7.28 -8.74 -9.22
N PHE A 65 -7.94 -7.61 -9.01
CA PHE A 65 -7.67 -6.76 -7.87
C PHE A 65 -7.89 -7.51 -6.56
N SER A 66 -6.81 -7.84 -5.88
CA SER A 66 -6.89 -8.58 -4.62
C SER A 66 -6.14 -7.83 -3.52
N PHE A 67 -6.50 -8.11 -2.27
CA PHE A 67 -5.85 -7.48 -1.12
C PHE A 67 -5.60 -8.49 -0.01
N LYS A 68 -4.45 -8.38 0.63
CA LYS A 68 -4.09 -9.28 1.72
C LYS A 68 -3.59 -8.50 2.94
N GLU A 69 -4.36 -8.57 4.02
CA GLU A 69 -4.01 -7.86 5.25
C GLU A 69 -3.66 -8.85 6.36
N SER A 70 -2.54 -8.60 7.04
CA SER A 70 -2.09 -9.46 8.12
C SER A 70 -1.86 -8.66 9.40
N HIS A 71 -2.81 -8.74 10.32
CA HIS A 71 -2.71 -8.03 11.58
C HIS A 71 -2.02 -8.89 12.64
N ASN A 72 -0.92 -8.39 13.18
CA ASN A 72 -0.17 -9.11 14.20
C ASN A 72 -0.72 -8.83 15.59
N SER A 73 -0.55 -9.77 16.50
CA SER A 73 -1.03 -9.63 17.87
C SER A 73 0.01 -8.96 18.75
N ALA A 74 1.27 -9.38 18.59
CA ALA A 74 2.36 -8.82 19.38
C ALA A 74 2.82 -7.48 18.80
N SER A 75 3.19 -7.49 17.52
CA SER A 75 3.65 -6.28 16.84
C SER A 75 2.52 -5.29 16.69
N ASN A 76 1.31 -5.80 16.47
CA ASN A 76 0.14 -4.93 16.31
C ASN A 76 0.26 -4.08 15.05
N VAL A 77 0.63 -4.72 13.94
CA VAL A 77 0.79 -4.03 12.67
C VAL A 77 -0.03 -4.70 11.58
N TYR A 78 -0.66 -3.89 10.74
CA TYR A 78 -1.48 -4.40 9.65
C TYR A 78 -0.72 -4.33 8.32
N THR A 79 -0.20 -5.48 7.88
CA THR A 79 0.55 -5.55 6.63
C THR A 79 -0.39 -5.76 5.45
N VAL A 80 -0.58 -4.71 4.65
CA VAL A 80 -1.45 -4.79 3.48
C VAL A 80 -0.63 -4.91 2.20
N GLU A 81 -1.09 -5.75 1.28
CA GLU A 81 -0.40 -5.94 0.01
C GLU A 81 -1.40 -5.92 -1.15
N LEU A 82 -1.12 -5.06 -2.13
CA LEU A 82 -1.99 -4.94 -3.30
C LEU A 82 -1.46 -5.78 -4.46
N HIS A 83 -2.20 -6.82 -4.82
CA HIS A 83 -1.80 -7.70 -5.92
C HIS A 83 -2.68 -7.46 -7.14
N ILE A 84 -2.03 -7.17 -8.27
CA ILE A 84 -2.75 -6.92 -9.51
C ILE A 84 -2.31 -7.90 -10.60
N GLY A 85 -3.28 -8.65 -11.12
CA GLY A 85 -2.98 -9.62 -12.16
C GLY A 85 -3.36 -9.12 -13.54
N LYS A 86 -2.67 -9.61 -14.56
CA LYS A 86 -2.95 -9.21 -15.93
C LYS A 86 -2.79 -7.70 -16.11
N VAL A 87 -1.68 -7.18 -15.63
CA VAL A 87 -1.42 -5.74 -15.73
C VAL A 87 -1.27 -5.31 -17.19
N VAL A 88 -1.88 -4.18 -17.53
CA VAL A 88 -1.81 -3.66 -18.89
C VAL A 88 -1.38 -2.19 -18.89
N LEU A 89 -1.05 -1.69 -20.07
CA LEU A 89 -0.62 -0.30 -20.22
C LEU A 89 -1.65 0.66 -19.61
N GLY A 90 -2.91 0.24 -19.62
CA GLY A 90 -3.96 1.08 -19.06
C GLY A 90 -3.87 1.18 -17.55
N ASP A 91 -3.16 0.25 -16.93
CA ASP A 91 -3.01 0.24 -15.48
C ASP A 91 -1.87 1.18 -15.05
N ARG A 92 -0.70 0.97 -15.63
CA ARG A 92 0.47 1.79 -15.30
C ARG A 92 0.05 3.24 -15.07
N GLY A 93 0.68 3.88 -14.08
CA GLY A 93 0.37 5.26 -13.78
C GLY A 93 0.73 5.63 -12.35
N TYR A 94 -0.28 5.84 -11.52
CA TYR A 94 -0.06 6.21 -10.12
C TYR A 94 -1.26 5.81 -9.26
N TYR A 95 -0.98 5.42 -8.01
CA TYR A 95 -2.02 5.02 -7.09
C TYR A 95 -1.95 5.81 -5.79
N ARG A 96 -2.89 5.56 -4.90
CA ARG A 96 -2.94 6.25 -3.61
C ARG A 96 -3.62 5.39 -2.55
N LEU A 97 -3.10 5.45 -1.33
CA LEU A 97 -3.65 4.68 -0.23
C LEU A 97 -4.22 5.60 0.86
N GLU A 98 -5.51 5.44 1.15
CA GLU A 98 -6.17 6.25 2.16
C GLU A 98 -6.34 5.48 3.46
N VAL A 99 -5.99 6.10 4.57
CA VAL A 99 -6.11 5.47 5.88
C VAL A 99 -6.63 6.45 6.92
N LYS A 100 -7.57 5.99 7.75
CA LYS A 100 -8.16 6.83 8.78
C LYS A 100 -8.90 5.98 9.81
N ALA A 101 -8.56 6.14 11.07
CA ALA A 101 -9.21 5.40 12.14
C ALA A 101 -10.33 6.21 12.78
N LYS A 102 -9.94 7.24 13.53
CA LYS A 102 -10.91 8.10 14.19
C LYS A 102 -10.60 9.57 13.94
N ASP A 103 -9.46 10.02 14.44
CA ASP A 103 -9.04 11.41 14.27
C ASP A 103 -7.80 11.49 13.38
N THR A 104 -6.95 10.48 13.45
CA THR A 104 -5.73 10.44 12.67
C THR A 104 -6.04 10.20 11.19
N CYS A 105 -5.30 10.89 10.31
CA CYS A 105 -5.51 10.75 8.88
C CYS A 105 -4.17 10.68 8.15
N ASP A 106 -3.89 9.52 7.57
CA ASP A 106 -2.64 9.32 6.84
C ASP A 106 -2.88 8.61 5.51
N SER A 107 -2.11 8.98 4.49
CA SER A 107 -2.25 8.38 3.18
C SER A 107 -0.90 8.32 2.45
N CYS A 108 -0.69 7.25 1.69
CA CYS A 108 0.56 7.08 0.96
C CYS A 108 0.28 6.62 -0.47
N GLY A 109 1.01 7.20 -1.42
CA GLY A 109 0.83 6.85 -2.82
C GLY A 109 2.07 6.23 -3.43
N PHE A 110 1.87 5.38 -4.43
CA PHE A 110 2.99 4.72 -5.11
C PHE A 110 2.92 4.93 -6.61
N ASN A 111 3.83 4.28 -7.34
CA ASN A 111 3.88 4.40 -8.79
C ASN A 111 4.21 3.05 -9.43
N ILE A 112 3.43 2.66 -10.41
CA ILE A 112 3.64 1.39 -11.11
C ILE A 112 3.84 1.61 -12.60
N ASP A 113 4.76 0.86 -13.19
CA ASP A 113 5.05 0.97 -14.62
C ASP A 113 4.88 -0.38 -15.31
N VAL A 114 4.11 -0.39 -16.39
CA VAL A 114 3.88 -1.62 -17.14
C VAL A 114 4.65 -1.62 -18.44
N GLU A 115 5.87 -2.16 -18.40
CA GLU A 115 6.73 -2.22 -19.58
C GLU A 115 6.13 -3.15 -20.63
N ALA A 116 6.05 -2.66 -21.86
CA ALA A 116 5.50 -3.45 -22.96
C ALA A 116 6.50 -4.50 -23.43
N PRO A 117 5.97 -5.59 -24.01
CA PRO A 117 6.80 -6.70 -24.51
C PRO A 117 7.60 -6.30 -25.76
N ARG A 118 8.48 -7.19 -26.20
CA ARG A 118 9.30 -6.94 -27.37
C ARG A 118 8.45 -6.97 -28.65
N GLY A 1 24.19 -5.12 3.64
CA GLY A 1 23.98 -6.18 4.61
C GLY A 1 24.03 -5.65 6.04
N SER A 2 23.04 -4.86 6.41
CA SER A 2 22.98 -4.28 7.76
C SER A 2 22.84 -5.39 8.80
N SER A 3 23.35 -5.12 10.00
CA SER A 3 23.30 -6.09 11.09
C SER A 3 21.87 -6.61 11.28
N GLY A 4 20.91 -5.68 11.33
CA GLY A 4 19.52 -6.06 11.51
C GLY A 4 18.62 -4.87 11.71
N SER A 5 17.43 -5.11 12.23
CA SER A 5 16.46 -4.05 12.48
C SER A 5 17.08 -2.93 13.32
N SER A 6 17.78 -3.32 14.38
CA SER A 6 18.42 -2.36 15.26
C SER A 6 19.48 -1.55 14.52
N GLY A 7 19.73 -0.34 15.00
CA GLY A 7 20.72 0.52 14.36
C GLY A 7 20.09 1.62 13.54
N ALA A 8 19.40 1.23 12.47
CA ALA A 8 18.75 2.21 11.60
C ALA A 8 17.60 2.91 12.32
N GLU A 9 17.36 4.17 11.95
CA GLU A 9 16.29 4.95 12.57
C GLU A 9 14.92 4.43 12.15
N GLU A 10 14.13 4.03 13.13
CA GLU A 10 12.79 3.50 12.86
C GLU A 10 11.82 4.63 12.53
N PRO A 11 10.81 4.32 11.72
CA PRO A 11 9.80 5.30 11.31
C PRO A 11 8.88 5.71 12.47
N THR A 12 8.67 7.01 12.63
CA THR A 12 7.83 7.53 13.70
C THR A 12 6.39 7.66 13.23
N GLY A 13 6.21 8.05 11.97
CA GLY A 13 4.88 8.21 11.42
C GLY A 13 4.04 6.95 11.52
N VAL A 14 2.74 7.09 11.36
CA VAL A 14 1.83 5.95 11.45
C VAL A 14 2.23 4.85 10.47
N PHE A 15 2.43 5.23 9.21
CA PHE A 15 2.82 4.27 8.19
C PHE A 15 4.22 3.72 8.46
N LEU A 16 4.27 2.56 9.10
CA LEU A 16 5.54 1.91 9.42
C LEU A 16 6.36 1.68 8.17
N LYS A 17 5.70 1.23 7.10
CA LYS A 17 6.37 0.97 5.83
C LYS A 17 5.57 1.53 4.67
N LYS A 18 6.23 2.30 3.82
CA LYS A 18 5.58 2.89 2.66
C LYS A 18 5.89 2.10 1.39
N PRO A 19 4.88 2.00 0.51
CA PRO A 19 5.02 1.27 -0.75
C PRO A 19 5.95 1.97 -1.74
N ASP A 20 6.86 1.20 -2.33
CA ASP A 20 7.81 1.74 -3.30
C ASP A 20 7.39 1.41 -4.72
N SER A 21 7.75 2.29 -5.65
CA SER A 21 7.40 2.09 -7.07
C SER A 21 7.87 0.72 -7.55
N VAL A 22 7.08 0.13 -8.45
CA VAL A 22 7.40 -1.18 -9.00
C VAL A 22 7.01 -1.27 -10.46
N SER A 23 7.99 -1.47 -11.33
CA SER A 23 7.75 -1.58 -12.76
C SER A 23 7.65 -3.04 -13.19
N VAL A 24 6.43 -3.48 -13.50
CA VAL A 24 6.21 -4.85 -13.93
C VAL A 24 5.98 -4.93 -15.44
N GLU A 25 5.99 -6.15 -15.96
CA GLU A 25 5.79 -6.36 -17.40
C GLU A 25 4.34 -6.74 -17.70
N THR A 26 3.79 -6.15 -18.75
CA THR A 26 2.42 -6.43 -19.14
C THR A 26 2.12 -7.92 -19.11
N GLY A 27 0.98 -8.27 -18.53
CA GLY A 27 0.59 -9.66 -18.43
C GLY A 27 1.03 -10.31 -17.12
N LYS A 28 1.91 -9.62 -16.41
CA LYS A 28 2.41 -10.13 -15.13
C LYS A 28 1.54 -9.66 -13.98
N ASP A 29 1.90 -10.06 -12.76
CA ASP A 29 1.15 -9.67 -11.58
C ASP A 29 1.95 -8.69 -10.73
N ALA A 30 1.39 -7.50 -10.51
CA ALA A 30 2.05 -6.47 -9.72
C ALA A 30 1.80 -6.69 -8.22
N VAL A 31 2.77 -6.30 -7.40
CA VAL A 31 2.66 -6.45 -5.96
C VAL A 31 3.23 -5.23 -5.23
N VAL A 32 2.53 -4.79 -4.20
CA VAL A 32 2.97 -3.64 -3.41
C VAL A 32 2.86 -3.91 -1.92
N VAL A 33 3.97 -3.73 -1.20
CA VAL A 33 4.00 -3.96 0.23
C VAL A 33 3.79 -2.65 1.00
N ALA A 34 3.00 -2.72 2.06
CA ALA A 34 2.73 -1.55 2.88
C ALA A 34 2.22 -1.96 4.27
N LYS A 35 2.88 -1.44 5.30
CA LYS A 35 2.51 -1.74 6.67
C LYS A 35 1.79 -0.57 7.33
N VAL A 36 0.94 -0.85 8.30
CA VAL A 36 0.19 0.18 9.00
C VAL A 36 0.27 0.00 10.50
N ASN A 37 0.81 0.98 11.20
CA ASN A 37 0.94 0.93 12.65
C ASN A 37 -0.42 1.08 13.32
N GLY A 38 -0.93 -0.03 13.85
CA GLY A 38 -2.22 0.00 14.51
C GLY A 38 -2.17 0.73 15.83
N LYS A 39 -1.18 0.41 16.65
CA LYS A 39 -1.02 1.05 17.95
C LYS A 39 -1.16 2.56 17.84
N GLU A 40 -0.27 3.18 17.06
CA GLU A 40 -0.31 4.62 16.88
C GLU A 40 -1.72 5.11 16.61
N LEU A 41 -2.43 4.39 15.74
CA LEU A 41 -3.80 4.75 15.40
C LEU A 41 -4.74 4.56 16.59
N PRO A 42 -5.75 5.42 16.69
CA PRO A 42 -6.73 5.36 17.78
C PRO A 42 -7.65 4.15 17.67
N ASP A 43 -8.14 3.89 16.46
CA ASP A 43 -9.03 2.76 16.22
C ASP A 43 -8.69 2.09 14.89
N LYS A 44 -9.38 0.99 14.60
CA LYS A 44 -9.17 0.25 13.37
C LYS A 44 -9.18 1.18 12.16
N PRO A 45 -8.03 1.27 11.48
CA PRO A 45 -7.88 2.14 10.29
C PRO A 45 -8.67 1.61 9.09
N THR A 46 -8.90 2.47 8.11
CA THR A 46 -9.65 2.10 6.92
C THR A 46 -8.72 2.01 5.71
N ILE A 47 -8.54 0.80 5.19
CA ILE A 47 -7.68 0.58 4.04
C ILE A 47 -8.48 0.67 2.74
N LYS A 48 -7.97 1.47 1.80
CA LYS A 48 -8.64 1.64 0.51
C LYS A 48 -7.62 1.99 -0.57
N TRP A 49 -7.62 1.21 -1.65
CA TRP A 49 -6.71 1.44 -2.76
C TRP A 49 -7.38 2.24 -3.87
N PHE A 50 -6.70 3.27 -4.35
CA PHE A 50 -7.23 4.12 -5.41
C PHE A 50 -6.20 4.32 -6.51
N LYS A 51 -6.70 4.50 -7.74
CA LYS A 51 -5.82 4.70 -8.89
C LYS A 51 -5.78 6.17 -9.30
N GLY A 52 -4.85 6.91 -8.70
CA GLY A 52 -4.73 8.33 -9.02
C GLY A 52 -6.05 9.07 -8.92
N LYS A 53 -6.80 9.05 -10.01
CA LYS A 53 -8.10 9.73 -10.04
C LYS A 53 -8.96 9.32 -8.85
N TRP A 54 -10.20 9.81 -8.82
CA TRP A 54 -11.12 9.49 -7.74
C TRP A 54 -11.79 8.13 -7.97
N LEU A 55 -11.01 7.18 -8.49
CA LEU A 55 -11.53 5.85 -8.77
C LEU A 55 -11.32 4.92 -7.57
N GLU A 56 -12.08 3.83 -7.53
CA GLU A 56 -11.97 2.87 -6.44
C GLU A 56 -11.78 1.45 -6.98
N LEU A 57 -10.55 0.95 -6.85
CA LEU A 57 -10.23 -0.40 -7.33
C LEU A 57 -11.25 -1.41 -6.82
N GLY A 58 -11.26 -1.62 -5.51
CA GLY A 58 -12.20 -2.56 -4.93
C GLY A 58 -12.28 -3.86 -5.71
N SER A 59 -13.24 -3.93 -6.63
CA SER A 59 -13.43 -5.13 -7.44
C SER A 59 -13.08 -6.39 -6.65
N LYS A 60 -13.51 -6.42 -5.40
CA LYS A 60 -13.25 -7.57 -4.52
C LYS A 60 -14.31 -8.65 -4.72
N SER A 61 -14.69 -8.88 -5.98
CA SER A 61 -15.69 -9.89 -6.30
C SER A 61 -15.11 -10.97 -7.21
N GLY A 62 -13.86 -11.34 -6.94
CA GLY A 62 -13.20 -12.36 -7.75
C GLY A 62 -12.48 -11.78 -8.94
N ALA A 63 -11.77 -10.69 -8.71
CA ALA A 63 -11.01 -10.03 -9.78
C ALA A 63 -9.52 -10.01 -9.47
N ARG A 64 -8.70 -10.04 -10.51
CA ARG A 64 -7.26 -10.04 -10.35
C ARG A 64 -6.85 -9.19 -9.15
N PHE A 65 -7.61 -8.13 -8.89
CA PHE A 65 -7.33 -7.25 -7.77
C PHE A 65 -7.60 -7.95 -6.44
N SER A 66 -6.52 -8.34 -5.76
CA SER A 66 -6.63 -9.02 -4.48
C SER A 66 -6.06 -8.17 -3.35
N PHE A 67 -6.44 -8.49 -2.12
CA PHE A 67 -5.97 -7.75 -0.95
C PHE A 67 -5.60 -8.71 0.19
N LYS A 68 -4.36 -8.65 0.63
CA LYS A 68 -3.89 -9.50 1.72
C LYS A 68 -3.52 -8.67 2.94
N GLU A 69 -4.31 -8.81 4.00
CA GLU A 69 -4.07 -8.08 5.23
C GLU A 69 -3.69 -9.02 6.37
N SER A 70 -2.56 -8.73 7.02
CA SER A 70 -2.09 -9.56 8.13
C SER A 70 -2.06 -8.77 9.44
N HIS A 71 -2.94 -9.14 10.37
CA HIS A 71 -3.01 -8.47 11.65
C HIS A 71 -2.24 -9.23 12.72
N ASN A 72 -1.21 -8.61 13.27
CA ASN A 72 -0.39 -9.23 14.30
C ASN A 72 -0.94 -8.94 15.69
N SER A 73 -0.74 -9.87 16.61
CA SER A 73 -1.21 -9.71 17.98
C SER A 73 -0.22 -8.89 18.82
N ALA A 74 0.99 -9.41 18.96
CA ALA A 74 2.03 -8.72 19.73
C ALA A 74 2.47 -7.45 19.02
N SER A 75 2.71 -7.55 17.72
CA SER A 75 3.15 -6.40 16.93
C SER A 75 2.02 -5.40 16.76
N ASN A 76 0.82 -5.91 16.46
CA ASN A 76 -0.34 -5.06 16.26
C ASN A 76 -0.19 -4.21 15.01
N VAL A 77 0.31 -4.83 13.94
CA VAL A 77 0.50 -4.14 12.67
C VAL A 77 -0.30 -4.79 11.56
N TYR A 78 -0.84 -3.98 10.66
CA TYR A 78 -1.63 -4.49 9.54
C TYR A 78 -0.83 -4.43 8.24
N THR A 79 -0.33 -5.59 7.83
CA THR A 79 0.46 -5.68 6.60
C THR A 79 -0.44 -5.92 5.39
N VAL A 80 -0.67 -4.86 4.62
CA VAL A 80 -1.51 -4.95 3.43
C VAL A 80 -0.66 -5.03 2.16
N GLU A 81 -1.03 -5.95 1.27
CA GLU A 81 -0.31 -6.13 0.01
C GLU A 81 -1.27 -6.15 -1.17
N LEU A 82 -1.09 -5.21 -2.08
CA LEU A 82 -1.95 -5.12 -3.26
C LEU A 82 -1.38 -5.95 -4.41
N HIS A 83 -2.19 -6.88 -4.91
CA HIS A 83 -1.77 -7.75 -6.00
C HIS A 83 -2.68 -7.57 -7.22
N ILE A 84 -2.10 -7.10 -8.31
CA ILE A 84 -2.85 -6.87 -9.53
C ILE A 84 -2.40 -7.83 -10.64
N GLY A 85 -3.20 -8.86 -10.88
CA GLY A 85 -2.87 -9.83 -11.92
C GLY A 85 -3.27 -9.36 -13.30
N LYS A 86 -2.51 -9.80 -14.31
CA LYS A 86 -2.79 -9.42 -15.68
C LYS A 86 -2.68 -7.90 -15.87
N VAL A 87 -1.59 -7.33 -15.37
CA VAL A 87 -1.37 -5.89 -15.48
C VAL A 87 -1.36 -5.45 -16.94
N VAL A 88 -1.83 -4.23 -17.18
CA VAL A 88 -1.88 -3.69 -18.54
C VAL A 88 -1.41 -2.24 -18.56
N LEU A 89 -1.06 -1.76 -19.75
CA LEU A 89 -0.59 -0.39 -19.91
C LEU A 89 -1.55 0.60 -19.26
N GLY A 90 -2.85 0.34 -19.40
CA GLY A 90 -3.85 1.21 -18.82
C GLY A 90 -3.72 1.31 -17.31
N ASP A 91 -3.14 0.30 -16.70
CA ASP A 91 -2.97 0.27 -15.25
C ASP A 91 -1.80 1.18 -14.83
N ARG A 92 -0.65 0.98 -15.48
CA ARG A 92 0.54 1.78 -15.19
C ARG A 92 0.18 3.25 -14.99
N GLY A 93 0.79 3.87 -13.99
CA GLY A 93 0.52 5.27 -13.71
C GLY A 93 0.85 5.66 -12.29
N TYR A 94 -0.18 5.83 -11.47
CA TYR A 94 0.01 6.21 -10.07
C TYR A 94 -1.13 5.69 -9.21
N TYR A 95 -0.86 5.51 -7.93
CA TYR A 95 -1.86 5.02 -6.99
C TYR A 95 -1.78 5.75 -5.66
N ARG A 96 -2.70 5.44 -4.75
CA ARG A 96 -2.74 6.07 -3.44
C ARG A 96 -3.50 5.21 -2.45
N LEU A 97 -3.03 5.19 -1.20
CA LEU A 97 -3.67 4.42 -0.16
C LEU A 97 -4.19 5.31 0.97
N GLU A 98 -5.51 5.33 1.14
CA GLU A 98 -6.14 6.16 2.17
C GLU A 98 -6.29 5.37 3.47
N VAL A 99 -5.91 5.99 4.58
CA VAL A 99 -6.01 5.34 5.89
C VAL A 99 -6.45 6.34 6.95
N LYS A 100 -7.56 6.05 7.62
CA LYS A 100 -8.08 6.91 8.67
C LYS A 100 -8.81 6.10 9.73
N ALA A 101 -8.55 6.42 11.00
CA ALA A 101 -9.17 5.72 12.11
C ALA A 101 -10.23 6.59 12.78
N LYS A 102 -9.77 7.61 13.51
CA LYS A 102 -10.68 8.52 14.20
C LYS A 102 -10.39 9.97 13.80
N ASP A 103 -9.21 10.45 14.13
CA ASP A 103 -8.82 11.81 13.80
C ASP A 103 -7.41 11.86 13.21
N THR A 104 -6.99 10.74 12.62
CA THR A 104 -5.67 10.63 12.02
C THR A 104 -5.76 10.18 10.56
N CYS A 105 -5.45 11.08 9.64
CA CYS A 105 -5.50 10.77 8.22
C CYS A 105 -4.09 10.65 7.64
N ASP A 106 -3.73 9.45 7.21
CA ASP A 106 -2.42 9.19 6.64
C ASP A 106 -2.53 8.38 5.35
N SER A 107 -2.09 8.97 4.25
CA SER A 107 -2.13 8.30 2.95
C SER A 107 -0.77 8.30 2.28
N CYS A 108 -0.51 7.29 1.48
CA CYS A 108 0.76 7.17 0.77
C CYS A 108 0.55 6.76 -0.69
N GLY A 109 1.19 7.48 -1.59
CA GLY A 109 1.06 7.19 -3.01
C GLY A 109 2.33 6.60 -3.61
N PHE A 110 2.16 5.72 -4.59
CA PHE A 110 3.30 5.09 -5.24
C PHE A 110 3.21 5.22 -6.76
N ASN A 111 4.15 4.59 -7.47
CA ASN A 111 4.17 4.64 -8.92
C ASN A 111 4.49 3.27 -9.50
N ILE A 112 3.59 2.77 -10.35
CA ILE A 112 3.78 1.47 -10.97
C ILE A 112 3.98 1.61 -12.47
N ASP A 113 4.79 0.73 -13.05
CA ASP A 113 5.06 0.75 -14.49
C ASP A 113 4.72 -0.59 -15.13
N VAL A 114 4.16 -0.54 -16.33
CA VAL A 114 3.78 -1.75 -17.05
C VAL A 114 4.48 -1.82 -18.41
N GLU A 115 5.65 -2.45 -18.44
CA GLU A 115 6.42 -2.58 -19.67
C GLU A 115 5.61 -3.34 -20.73
N ALA A 116 5.29 -2.67 -21.82
CA ALA A 116 4.52 -3.27 -22.90
C ALA A 116 5.15 -4.59 -23.34
N PRO A 117 4.30 -5.51 -23.83
CA PRO A 117 4.75 -6.83 -24.30
C PRO A 117 5.58 -6.74 -25.58
N ARG A 118 6.25 -7.84 -25.91
CA ARG A 118 7.07 -7.89 -27.12
C ARG A 118 6.22 -8.14 -28.36
N GLY A 1 23.77 15.60 8.26
CA GLY A 1 24.01 14.36 7.56
C GLY A 1 24.55 13.28 8.48
N SER A 2 25.75 13.50 9.03
CA SER A 2 26.37 12.53 9.92
C SER A 2 25.86 12.71 11.35
N SER A 3 26.10 11.71 12.18
CA SER A 3 25.67 11.76 13.58
C SER A 3 26.56 10.86 14.45
N GLY A 4 26.44 11.03 15.77
CA GLY A 4 27.22 10.23 16.69
C GLY A 4 26.70 8.81 16.83
N SER A 5 25.75 8.62 17.74
CA SER A 5 25.17 7.31 17.96
C SER A 5 24.09 7.00 16.93
N SER A 6 23.91 5.71 16.65
CA SER A 6 22.92 5.27 15.67
C SER A 6 21.51 5.61 16.14
N GLY A 7 21.32 5.66 17.46
CA GLY A 7 20.02 5.96 18.01
C GLY A 7 18.96 4.94 17.63
N ALA A 8 18.44 4.23 18.62
CA ALA A 8 17.42 3.21 18.37
C ALA A 8 16.10 3.60 19.02
N GLU A 9 15.46 4.65 18.49
CA GLU A 9 14.19 5.11 19.03
C GLU A 9 13.03 4.57 18.21
N GLU A 10 11.96 4.19 18.89
CA GLU A 10 10.77 3.65 18.23
C GLU A 10 10.38 4.50 17.03
N PRO A 11 9.63 3.91 16.10
CA PRO A 11 9.18 4.59 14.88
C PRO A 11 8.13 5.66 15.17
N THR A 12 8.24 6.80 14.48
CA THR A 12 7.32 7.90 14.67
C THR A 12 6.22 7.89 13.61
N GLY A 13 6.62 7.67 12.36
CA GLY A 13 5.67 7.63 11.28
C GLY A 13 4.66 6.50 11.42
N VAL A 14 3.40 6.79 11.08
CA VAL A 14 2.35 5.79 11.18
C VAL A 14 2.54 4.68 10.16
N PHE A 15 3.11 5.03 9.01
CA PHE A 15 3.35 4.06 7.94
C PHE A 15 4.75 3.45 8.08
N LEU A 16 4.83 2.35 8.82
CA LEU A 16 6.11 1.67 9.02
C LEU A 16 6.79 1.37 7.69
N LYS A 17 5.98 1.10 6.67
CA LYS A 17 6.50 0.80 5.35
C LYS A 17 5.56 1.32 4.26
N LYS A 18 6.11 2.06 3.30
CA LYS A 18 5.32 2.61 2.22
C LYS A 18 5.53 1.82 0.94
N PRO A 19 4.51 1.79 0.07
CA PRO A 19 4.56 1.07 -1.20
C PRO A 19 5.52 1.72 -2.20
N ASP A 20 6.70 1.13 -2.35
CA ASP A 20 7.71 1.65 -3.27
C ASP A 20 7.35 1.31 -4.72
N SER A 21 7.52 2.28 -5.60
CA SER A 21 7.21 2.08 -7.02
C SER A 21 7.73 0.73 -7.51
N VAL A 22 6.87 -0.01 -8.18
CA VAL A 22 7.25 -1.32 -8.71
C VAL A 22 7.11 -1.37 -10.22
N SER A 23 8.20 -1.71 -10.90
CA SER A 23 8.21 -1.78 -12.36
C SER A 23 7.95 -3.21 -12.83
N VAL A 24 6.76 -3.44 -13.37
CA VAL A 24 6.39 -4.76 -13.86
C VAL A 24 6.24 -4.77 -15.38
N GLU A 25 6.16 -5.96 -15.96
CA GLU A 25 6.02 -6.09 -17.41
C GLU A 25 4.59 -6.53 -17.78
N THR A 26 4.12 -6.07 -18.93
CA THR A 26 2.79 -6.39 -19.40
C THR A 26 2.59 -7.91 -19.45
N GLY A 27 1.49 -8.37 -18.87
CA GLY A 27 1.21 -9.80 -18.87
C GLY A 27 1.71 -10.50 -17.61
N LYS A 28 2.35 -9.73 -16.74
CA LYS A 28 2.88 -10.28 -15.49
C LYS A 28 1.98 -9.94 -14.32
N ASP A 29 2.41 -10.31 -13.12
CA ASP A 29 1.63 -10.04 -11.91
C ASP A 29 2.34 -9.04 -11.02
N ALA A 30 1.67 -7.93 -10.72
CA ALA A 30 2.24 -6.89 -9.86
C ALA A 30 1.97 -7.18 -8.40
N VAL A 31 2.83 -6.65 -7.53
CA VAL A 31 2.70 -6.85 -6.10
C VAL A 31 3.23 -5.65 -5.31
N VAL A 32 2.44 -5.19 -4.35
CA VAL A 32 2.83 -4.05 -3.53
C VAL A 32 2.75 -4.39 -2.04
N VAL A 33 3.70 -3.85 -1.27
CA VAL A 33 3.74 -4.10 0.16
C VAL A 33 3.64 -2.79 0.95
N ALA A 34 2.79 -2.80 1.98
CA ALA A 34 2.60 -1.61 2.81
C ALA A 34 2.16 -1.99 4.22
N LYS A 35 2.89 -1.48 5.20
CA LYS A 35 2.58 -1.77 6.60
C LYS A 35 2.00 -0.54 7.30
N VAL A 36 1.19 -0.78 8.32
CA VAL A 36 0.56 0.31 9.06
C VAL A 36 0.69 0.09 10.57
N ASN A 37 1.30 1.05 11.26
CA ASN A 37 1.49 0.95 12.70
C ASN A 37 0.16 1.16 13.44
N GLY A 38 -0.44 0.07 13.88
CA GLY A 38 -1.70 0.15 14.59
C GLY A 38 -1.59 0.95 15.87
N LYS A 39 -0.60 0.62 16.70
CA LYS A 39 -0.40 1.30 17.96
C LYS A 39 -0.61 2.81 17.81
N GLU A 40 0.02 3.39 16.79
CA GLU A 40 -0.10 4.82 16.52
C GLU A 40 -1.57 5.21 16.37
N LEU A 41 -2.35 4.34 15.75
CA LEU A 41 -3.76 4.60 15.53
C LEU A 41 -4.59 4.19 16.75
N PRO A 42 -5.62 4.99 17.06
CA PRO A 42 -6.51 4.73 18.20
C PRO A 42 -7.39 3.51 17.99
N ASP A 43 -7.83 3.32 16.75
CA ASP A 43 -8.68 2.18 16.42
C ASP A 43 -8.40 1.69 15.00
N LYS A 44 -8.97 0.54 14.64
CA LYS A 44 -8.78 -0.03 13.32
C LYS A 44 -8.95 1.02 12.24
N PRO A 45 -7.86 1.29 11.50
CA PRO A 45 -7.86 2.29 10.42
C PRO A 45 -8.69 1.83 9.22
N THR A 46 -8.73 2.66 8.19
CA THR A 46 -9.49 2.36 6.98
C THR A 46 -8.58 2.30 5.76
N ILE A 47 -8.42 1.11 5.19
CA ILE A 47 -7.59 0.92 4.01
C ILE A 47 -8.41 0.98 2.74
N LYS A 48 -8.02 1.87 1.83
CA LYS A 48 -8.72 2.03 0.56
C LYS A 48 -7.74 2.31 -0.57
N TRP A 49 -7.77 1.46 -1.59
CA TRP A 49 -6.88 1.62 -2.74
C TRP A 49 -7.55 2.44 -3.84
N PHE A 50 -6.96 3.58 -4.18
CA PHE A 50 -7.50 4.44 -5.22
C PHE A 50 -6.59 4.45 -6.44
N LYS A 51 -7.19 4.60 -7.62
CA LYS A 51 -6.44 4.63 -8.86
C LYS A 51 -6.48 6.02 -9.49
N GLY A 52 -5.46 6.81 -9.22
CA GLY A 52 -5.40 8.16 -9.77
C GLY A 52 -6.70 8.91 -9.60
N LYS A 53 -7.58 8.79 -10.59
CA LYS A 53 -8.88 9.47 -10.55
C LYS A 53 -9.61 9.15 -9.25
N TRP A 54 -10.85 9.62 -9.15
CA TRP A 54 -11.67 9.37 -7.97
C TRP A 54 -12.34 8.01 -8.03
N LEU A 55 -11.69 7.06 -8.70
CA LEU A 55 -12.22 5.71 -8.83
C LEU A 55 -12.07 4.93 -7.53
N GLU A 56 -12.71 3.77 -7.47
CA GLU A 56 -12.65 2.93 -6.27
C GLU A 56 -12.32 1.49 -6.64
N LEU A 57 -11.24 0.97 -6.06
CA LEU A 57 -10.81 -0.39 -6.32
C LEU A 57 -11.39 -1.36 -5.29
N GLY A 58 -11.32 -2.66 -5.60
CA GLY A 58 -11.84 -3.66 -4.68
C GLY A 58 -12.99 -4.44 -5.28
N SER A 59 -14.18 -4.25 -4.74
CA SER A 59 -15.37 -4.95 -5.22
C SER A 59 -15.81 -4.40 -6.58
N LYS A 60 -15.93 -3.08 -6.66
CA LYS A 60 -16.34 -2.43 -7.89
C LYS A 60 -15.18 -2.36 -8.89
N SER A 61 -15.36 -3.01 -10.03
CA SER A 61 -14.32 -3.03 -11.07
C SER A 61 -13.05 -3.69 -10.55
N GLY A 62 -13.19 -4.90 -10.03
CA GLY A 62 -12.04 -5.61 -9.51
C GLY A 62 -12.15 -7.11 -9.72
N ALA A 63 -11.23 -7.68 -10.49
CA ALA A 63 -11.23 -9.11 -10.77
C ALA A 63 -9.84 -9.70 -10.59
N ARG A 64 -8.87 -9.16 -11.32
CA ARG A 64 -7.49 -9.63 -11.23
C ARG A 64 -6.75 -8.96 -10.08
N PHE A 65 -7.50 -8.40 -9.14
CA PHE A 65 -6.91 -7.72 -8.00
C PHE A 65 -7.15 -8.51 -6.71
N SER A 66 -6.07 -8.85 -6.02
CA SER A 66 -6.15 -9.61 -4.78
C SER A 66 -5.52 -8.83 -3.63
N PHE A 67 -6.29 -8.63 -2.57
CA PHE A 67 -5.80 -7.90 -1.40
C PHE A 67 -5.73 -8.83 -0.18
N LYS A 68 -4.65 -8.69 0.58
CA LYS A 68 -4.45 -9.51 1.77
C LYS A 68 -3.99 -8.65 2.95
N GLU A 69 -4.81 -8.60 3.99
CA GLU A 69 -4.50 -7.82 5.18
C GLU A 69 -4.15 -8.73 6.35
N SER A 70 -2.89 -8.64 6.81
CA SER A 70 -2.43 -9.46 7.92
C SER A 70 -2.27 -8.62 9.18
N HIS A 71 -3.20 -8.78 10.12
CA HIS A 71 -3.16 -8.04 11.38
C HIS A 71 -2.30 -8.76 12.41
N ASN A 72 -1.52 -8.00 13.16
CA ASN A 72 -0.65 -8.56 14.18
C ASN A 72 -1.17 -8.24 15.58
N SER A 73 -0.77 -9.05 16.56
CA SER A 73 -1.20 -8.86 17.94
C SER A 73 -0.05 -8.33 18.79
N ALA A 74 1.17 -8.60 18.34
CA ALA A 74 2.35 -8.15 19.07
C ALA A 74 2.90 -6.85 18.49
N SER A 75 3.36 -6.90 17.25
CA SER A 75 3.91 -5.73 16.58
C SER A 75 2.82 -4.69 16.33
N ASN A 76 1.57 -5.11 16.47
CA ASN A 76 0.43 -4.21 16.26
C ASN A 76 0.54 -3.50 14.92
N VAL A 77 0.90 -4.25 13.89
CA VAL A 77 1.05 -3.69 12.55
C VAL A 77 0.15 -4.41 11.55
N TYR A 78 -0.37 -3.66 10.58
CA TYR A 78 -1.25 -4.23 9.57
C TYR A 78 -0.54 -4.30 8.21
N THR A 79 -0.23 -5.53 7.79
CA THR A 79 0.44 -5.75 6.52
C THR A 79 -0.56 -5.90 5.37
N VAL A 80 -0.66 -4.88 4.54
CA VAL A 80 -1.57 -4.91 3.40
C VAL A 80 -0.82 -4.93 2.08
N GLU A 81 -1.16 -5.89 1.23
CA GLU A 81 -0.51 -6.02 -0.07
C GLU A 81 -1.54 -5.95 -1.20
N LEU A 82 -1.11 -5.44 -2.35
CA LEU A 82 -1.99 -5.32 -3.50
C LEU A 82 -1.42 -6.05 -4.71
N HIS A 83 -2.07 -7.13 -5.11
CA HIS A 83 -1.62 -7.91 -6.26
C HIS A 83 -2.50 -7.66 -7.48
N ILE A 84 -1.87 -7.52 -8.64
CA ILE A 84 -2.59 -7.27 -9.88
C ILE A 84 -2.13 -8.21 -10.99
N GLY A 85 -2.99 -9.16 -11.35
CA GLY A 85 -2.66 -10.11 -12.39
C GLY A 85 -2.97 -9.58 -13.78
N LYS A 86 -2.27 -10.10 -14.77
CA LYS A 86 -2.48 -9.67 -16.16
C LYS A 86 -2.40 -8.16 -16.28
N VAL A 87 -1.29 -7.59 -15.79
CA VAL A 87 -1.09 -6.15 -15.85
C VAL A 87 -0.90 -5.68 -17.28
N VAL A 88 -1.55 -4.57 -17.64
CA VAL A 88 -1.45 -4.01 -18.97
C VAL A 88 -1.05 -2.54 -18.94
N LEU A 89 -0.67 -2.00 -20.08
CA LEU A 89 -0.27 -0.60 -20.18
C LEU A 89 -1.36 0.31 -19.65
N GLY A 90 -2.62 -0.08 -19.87
CA GLY A 90 -3.73 0.72 -19.41
C GLY A 90 -3.87 0.71 -17.89
N ASP A 91 -3.08 -0.13 -17.24
CA ASP A 91 -3.12 -0.24 -15.79
C ASP A 91 -2.05 0.66 -15.15
N ARG A 92 -0.90 0.76 -15.80
CA ARG A 92 0.20 1.58 -15.30
C ARG A 92 -0.27 3.00 -15.04
N GLY A 93 0.11 3.54 -13.88
CA GLY A 93 -0.28 4.90 -13.53
C GLY A 93 0.14 5.26 -12.12
N TYR A 94 -0.80 5.80 -11.35
CA TYR A 94 -0.53 6.20 -9.97
C TYR A 94 -1.60 5.68 -9.02
N TYR A 95 -1.17 5.19 -7.87
CA TYR A 95 -2.10 4.66 -6.87
C TYR A 95 -2.04 5.47 -5.58
N ARG A 96 -3.14 5.45 -4.83
CA ARG A 96 -3.22 6.20 -3.58
C ARG A 96 -3.83 5.34 -2.48
N LEU A 97 -3.25 5.40 -1.29
CA LEU A 97 -3.73 4.63 -0.15
C LEU A 97 -4.17 5.55 0.99
N GLU A 98 -5.41 5.39 1.43
CA GLU A 98 -5.95 6.21 2.52
C GLU A 98 -6.03 5.41 3.81
N VAL A 99 -5.66 6.04 4.93
CA VAL A 99 -5.71 5.38 6.23
C VAL A 99 -6.14 6.35 7.32
N LYS A 100 -7.35 6.14 7.84
CA LYS A 100 -7.88 6.99 8.89
C LYS A 100 -8.67 6.17 9.92
N ALA A 101 -8.34 6.37 11.19
CA ALA A 101 -9.02 5.65 12.27
C ALA A 101 -10.08 6.52 12.94
N LYS A 102 -9.63 7.47 13.75
CA LYS A 102 -10.53 8.37 14.45
C LYS A 102 -10.17 9.82 14.17
N ASP A 103 -9.09 10.30 14.78
CA ASP A 103 -8.64 11.67 14.59
C ASP A 103 -7.37 11.72 13.75
N THR A 104 -6.69 10.57 13.64
CA THR A 104 -5.45 10.48 12.88
C THR A 104 -5.74 10.22 11.41
N CYS A 105 -5.14 11.03 10.54
CA CYS A 105 -5.33 10.88 9.10
C CYS A 105 -3.98 10.79 8.38
N ASP A 106 -3.74 9.66 7.73
CA ASP A 106 -2.49 9.45 7.01
C ASP A 106 -2.74 8.67 5.72
N SER A 107 -2.07 9.07 4.65
CA SER A 107 -2.22 8.41 3.36
C SER A 107 -0.89 8.37 2.61
N CYS A 108 -0.69 7.30 1.84
CA CYS A 108 0.54 7.13 1.08
C CYS A 108 0.26 6.49 -0.27
N GLY A 109 0.69 7.14 -1.35
CA GLY A 109 0.47 6.62 -2.68
C GLY A 109 1.74 6.08 -3.31
N PHE A 110 1.61 5.47 -4.48
CA PHE A 110 2.75 4.91 -5.18
C PHE A 110 2.58 5.02 -6.70
N ASN A 111 3.54 4.49 -7.44
CA ASN A 111 3.49 4.52 -8.90
C ASN A 111 3.95 3.20 -9.50
N ILE A 112 3.18 2.70 -10.45
CA ILE A 112 3.52 1.44 -11.11
C ILE A 112 3.82 1.65 -12.59
N ASP A 113 4.69 0.80 -13.13
CA ASP A 113 5.06 0.89 -14.54
C ASP A 113 4.89 -0.45 -15.24
N VAL A 114 4.15 -0.46 -16.34
CA VAL A 114 3.92 -1.68 -17.10
C VAL A 114 4.67 -1.67 -18.42
N GLU A 115 5.85 -2.28 -18.41
CA GLU A 115 6.69 -2.34 -19.61
C GLU A 115 6.25 -3.48 -20.53
N ALA A 116 5.99 -3.16 -21.79
CA ALA A 116 5.57 -4.15 -22.75
C ALA A 116 6.72 -5.07 -23.14
N PRO A 117 6.38 -6.31 -23.55
CA PRO A 117 7.38 -7.30 -23.95
C PRO A 117 8.05 -6.95 -25.27
N ARG A 118 9.03 -7.77 -25.67
CA ARG A 118 9.77 -7.54 -26.91
C ARG A 118 8.81 -7.23 -28.06
#